data_2HZM
#
_entry.id   2HZM
#
_cell.length_a   72.903
_cell.length_b   129.352
_cell.length_c   241.725
_cell.angle_alpha   90.00
_cell.angle_beta   90.00
_cell.angle_gamma   90.00
#
_symmetry.space_group_name_H-M   'P 21 21 21'
#
loop_
_entity.id
_entity.type
_entity.pdbx_description
1 polymer 'RNA polymerase II mediator complex subunit 20'
2 polymer 'RNA polymerase II mediator complex subunit 18'
3 non-polymer 'PHOSPHATE ION'
4 water water
#
loop_
_entity_poly.entity_id
_entity_poly.type
_entity_poly.pdbx_seq_one_letter_code
_entity_poly.pdbx_strand_id
1 'polypeptide(L)'
;ASMGKSAVIFVERATPATLTELKDALSNSILSVRDPWSIDFRTYRCSIKNLPADVSKLMYSITFHHHGRQTVLIKDNSAM
VTTAAAADIPPALVFNGSSTGVPESIDTILSSKLSNIWMQRQLIKGDAGETLILDGLTVRLVNLFSSTGFKGLLIELQAD
EAGEFETKIAGIEGHLAEIRAKEYKTSSDSLGPDTSNEICDLAYQYVRALEL
;
A,C,E,G
2 'polypeptide(L)'
;VQQLSLFGSIGDDGYDLLISTLTTISGNPPLLYNSLCTVWKPNPSYDVENVNSRNQLVEPNRIKLSKEVPFSYLIDETMM
DKPLNFRILKSFTNDKIPLNYAMTRNILHNTVPQVTNFNSTNEDQNNSKHTEDTVNESRNSDDIIDVDMDASPAPSNESC
SPWSLQISDIPAAGNNRSVSMQTIAETIILSSAGKNSSVSSLMNGLGYVFEFQYLTIGVKFFMKHGLILELQKIWQIEEA
GNSQITSGGFLLKAYINVSRGTDIDRINYTETVLMNLKKELQGYIELSVPDRQSMDSRVAHGNILIAAALEHHHHHH
;
B,D,F,H
#
# COMPACT_ATOMS: atom_id res chain seq x y z
N GLY A 4 16.37 -1.61 -33.80
CA GLY A 4 16.81 -3.06 -33.90
C GLY A 4 18.09 -3.33 -33.12
N LYS A 5 17.99 -4.02 -31.99
CA LYS A 5 19.15 -4.32 -31.17
C LYS A 5 19.44 -5.80 -30.96
N SER A 6 18.71 -6.66 -31.64
CA SER A 6 18.94 -8.08 -31.43
C SER A 6 18.77 -8.94 -32.68
N ALA A 7 19.22 -10.18 -32.59
CA ALA A 7 19.09 -11.10 -33.69
C ALA A 7 19.38 -12.51 -33.23
N VAL A 8 18.78 -13.47 -33.90
CA VAL A 8 19.02 -14.86 -33.57
C VAL A 8 19.56 -15.52 -34.82
N ILE A 9 20.58 -16.33 -34.63
CA ILE A 9 21.19 -17.07 -35.73
C ILE A 9 21.05 -18.53 -35.41
N PHE A 10 20.51 -19.29 -36.35
CA PHE A 10 20.38 -20.73 -36.11
C PHE A 10 21.29 -21.44 -37.08
N VAL A 11 22.18 -22.30 -36.57
CA VAL A 11 23.13 -23.06 -37.40
C VAL A 11 22.73 -24.53 -37.45
N GLU A 12 22.06 -24.94 -38.52
CA GLU A 12 21.62 -26.32 -38.69
C GLU A 12 22.78 -27.26 -39.05
N ARG A 13 23.66 -26.85 -39.95
CA ARG A 13 24.77 -27.72 -40.34
C ARG A 13 25.84 -27.57 -39.28
N ALA A 14 25.67 -28.30 -38.19
CA ALA A 14 26.60 -28.20 -37.09
C ALA A 14 26.56 -29.46 -36.25
N THR A 15 27.45 -29.54 -35.27
CA THR A 15 27.53 -30.67 -34.34
C THR A 15 27.46 -30.07 -32.94
N PRO A 16 27.26 -30.91 -31.93
CA PRO A 16 27.20 -30.28 -30.60
C PRO A 16 28.44 -29.42 -30.33
N ALA A 17 29.57 -29.77 -30.95
CA ALA A 17 30.84 -29.07 -30.73
C ALA A 17 30.98 -27.68 -31.35
N THR A 18 30.20 -27.38 -32.38
CA THR A 18 30.30 -26.06 -33.00
C THR A 18 30.17 -24.93 -31.96
N LEU A 19 29.39 -25.18 -30.89
CA LEU A 19 29.19 -24.17 -29.87
C LEU A 19 30.53 -23.79 -29.21
N THR A 20 31.26 -24.81 -28.78
CA THR A 20 32.55 -24.64 -28.17
C THR A 20 33.56 -24.03 -29.15
N GLU A 21 33.48 -24.41 -30.42
CA GLU A 21 34.39 -23.85 -31.43
C GLU A 21 34.10 -22.36 -31.58
N LEU A 22 32.82 -21.98 -31.52
CA LEU A 22 32.47 -20.57 -31.65
C LEU A 22 32.91 -19.78 -30.41
N LYS A 23 32.73 -20.38 -29.22
CA LYS A 23 33.13 -19.70 -28.01
C LYS A 23 34.63 -19.47 -27.98
N ASP A 24 35.38 -20.44 -28.49
CA ASP A 24 36.85 -20.38 -28.52
C ASP A 24 37.30 -19.26 -29.44
N ALA A 25 36.70 -19.20 -30.62
CA ALA A 25 37.03 -18.19 -31.60
C ALA A 25 36.68 -16.78 -31.11
N LEU A 26 35.88 -16.74 -30.07
CA LEU A 26 35.40 -15.50 -29.51
C LEU A 26 36.10 -15.15 -28.22
N SER A 27 36.68 -16.15 -27.59
CA SER A 27 37.26 -15.99 -26.27
C SER A 27 38.22 -14.86 -25.98
N ASN A 28 39.02 -14.44 -26.96
CA ASN A 28 39.97 -13.38 -26.70
C ASN A 28 39.24 -12.07 -26.38
N SER A 29 37.99 -11.95 -26.86
CA SER A 29 37.15 -10.77 -26.65
C SER A 29 36.19 -10.90 -25.46
N ILE A 30 36.22 -12.02 -24.75
CA ILE A 30 35.32 -12.21 -23.62
C ILE A 30 35.63 -11.34 -22.41
N LEU A 31 34.73 -10.42 -22.11
CA LEU A 31 34.92 -9.54 -20.96
C LEU A 31 34.45 -10.24 -19.71
N SER A 32 33.37 -10.99 -19.87
CA SER A 32 32.78 -11.68 -18.74
C SER A 32 31.90 -12.85 -19.17
N VAL A 33 31.75 -13.82 -18.29
CA VAL A 33 30.92 -14.98 -18.53
C VAL A 33 29.82 -15.03 -17.44
N ARG A 34 28.55 -15.05 -17.85
CA ARG A 34 27.46 -15.10 -16.86
C ARG A 34 26.86 -16.48 -16.63
N ASP A 35 25.63 -16.51 -16.12
CA ASP A 35 24.99 -17.78 -15.77
C ASP A 35 24.27 -18.59 -16.81
N PRO A 36 24.34 -19.93 -16.68
CA PRO A 36 23.69 -20.85 -17.60
C PRO A 36 22.23 -20.43 -17.71
N TRP A 37 21.62 -20.69 -18.86
CA TRP A 37 20.22 -20.37 -19.08
C TRP A 37 19.66 -21.47 -19.95
N SER A 38 18.36 -21.46 -20.17
CA SER A 38 17.75 -22.46 -21.03
C SER A 38 16.55 -21.84 -21.73
N ILE A 39 15.98 -22.60 -22.67
CA ILE A 39 14.87 -22.09 -23.43
C ILE A 39 14.01 -23.26 -23.94
N ASP A 40 12.70 -23.04 -24.04
CA ASP A 40 11.76 -24.06 -24.51
C ASP A 40 10.93 -23.50 -25.66
N PHE A 41 10.86 -24.26 -26.76
CA PHE A 41 10.08 -23.86 -27.92
C PHE A 41 8.92 -24.87 -28.08
N ARG A 42 7.71 -24.40 -27.83
CA ARG A 42 6.53 -25.23 -27.93
C ARG A 42 5.72 -24.82 -29.15
N THR A 43 5.17 -25.80 -29.85
CA THR A 43 4.32 -25.54 -30.98
C THR A 43 2.96 -26.12 -30.63
N TYR A 44 1.91 -25.31 -30.77
CA TYR A 44 0.53 -25.71 -30.49
C TYR A 44 -0.30 -25.67 -31.76
N ARG A 45 -1.17 -26.67 -31.94
CA ARG A 45 -2.05 -26.73 -33.10
C ARG A 45 -3.49 -26.58 -32.61
N CYS A 46 -4.25 -25.71 -33.26
CA CYS A 46 -5.65 -25.47 -32.90
C CYS A 46 -6.54 -26.58 -33.45
N SER A 47 -7.47 -27.07 -32.63
CA SER A 47 -8.41 -28.14 -33.01
C SER A 47 -9.62 -27.64 -33.80
N ILE A 48 -9.98 -26.38 -33.61
CA ILE A 48 -11.13 -25.79 -34.29
C ILE A 48 -11.12 -26.09 -35.79
N LYS A 49 -12.30 -26.41 -36.33
CA LYS A 49 -12.44 -26.72 -37.75
C LYS A 49 -12.47 -25.47 -38.62
N ASN A 50 -11.28 -25.03 -39.02
CA ASN A 50 -11.10 -23.84 -39.87
C ASN A 50 -11.96 -22.65 -39.44
N LEU A 51 -11.84 -21.56 -40.19
CA LEU A 51 -12.58 -20.33 -39.94
C LEU A 51 -11.83 -19.14 -40.54
N SER A 56 -4.32 -19.14 -39.35
CA SER A 56 -3.29 -20.06 -38.85
C SER A 56 -3.78 -20.83 -37.64
N LYS A 57 -3.57 -22.14 -37.67
CA LYS A 57 -3.97 -22.96 -36.53
C LYS A 57 -2.75 -23.34 -35.68
N LEU A 58 -1.65 -22.63 -35.91
CA LEU A 58 -0.43 -22.89 -35.16
C LEU A 58 -0.07 -21.72 -34.26
N MET A 59 0.33 -22.02 -33.02
CA MET A 59 0.72 -20.97 -32.10
C MET A 59 2.04 -21.43 -31.48
N TYR A 60 2.99 -20.50 -31.34
CA TYR A 60 4.28 -20.84 -30.77
C TYR A 60 4.43 -20.25 -29.39
N SER A 61 5.09 -21.00 -28.52
CA SER A 61 5.29 -20.56 -27.14
C SER A 61 6.77 -20.71 -26.75
N ILE A 62 7.43 -19.57 -26.54
CA ILE A 62 8.86 -19.53 -26.16
C ILE A 62 9.04 -19.18 -24.68
N THR A 63 9.60 -20.12 -23.93
CA THR A 63 9.86 -19.90 -22.52
C THR A 63 11.36 -19.71 -22.35
N PHE A 64 11.74 -18.56 -21.82
CA PHE A 64 13.11 -18.16 -21.55
C PHE A 64 13.37 -18.37 -20.09
N HIS A 65 14.46 -19.05 -19.75
CA HIS A 65 14.83 -19.29 -18.36
C HIS A 65 16.05 -18.43 -18.06
N HIS A 66 15.82 -17.30 -17.38
CA HIS A 66 16.90 -16.38 -16.99
C HIS A 66 16.55 -15.85 -15.59
N HIS A 67 17.09 -16.47 -14.55
CA HIS A 67 16.76 -16.03 -13.19
C HIS A 67 15.23 -16.00 -13.12
N GLY A 68 14.59 -17.10 -13.52
CA GLY A 68 13.13 -17.15 -13.54
C GLY A 68 12.66 -17.35 -14.98
N ARG A 69 11.37 -17.62 -15.16
CA ARG A 69 10.84 -17.86 -16.49
C ARG A 69 9.87 -16.82 -17.05
N GLN A 70 9.89 -16.65 -18.36
CA GLN A 70 8.96 -15.76 -19.05
C GLN A 70 8.60 -16.50 -20.33
N THR A 71 7.33 -16.42 -20.72
CA THR A 71 6.87 -17.10 -21.90
C THR A 71 6.14 -16.16 -22.80
N VAL A 72 6.57 -16.12 -24.07
CA VAL A 72 5.94 -15.28 -25.06
C VAL A 72 5.17 -16.18 -26.02
N LEU A 73 3.94 -15.79 -26.34
CA LEU A 73 3.10 -16.55 -27.26
C LEU A 73 3.15 -15.79 -28.57
N ILE A 74 3.40 -16.51 -29.67
CA ILE A 74 3.47 -15.90 -30.98
C ILE A 74 2.48 -16.54 -31.93
N LYS A 75 1.59 -15.71 -32.48
CA LYS A 75 0.60 -16.19 -33.42
C LYS A 75 0.22 -15.05 -34.35
N ASP A 76 0.15 -15.34 -35.64
CA ASP A 76 -0.22 -14.36 -36.67
C ASP A 76 0.46 -13.00 -36.53
N ASN A 77 1.78 -13.01 -36.42
CA ASN A 77 2.55 -11.78 -36.28
C ASN A 77 2.15 -10.92 -35.08
N SER A 78 1.78 -11.60 -33.99
CA SER A 78 1.41 -10.93 -32.75
C SER A 78 2.05 -11.69 -31.60
N ALA A 79 2.31 -10.99 -30.50
CA ALA A 79 2.93 -11.61 -29.34
C ALA A 79 2.31 -11.11 -28.05
N MET A 80 2.32 -11.99 -27.06
CA MET A 80 1.78 -11.68 -25.75
C MET A 80 2.87 -12.16 -24.79
N VAL A 81 3.31 -11.28 -23.91
CA VAL A 81 4.33 -11.67 -22.94
C VAL A 81 3.63 -12.04 -21.63
N THR A 82 4.01 -13.19 -21.06
CA THR A 82 3.41 -13.68 -19.81
C THR A 82 4.48 -14.19 -18.88
N THR A 83 4.13 -14.33 -17.60
CA THR A 83 5.08 -14.82 -16.61
C THR A 83 4.42 -15.42 -15.39
N ALA A 84 5.16 -16.28 -14.70
CA ALA A 84 4.71 -16.88 -13.45
C ALA A 84 5.82 -16.62 -12.44
N ALA A 85 6.79 -15.78 -12.81
CA ALA A 85 7.91 -15.47 -11.94
C ALA A 85 7.54 -14.36 -10.96
N ALA A 86 7.83 -14.62 -9.69
CA ALA A 86 7.57 -13.69 -8.59
C ALA A 86 8.08 -12.27 -8.81
N ALA A 87 9.30 -12.10 -9.30
CA ALA A 87 9.87 -10.77 -9.50
C ALA A 87 9.23 -9.96 -10.63
N ASP A 88 8.39 -10.60 -11.43
CA ASP A 88 7.79 -9.89 -12.55
C ASP A 88 6.38 -9.43 -12.30
N ILE A 89 5.77 -9.90 -11.22
CA ILE A 89 4.39 -9.53 -10.93
C ILE A 89 4.26 -8.10 -10.44
N PRO A 90 3.48 -7.25 -11.14
CA PRO A 90 3.31 -5.86 -10.68
C PRO A 90 2.72 -5.89 -9.27
N PRO A 91 3.38 -5.26 -8.30
CA PRO A 91 2.89 -5.25 -6.91
C PRO A 91 1.45 -4.73 -6.77
N ALA A 92 1.04 -3.84 -7.66
CA ALA A 92 -0.29 -3.27 -7.59
C ALA A 92 -1.35 -4.34 -7.83
N LEU A 93 -1.03 -5.27 -8.73
CA LEU A 93 -1.93 -6.36 -9.11
C LEU A 93 -2.21 -7.29 -7.95
N VAL A 94 -1.21 -7.47 -7.10
CA VAL A 94 -1.35 -8.34 -5.95
C VAL A 94 -2.12 -7.63 -4.84
N PHE A 95 -1.76 -6.37 -4.56
CA PHE A 95 -2.45 -5.63 -3.51
C PHE A 95 -3.97 -5.54 -3.73
N ASN A 96 -4.39 -5.24 -4.95
CA ASN A 96 -5.81 -5.08 -5.27
C ASN A 96 -6.56 -6.38 -5.47
N GLY A 97 -5.85 -7.51 -5.43
CA GLY A 97 -6.52 -8.78 -5.61
C GLY A 97 -6.78 -9.27 -7.03
N SER A 98 -6.27 -8.56 -8.03
CA SER A 98 -6.44 -8.99 -9.41
C SER A 98 -5.70 -10.31 -9.55
N SER A 99 -4.54 -10.39 -8.91
CA SER A 99 -3.72 -11.59 -8.91
C SER A 99 -3.70 -12.22 -7.52
N THR A 100 -3.61 -13.54 -7.49
CA THR A 100 -3.55 -14.27 -6.22
C THR A 100 -2.12 -14.14 -5.75
N GLY A 101 -1.25 -13.73 -6.65
CA GLY A 101 0.16 -13.62 -6.32
C GLY A 101 0.81 -14.98 -6.48
N VAL A 102 0.05 -15.97 -6.95
CA VAL A 102 0.56 -17.32 -7.13
C VAL A 102 0.26 -17.84 -8.52
N PRO A 103 0.89 -17.25 -9.53
CA PRO A 103 0.70 -17.66 -10.92
C PRO A 103 1.48 -18.91 -11.33
N GLU A 104 1.08 -19.44 -12.48
CA GLU A 104 1.73 -20.59 -13.09
C GLU A 104 1.96 -20.20 -14.55
N SER A 105 2.64 -21.08 -15.28
CA SER A 105 2.95 -20.86 -16.68
C SER A 105 1.71 -20.83 -17.60
N ILE A 106 1.76 -19.99 -18.63
CA ILE A 106 0.66 -19.93 -19.57
C ILE A 106 0.56 -21.32 -20.29
N ASP A 107 1.67 -22.06 -20.35
CA ASP A 107 1.65 -23.39 -20.98
C ASP A 107 0.92 -24.39 -20.12
N THR A 108 1.03 -24.26 -18.81
CA THR A 108 0.31 -25.14 -17.90
C THR A 108 -1.18 -24.81 -18.10
N ILE A 109 -1.49 -23.52 -18.18
CA ILE A 109 -2.85 -23.06 -18.38
C ILE A 109 -3.41 -23.61 -19.70
N LEU A 110 -2.65 -23.42 -20.77
CA LEU A 110 -3.06 -23.87 -22.09
C LEU A 110 -3.30 -25.38 -22.14
N SER A 111 -2.37 -26.14 -21.59
CA SER A 111 -2.51 -27.58 -21.63
C SER A 111 -3.57 -28.17 -20.69
N SER A 112 -3.89 -27.50 -19.59
CA SER A 112 -4.88 -28.05 -18.67
C SER A 112 -6.28 -27.44 -18.75
N LYS A 113 -6.39 -26.22 -19.25
CA LYS A 113 -7.69 -25.57 -19.34
C LYS A 113 -8.19 -25.33 -20.75
N LEU A 114 -7.26 -25.29 -21.72
CA LEU A 114 -7.62 -25.04 -23.11
C LEU A 114 -7.22 -26.13 -24.10
N SER A 115 -6.96 -27.34 -23.60
CA SER A 115 -6.55 -28.46 -24.44
C SER A 115 -7.63 -28.88 -25.43
N ASN A 116 -8.84 -28.33 -25.26
CA ASN A 116 -9.94 -28.60 -26.15
C ASN A 116 -9.80 -27.71 -27.37
N ILE A 117 -8.93 -26.70 -27.27
CA ILE A 117 -8.73 -25.75 -28.37
C ILE A 117 -7.31 -25.84 -28.88
N TRP A 118 -6.37 -25.98 -27.95
CA TRP A 118 -4.98 -26.00 -28.31
C TRP A 118 -4.31 -27.27 -27.84
N MET A 119 -3.58 -27.91 -28.75
CA MET A 119 -2.86 -29.14 -28.41
C MET A 119 -1.35 -28.95 -28.62
N GLN A 120 -0.57 -29.25 -27.60
CA GLN A 120 0.88 -29.14 -27.74
C GLN A 120 1.29 -30.32 -28.63
N ARG A 121 2.00 -30.02 -29.70
CA ARG A 121 2.43 -31.06 -30.62
C ARG A 121 3.93 -31.20 -30.71
N GLN A 122 4.66 -30.20 -30.24
CA GLN A 122 6.12 -30.26 -30.28
C GLN A 122 6.79 -29.44 -29.18
N LEU A 123 7.85 -29.98 -28.62
CA LEU A 123 8.60 -29.23 -27.61
C LEU A 123 10.09 -29.46 -27.86
N ILE A 124 10.79 -28.42 -28.30
CA ILE A 124 12.23 -28.53 -28.50
C ILE A 124 12.94 -27.66 -27.46
N LYS A 125 14.06 -28.17 -26.95
CA LYS A 125 14.79 -27.50 -25.88
C LYS A 125 16.27 -27.17 -26.09
N GLY A 126 16.70 -26.16 -25.34
CA GLY A 126 18.08 -25.74 -25.32
C GLY A 126 18.39 -25.64 -23.84
N ASP A 127 19.28 -26.47 -23.34
CA ASP A 127 19.66 -26.43 -21.93
C ASP A 127 21.15 -26.12 -21.79
N ALA A 128 21.54 -25.69 -20.60
CA ALA A 128 22.94 -25.39 -20.36
C ALA A 128 23.46 -24.35 -21.38
N GLY A 129 22.63 -23.38 -21.73
CA GLY A 129 23.10 -22.36 -22.64
C GLY A 129 24.17 -21.56 -21.90
N GLU A 130 25.02 -20.89 -22.67
CA GLU A 130 26.08 -20.07 -22.10
C GLU A 130 25.85 -18.61 -22.48
N THR A 131 26.37 -17.70 -21.65
CA THR A 131 26.22 -16.27 -21.89
C THR A 131 27.57 -15.54 -21.82
N LEU A 132 27.96 -14.98 -22.95
CA LEU A 132 29.25 -14.32 -23.05
C LEU A 132 29.05 -12.82 -23.17
N ILE A 133 29.70 -12.05 -22.30
CA ILE A 133 29.59 -10.62 -22.37
C ILE A 133 30.80 -10.06 -23.15
N LEU A 134 30.55 -9.44 -24.29
CA LEU A 134 31.62 -8.83 -25.10
C LEU A 134 31.36 -7.32 -25.05
N ASP A 135 32.28 -6.54 -25.58
CA ASP A 135 32.12 -5.11 -25.59
C ASP A 135 30.90 -4.69 -26.40
N GLY A 136 29.94 -4.03 -25.75
CA GLY A 136 28.74 -3.59 -26.43
C GLY A 136 27.92 -4.73 -27.05
N LEU A 137 28.14 -5.94 -26.58
CA LEU A 137 27.43 -7.08 -27.15
C LEU A 137 27.28 -8.29 -26.20
N THR A 138 26.05 -8.76 -26.07
CA THR A 138 25.82 -9.95 -25.25
C THR A 138 25.58 -11.09 -26.24
N VAL A 139 26.28 -12.21 -26.07
CA VAL A 139 26.06 -13.33 -26.95
C VAL A 139 25.73 -14.56 -26.13
N ARG A 140 24.59 -15.17 -26.43
CA ARG A 140 24.17 -16.36 -25.73
C ARG A 140 24.22 -17.50 -26.73
N LEU A 141 24.73 -18.63 -26.27
CA LEU A 141 24.86 -19.80 -27.11
C LEU A 141 24.16 -20.97 -26.43
N VAL A 142 23.44 -21.76 -27.22
CA VAL A 142 22.79 -22.94 -26.67
C VAL A 142 22.56 -23.98 -27.76
N ASN A 143 22.79 -25.23 -27.40
CA ASN A 143 22.56 -26.31 -28.36
C ASN A 143 21.07 -26.71 -28.26
N LEU A 144 20.43 -26.74 -29.42
CA LEU A 144 19.02 -27.10 -29.55
C LEU A 144 18.85 -28.61 -29.70
N PHE A 145 17.92 -29.19 -28.92
CA PHE A 145 17.65 -30.63 -28.99
C PHE A 145 16.16 -30.93 -29.17
N SER A 146 15.86 -31.98 -29.95
CA SER A 146 14.47 -32.38 -30.15
C SER A 146 14.29 -33.80 -29.67
N SER A 147 13.15 -34.40 -29.96
CA SER A 147 12.90 -35.79 -29.54
C SER A 147 13.96 -36.70 -30.17
N THR A 148 14.30 -36.44 -31.43
CA THR A 148 15.31 -37.23 -32.13
C THR A 148 16.77 -36.74 -31.93
N GLY A 149 17.02 -35.89 -30.94
CA GLY A 149 18.38 -35.45 -30.69
C GLY A 149 18.80 -34.04 -31.13
N PHE A 150 20.12 -33.81 -31.13
CA PHE A 150 20.71 -32.51 -31.49
C PHE A 150 20.16 -32.02 -32.81
N LYS A 151 19.76 -30.75 -32.82
CA LYS A 151 19.15 -30.13 -34.00
C LYS A 151 19.97 -28.99 -34.62
N GLY A 152 20.86 -28.38 -33.83
CA GLY A 152 21.66 -27.28 -34.34
C GLY A 152 22.09 -26.30 -33.27
N LEU A 153 22.89 -25.31 -33.65
CA LEU A 153 23.34 -24.32 -32.69
C LEU A 153 22.52 -23.04 -32.80
N LEU A 154 22.15 -22.48 -31.65
CA LEU A 154 21.39 -21.23 -31.61
C LEU A 154 22.29 -20.16 -30.97
N ILE A 155 22.32 -19.00 -31.61
CA ILE A 155 23.11 -17.87 -31.18
C ILE A 155 22.15 -16.69 -31.04
N GLU A 156 22.16 -16.07 -29.86
CA GLU A 156 21.29 -14.93 -29.62
C GLU A 156 22.15 -13.71 -29.37
N LEU A 157 21.98 -12.68 -30.18
CA LEU A 157 22.74 -11.45 -30.02
C LEU A 157 21.90 -10.25 -29.57
N GLN A 158 22.43 -9.55 -28.58
CA GLN A 158 21.77 -8.36 -28.04
C GLN A 158 22.84 -7.26 -27.89
N ALA A 159 22.66 -6.20 -28.65
CA ALA A 159 23.60 -5.09 -28.62
C ALA A 159 23.04 -3.98 -27.77
N ASP A 160 23.93 -3.31 -27.04
CA ASP A 160 23.52 -2.19 -26.20
C ASP A 160 23.00 -1.06 -27.11
N GLU A 161 23.72 -0.78 -28.17
CA GLU A 161 23.35 0.28 -29.11
C GLU A 161 22.90 -0.26 -30.48
N ALA A 162 21.70 0.13 -30.88
CA ALA A 162 21.16 -0.29 -32.17
C ALA A 162 22.03 0.21 -33.32
N GLY A 163 22.68 1.35 -33.10
CA GLY A 163 23.51 1.93 -34.14
C GLY A 163 24.75 1.13 -34.46
N GLU A 164 25.18 0.30 -33.52
CA GLU A 164 26.38 -0.51 -33.73
C GLU A 164 26.02 -1.96 -34.09
N PHE A 165 24.73 -2.26 -34.11
CA PHE A 165 24.29 -3.63 -34.36
C PHE A 165 24.77 -4.33 -35.63
N GLU A 166 24.63 -3.67 -36.77
CA GLU A 166 25.06 -4.29 -38.01
C GLU A 166 26.51 -4.72 -37.91
N THR A 167 27.31 -3.89 -37.25
CA THR A 167 28.74 -4.16 -37.04
C THR A 167 28.95 -5.36 -36.14
N LYS A 168 28.11 -5.48 -35.11
CA LYS A 168 28.22 -6.60 -34.17
C LYS A 168 27.82 -7.92 -34.83
N ILE A 169 26.76 -7.89 -35.64
CA ILE A 169 26.30 -9.09 -36.30
C ILE A 169 27.33 -9.55 -37.35
N ALA A 170 27.90 -8.62 -38.13
CA ALA A 170 28.90 -8.98 -39.15
C ALA A 170 30.12 -9.61 -38.47
N GLY A 171 30.54 -9.05 -37.34
CA GLY A 171 31.66 -9.64 -36.63
C GLY A 171 31.39 -11.11 -36.29
N ILE A 172 30.21 -11.42 -35.76
CA ILE A 172 29.90 -12.78 -35.39
C ILE A 172 29.86 -13.67 -36.63
N GLU A 173 29.22 -13.17 -37.68
CA GLU A 173 29.16 -13.90 -38.93
C GLU A 173 30.59 -14.20 -39.42
N GLY A 174 31.51 -13.26 -39.17
CA GLY A 174 32.88 -13.48 -39.59
C GLY A 174 33.45 -14.68 -38.84
N HIS A 175 33.23 -14.72 -37.52
CA HIS A 175 33.74 -15.83 -36.72
C HIS A 175 33.10 -17.16 -37.14
N LEU A 176 31.93 -17.07 -37.75
CA LEU A 176 31.23 -18.25 -38.21
C LEU A 176 31.95 -18.81 -39.43
N ALA A 177 32.38 -17.93 -40.33
CA ALA A 177 33.10 -18.36 -41.53
C ALA A 177 34.44 -18.98 -41.14
N GLU A 178 35.07 -18.45 -40.08
CA GLU A 178 36.36 -18.99 -39.69
C GLU A 178 36.30 -20.36 -39.02
N ILE A 179 35.14 -20.74 -38.47
CA ILE A 179 35.06 -22.06 -37.85
C ILE A 179 34.39 -23.04 -38.79
N ARG A 180 34.14 -22.60 -40.01
CA ARG A 180 33.51 -23.40 -41.06
C ARG A 180 32.01 -23.63 -40.92
N ALA A 181 31.31 -22.75 -40.21
CA ALA A 181 29.87 -22.87 -40.09
C ALA A 181 29.43 -22.10 -41.34
N LYS A 182 29.30 -22.83 -42.44
CA LYS A 182 28.95 -22.23 -43.72
C LYS A 182 27.48 -21.92 -43.98
N GLU A 183 26.57 -22.72 -43.42
CA GLU A 183 25.16 -22.47 -43.66
C GLU A 183 24.42 -22.21 -42.37
N TYR A 184 23.75 -21.07 -42.32
CA TYR A 184 23.00 -20.69 -41.15
C TYR A 184 21.92 -19.69 -41.53
N LYS A 185 20.94 -19.51 -40.66
CA LYS A 185 19.89 -18.55 -40.96
C LYS A 185 19.87 -17.46 -39.90
N THR A 186 19.77 -16.22 -40.36
CA THR A 186 19.77 -15.10 -39.46
C THR A 186 18.42 -14.41 -39.43
N SER A 187 17.98 -14.02 -38.25
CA SER A 187 16.74 -13.29 -38.18
C SER A 187 16.86 -12.09 -37.26
N SER A 188 16.65 -10.90 -37.81
CA SER A 188 16.68 -9.68 -37.00
C SER A 188 15.36 -8.98 -37.29
N ASP A 189 14.37 -9.77 -37.68
CA ASP A 189 13.03 -9.27 -37.98
C ASP A 189 12.32 -8.71 -36.76
N SER A 190 11.42 -7.77 -37.01
CA SER A 190 10.65 -7.21 -35.92
C SER A 190 9.23 -7.69 -36.12
N LEU A 191 8.53 -7.88 -35.01
CA LEU A 191 7.16 -8.36 -35.03
C LEU A 191 6.32 -7.33 -35.77
N GLY A 192 6.24 -6.15 -35.19
CA GLY A 192 5.50 -5.07 -35.82
C GLY A 192 6.48 -3.93 -35.95
N PRO A 193 6.66 -3.37 -37.16
CA PRO A 193 7.57 -2.25 -37.43
C PRO A 193 7.22 -1.00 -36.61
N ASP A 194 7.14 -1.22 -35.29
CA ASP A 194 6.84 -0.21 -34.29
C ASP A 194 7.88 -0.48 -33.20
N THR A 195 8.46 -1.69 -33.32
CA THR A 195 9.57 -2.22 -32.52
C THR A 195 9.75 -1.89 -31.02
N SER A 196 8.70 -1.61 -30.29
CA SER A 196 8.89 -1.28 -28.87
C SER A 196 9.24 -2.39 -27.87
N ASN A 197 8.77 -3.61 -28.12
CA ASN A 197 8.97 -4.73 -27.19
C ASN A 197 10.12 -5.68 -27.58
N GLU A 198 11.23 -5.58 -26.87
CA GLU A 198 12.41 -6.37 -27.18
C GLU A 198 12.18 -7.88 -27.01
N ILE A 199 11.65 -8.29 -25.87
CA ILE A 199 11.43 -9.71 -25.67
C ILE A 199 10.48 -10.30 -26.73
N CYS A 200 9.53 -9.51 -27.19
CA CYS A 200 8.63 -10.01 -28.22
C CYS A 200 9.35 -10.16 -29.55
N ASP A 201 10.23 -9.22 -29.90
CA ASP A 201 10.95 -9.31 -31.16
C ASP A 201 11.96 -10.45 -31.10
N LEU A 202 12.55 -10.63 -29.93
CA LEU A 202 13.53 -11.70 -29.73
C LEU A 202 12.86 -13.05 -29.96
N ALA A 203 11.73 -13.27 -29.28
CA ALA A 203 10.98 -14.51 -29.42
C ALA A 203 10.61 -14.70 -30.89
N TYR A 204 10.11 -13.64 -31.51
CA TYR A 204 9.75 -13.70 -32.91
C TYR A 204 10.97 -14.07 -33.75
N GLN A 205 12.12 -13.55 -33.36
CA GLN A 205 13.36 -13.87 -34.08
C GLN A 205 13.70 -15.35 -33.95
N TYR A 206 13.46 -15.95 -32.78
CA TYR A 206 13.71 -17.38 -32.62
C TYR A 206 12.79 -18.19 -33.55
N VAL A 207 11.53 -17.78 -33.63
CA VAL A 207 10.57 -18.44 -34.49
C VAL A 207 11.04 -18.37 -35.95
N ARG A 208 11.41 -17.17 -36.39
CA ARG A 208 11.88 -17.00 -37.75
C ARG A 208 13.18 -17.77 -38.01
N ALA A 209 14.15 -17.68 -37.10
CA ALA A 209 15.41 -18.39 -37.31
C ALA A 209 15.23 -19.89 -37.41
N LEU A 210 14.35 -20.45 -36.59
CA LEU A 210 14.10 -21.88 -36.56
C LEU A 210 13.05 -22.36 -37.54
N GLU A 211 12.38 -21.41 -38.22
CA GLU A 211 11.34 -21.77 -39.16
C GLU A 211 10.33 -22.72 -38.52
N LEU A 212 9.96 -22.45 -37.27
CA LEU A 212 8.99 -23.31 -36.58
C LEU A 212 7.66 -23.35 -37.33
N VAL B 1 -4.02 -21.89 -7.24
CA VAL B 1 -4.27 -21.78 -5.78
C VAL B 1 -5.68 -22.26 -5.41
N GLN B 2 -5.90 -22.49 -4.13
CA GLN B 2 -7.20 -22.94 -3.64
C GLN B 2 -7.79 -21.78 -2.83
N GLN B 3 -8.99 -21.34 -3.17
CA GLN B 3 -9.59 -20.22 -2.43
C GLN B 3 -10.82 -20.60 -1.63
N LEU B 4 -10.80 -20.35 -0.33
CA LEU B 4 -11.96 -20.63 0.52
C LEU B 4 -12.60 -19.28 0.89
N SER B 5 -13.89 -19.13 0.71
CA SER B 5 -14.50 -17.85 1.01
C SER B 5 -15.93 -17.85 1.52
N LEU B 6 -16.34 -16.68 2.01
CA LEU B 6 -17.68 -16.44 2.52
C LEU B 6 -18.12 -15.08 2.04
N PHE B 7 -19.42 -14.90 1.86
CA PHE B 7 -19.99 -13.64 1.38
C PHE B 7 -21.21 -13.18 2.18
N GLY B 8 -21.42 -11.87 2.19
CA GLY B 8 -22.54 -11.30 2.89
C GLY B 8 -22.63 -9.86 2.48
N SER B 9 -23.72 -9.19 2.86
CA SER B 9 -23.89 -7.80 2.51
C SER B 9 -24.57 -7.00 3.61
N ILE B 10 -24.49 -5.69 3.47
CA ILE B 10 -25.09 -4.75 4.42
C ILE B 10 -25.62 -3.58 3.62
N GLY B 11 -26.52 -2.82 4.24
CA GLY B 11 -27.06 -1.64 3.60
C GLY B 11 -26.05 -0.54 3.86
N ASP B 12 -26.16 0.54 3.12
CA ASP B 12 -25.26 1.68 3.30
C ASP B 12 -25.17 2.17 4.74
N ASP B 13 -26.30 2.11 5.47
CA ASP B 13 -26.35 2.58 6.86
C ASP B 13 -25.39 1.90 7.82
N GLY B 14 -25.09 0.63 7.58
CA GLY B 14 -24.19 -0.07 8.48
C GLY B 14 -22.73 -0.06 8.06
N TYR B 15 -22.42 0.60 6.95
CA TYR B 15 -21.04 0.66 6.44
C TYR B 15 -20.03 1.18 7.46
N ASP B 16 -20.30 2.36 8.02
CA ASP B 16 -19.39 2.95 9.00
C ASP B 16 -19.16 1.99 10.15
N LEU B 17 -20.24 1.37 10.60
CA LEU B 17 -20.19 0.43 11.71
C LEU B 17 -19.31 -0.77 11.37
N LEU B 18 -19.60 -1.41 10.24
CA LEU B 18 -18.82 -2.56 9.82
C LEU B 18 -17.34 -2.15 9.67
N ILE B 19 -17.11 -0.98 9.07
CA ILE B 19 -15.74 -0.48 8.90
C ILE B 19 -15.03 -0.39 10.23
N SER B 20 -15.70 0.21 11.22
CA SER B 20 -15.13 0.37 12.55
C SER B 20 -14.88 -0.98 13.21
N THR B 21 -15.87 -1.85 13.10
CA THR B 21 -15.76 -3.17 13.69
C THR B 21 -14.60 -3.98 13.08
N LEU B 22 -14.45 -3.94 11.76
CA LEU B 22 -13.36 -4.66 11.08
C LEU B 22 -12.01 -4.08 11.46
N THR B 23 -11.96 -2.78 11.70
CA THR B 23 -10.73 -2.12 12.11
C THR B 23 -10.35 -2.62 13.51
N THR B 24 -11.35 -2.83 14.35
CA THR B 24 -11.11 -3.31 15.69
C THR B 24 -10.70 -4.77 15.70
N ILE B 25 -11.41 -5.60 14.96
CA ILE B 25 -11.06 -7.01 14.92
C ILE B 25 -9.69 -7.30 14.32
N SER B 26 -9.37 -6.63 13.22
CA SER B 26 -8.08 -6.87 12.56
C SER B 26 -6.97 -6.04 13.16
N GLY B 27 -7.35 -4.92 13.78
CA GLY B 27 -6.38 -4.02 14.36
C GLY B 27 -5.76 -3.17 13.27
N ASN B 28 -6.23 -3.35 12.04
CA ASN B 28 -5.67 -2.60 10.92
C ASN B 28 -6.61 -1.68 10.18
N PRO B 29 -6.06 -0.72 9.43
CA PRO B 29 -6.89 0.24 8.68
C PRO B 29 -7.48 -0.34 7.41
N PRO B 30 -8.58 0.25 6.93
CA PRO B 30 -9.24 -0.21 5.71
C PRO B 30 -8.42 0.33 4.53
N LEU B 31 -7.99 -0.56 3.64
CA LEU B 31 -7.18 -0.14 2.50
C LEU B 31 -7.98 -0.13 1.21
N LEU B 32 -8.10 1.06 0.64
CA LEU B 32 -8.84 1.29 -0.59
C LEU B 32 -8.18 0.61 -1.81
N TYR B 33 -9.01 0.01 -2.65
CA TYR B 33 -8.52 -0.66 -3.84
C TYR B 33 -9.66 -0.77 -4.85
N ASN B 34 -9.32 -1.08 -6.09
CA ASN B 34 -10.34 -1.29 -7.12
C ASN B 34 -9.82 -2.29 -8.13
N SER B 35 -10.71 -2.88 -8.91
CA SER B 35 -10.28 -3.81 -9.93
C SER B 35 -11.29 -3.79 -11.06
N LEU B 36 -10.78 -3.90 -12.28
CA LEU B 36 -11.61 -3.93 -13.46
C LEU B 36 -11.43 -5.36 -14.00
N CYS B 37 -12.55 -6.02 -14.28
CA CYS B 37 -12.51 -7.39 -14.77
C CYS B 37 -13.33 -7.59 -16.03
N THR B 38 -12.78 -8.40 -16.93
CA THR B 38 -13.47 -8.73 -18.16
C THR B 38 -13.50 -10.24 -18.15
N VAL B 39 -14.64 -10.80 -18.54
CA VAL B 39 -14.82 -12.23 -18.57
C VAL B 39 -14.94 -12.62 -20.03
N TRP B 40 -14.34 -13.75 -20.38
CA TRP B 40 -14.34 -14.21 -21.77
C TRP B 40 -14.72 -15.67 -21.80
N LYS B 41 -15.29 -16.09 -22.92
CA LYS B 41 -15.68 -17.47 -23.07
C LYS B 41 -15.28 -17.93 -24.46
N PRO B 42 -15.17 -19.25 -24.65
CA PRO B 42 -14.80 -19.83 -25.96
C PRO B 42 -15.81 -19.35 -26.99
N ASN B 43 -15.35 -19.00 -28.18
CA ASN B 43 -16.22 -18.54 -29.25
C ASN B 43 -17.27 -19.61 -29.54
N PRO B 44 -18.57 -19.30 -29.33
CA PRO B 44 -19.65 -20.26 -29.55
C PRO B 44 -19.71 -20.70 -31.00
N SER B 45 -19.29 -19.82 -31.89
CA SER B 45 -19.25 -20.13 -33.30
C SER B 45 -18.29 -21.28 -33.61
N TYR B 46 -17.35 -21.57 -32.70
CA TYR B 46 -16.38 -22.66 -32.92
C TYR B 46 -16.84 -24.00 -32.33
N ASP B 47 -17.89 -23.98 -31.53
CA ASP B 47 -18.42 -25.21 -30.93
C ASP B 47 -17.38 -26.10 -30.29
N VAL B 48 -17.04 -25.83 -29.04
CA VAL B 48 -16.07 -26.64 -28.32
C VAL B 48 -16.67 -27.04 -26.98
N GLU B 49 -16.84 -28.35 -26.76
CA GLU B 49 -17.43 -28.85 -25.53
C GLU B 49 -16.38 -29.21 -24.49
N PRO B 60 -17.82 -24.92 -18.92
CA PRO B 60 -17.16 -24.00 -19.86
C PRO B 60 -16.12 -23.16 -19.13
N ASN B 61 -14.85 -23.38 -19.45
CA ASN B 61 -13.76 -22.65 -18.81
C ASN B 61 -13.71 -21.20 -19.26
N ARG B 62 -14.23 -20.31 -18.42
CA ARG B 62 -14.21 -18.90 -18.74
C ARG B 62 -12.86 -18.30 -18.37
N ILE B 63 -12.45 -17.27 -19.07
CA ILE B 63 -11.21 -16.62 -18.73
C ILE B 63 -11.54 -15.26 -18.17
N LYS B 64 -10.93 -14.94 -17.05
CA LYS B 64 -11.14 -13.64 -16.46
C LYS B 64 -9.82 -12.84 -16.49
N LEU B 65 -9.87 -11.65 -17.06
CA LEU B 65 -8.73 -10.74 -17.11
C LEU B 65 -8.99 -9.67 -16.05
N SER B 66 -8.00 -9.38 -15.23
CA SER B 66 -8.22 -8.39 -14.20
C SER B 66 -7.03 -7.48 -13.89
N LYS B 67 -7.32 -6.21 -13.64
CA LYS B 67 -6.28 -5.26 -13.28
C LYS B 67 -6.82 -4.12 -12.41
N GLU B 68 -5.91 -3.29 -11.91
CA GLU B 68 -6.30 -2.14 -11.11
C GLU B 68 -6.25 -0.98 -12.08
N VAL B 69 -7.05 0.02 -11.79
CA VAL B 69 -7.14 1.21 -12.60
C VAL B 69 -6.78 2.34 -11.62
N PRO B 70 -6.14 3.42 -12.11
CA PRO B 70 -5.85 4.45 -11.11
C PRO B 70 -7.16 5.05 -10.62
N PHE B 71 -7.25 5.34 -9.32
CA PHE B 71 -8.50 5.86 -8.78
C PHE B 71 -9.03 7.09 -9.46
N SER B 72 -8.13 7.99 -9.85
CA SER B 72 -8.53 9.21 -10.52
C SER B 72 -9.43 8.94 -11.74
N TYR B 73 -9.51 7.70 -12.18
CA TYR B 73 -10.36 7.37 -13.32
C TYR B 73 -11.80 7.05 -12.87
N LEU B 74 -12.03 6.98 -11.57
CA LEU B 74 -13.37 6.66 -11.06
C LEU B 74 -13.92 7.70 -10.09
N ILE B 75 -13.06 8.59 -9.61
CA ILE B 75 -13.43 9.65 -8.68
C ILE B 75 -13.31 10.95 -9.47
N ASP B 76 -14.12 11.96 -9.14
CA ASP B 76 -14.01 13.24 -9.85
C ASP B 76 -13.28 14.27 -9.01
N GLU B 77 -13.67 15.53 -9.18
CA GLU B 77 -13.04 16.62 -8.44
C GLU B 77 -13.87 17.90 -8.41
N LYS B 82 -11.27 18.02 -2.27
CA LYS B 82 -10.24 17.62 -1.30
C LYS B 82 -10.16 16.03 -1.28
N PRO B 83 -9.32 15.37 -0.43
CA PRO B 83 -8.93 13.95 -0.12
C PRO B 83 -9.73 12.62 -0.16
N LEU B 84 -8.94 11.58 -0.51
CA LEU B 84 -9.26 10.14 -0.76
C LEU B 84 -9.17 9.03 0.32
N ASN B 85 -10.31 8.45 0.72
CA ASN B 85 -10.32 7.35 1.72
C ASN B 85 -11.56 6.45 1.72
N PHE B 86 -11.72 5.59 2.71
CA PHE B 86 -12.85 4.66 2.74
C PHE B 86 -14.22 5.34 2.61
N ARG B 87 -14.34 6.54 3.16
CA ARG B 87 -15.60 7.27 3.10
C ARG B 87 -16.05 7.54 1.66
N ILE B 88 -15.10 7.64 0.74
CA ILE B 88 -15.40 7.88 -0.67
C ILE B 88 -16.45 6.91 -1.22
N LEU B 89 -16.56 5.74 -0.61
CA LEU B 89 -17.51 4.74 -1.07
C LEU B 89 -18.93 5.11 -0.73
N LYS B 90 -19.08 6.08 0.18
CA LYS B 90 -20.41 6.54 0.59
C LYS B 90 -21.00 7.45 -0.49
N SER B 91 -20.12 8.16 -1.21
CA SER B 91 -20.58 9.06 -2.26
C SER B 91 -21.01 8.33 -3.52
N PHE B 92 -21.48 7.10 -3.35
CA PHE B 92 -21.93 6.27 -4.47
C PHE B 92 -23.33 5.70 -4.23
N GLU B 158 1.33 -0.41 -29.77
CA GLU B 158 0.37 -0.28 -28.68
C GLU B 158 0.23 -1.56 -27.87
N SER B 159 1.17 -1.78 -26.95
CA SER B 159 1.11 -2.95 -26.10
C SER B 159 -0.11 -2.88 -25.19
N CYS B 160 -0.60 -4.04 -24.79
CA CYS B 160 -1.72 -4.05 -23.87
C CYS B 160 -1.07 -3.73 -22.51
N SER B 161 -1.89 -3.43 -21.53
CA SER B 161 -1.39 -3.15 -20.19
C SER B 161 -1.19 -4.52 -19.51
N PRO B 162 -0.72 -4.51 -18.27
CA PRO B 162 -0.53 -5.78 -17.57
C PRO B 162 -1.90 -6.27 -17.10
N TRP B 163 -2.15 -7.58 -17.16
CA TRP B 163 -3.43 -8.12 -16.67
C TRP B 163 -3.20 -9.44 -15.99
N SER B 164 -4.03 -9.73 -15.00
CA SER B 164 -3.97 -11.03 -14.35
C SER B 164 -4.98 -11.87 -15.15
N LEU B 165 -4.58 -13.06 -15.52
CA LEU B 165 -5.45 -13.93 -16.28
C LEU B 165 -5.79 -15.12 -15.41
N GLN B 166 -7.08 -15.36 -15.19
CA GLN B 166 -7.53 -16.44 -14.34
C GLN B 166 -8.63 -17.31 -14.90
N ILE B 167 -8.56 -18.59 -14.54
CA ILE B 167 -9.56 -19.57 -14.94
C ILE B 167 -9.83 -20.33 -13.66
N SER B 168 -11.09 -20.31 -13.24
CA SER B 168 -11.44 -20.98 -12.00
C SER B 168 -12.44 -22.11 -12.20
N ASP B 169 -12.49 -23.02 -11.25
CA ASP B 169 -13.43 -24.13 -11.27
C ASP B 169 -13.69 -24.56 -9.83
N ILE B 170 -14.79 -25.28 -9.60
CA ILE B 170 -15.12 -25.74 -8.26
C ILE B 170 -14.36 -27.01 -7.85
N ARG B 177 -18.29 -28.71 3.54
CA ARG B 177 -18.31 -27.51 2.70
C ARG B 177 -19.14 -26.38 3.31
N SER B 178 -18.71 -25.85 4.45
CA SER B 178 -19.46 -24.74 5.05
C SER B 178 -18.97 -23.43 4.44
N VAL B 179 -17.92 -23.51 3.63
CA VAL B 179 -17.39 -22.34 2.95
C VAL B 179 -17.35 -22.65 1.45
N SER B 180 -17.07 -21.63 0.67
CA SER B 180 -16.98 -21.80 -0.77
C SER B 180 -15.54 -22.22 -1.06
N MET B 181 -15.36 -23.23 -1.91
CA MET B 181 -14.02 -23.66 -2.23
C MET B 181 -13.84 -23.62 -3.74
N GLN B 182 -12.83 -22.89 -4.19
CA GLN B 182 -12.63 -22.75 -5.61
C GLN B 182 -11.14 -22.86 -6.01
N THR B 183 -10.86 -23.54 -7.11
CA THR B 183 -9.50 -23.68 -7.59
C THR B 183 -9.29 -22.59 -8.62
N ILE B 184 -8.15 -21.92 -8.53
CA ILE B 184 -7.85 -20.83 -9.45
C ILE B 184 -6.51 -21.06 -10.14
N ALA B 185 -6.53 -21.02 -11.47
CA ALA B 185 -5.32 -21.20 -12.28
C ALA B 185 -5.03 -19.78 -12.77
N GLU B 186 -3.83 -19.30 -12.52
CA GLU B 186 -3.49 -17.94 -12.90
C GLU B 186 -2.13 -17.76 -13.55
N THR B 187 -2.08 -16.79 -14.45
CA THR B 187 -0.82 -16.40 -15.06
C THR B 187 -0.95 -14.90 -15.26
N ILE B 188 0.17 -14.21 -15.41
CA ILE B 188 0.22 -12.77 -15.60
C ILE B 188 0.58 -12.37 -17.02
N ILE B 189 -0.18 -11.46 -17.62
CA ILE B 189 0.11 -10.96 -18.95
C ILE B 189 0.85 -9.63 -18.71
N LEU B 190 2.04 -9.47 -19.28
CA LEU B 190 2.81 -8.25 -19.06
C LEU B 190 2.74 -7.21 -20.18
N SER B 191 2.65 -7.68 -21.42
CA SER B 191 2.61 -6.78 -22.55
C SER B 191 2.32 -7.58 -23.80
N SER B 192 2.24 -6.88 -24.93
CA SER B 192 1.97 -7.50 -26.21
C SER B 192 2.60 -6.63 -27.32
N ALA B 193 2.55 -7.13 -28.55
CA ALA B 193 3.11 -6.41 -29.68
C ALA B 193 2.68 -7.06 -30.97
N GLY B 194 2.82 -6.32 -32.08
CA GLY B 194 2.44 -6.86 -33.36
C GLY B 194 1.23 -6.15 -33.94
N LYS B 195 0.66 -6.73 -34.99
CA LYS B 195 -0.49 -6.14 -35.66
C LYS B 195 -1.72 -6.04 -34.77
N ASN B 196 -2.08 -7.15 -34.14
CA ASN B 196 -3.25 -7.22 -33.28
C ASN B 196 -2.83 -7.48 -31.84
N SER B 197 -2.35 -6.43 -31.20
CA SER B 197 -1.86 -6.52 -29.83
C SER B 197 -2.85 -6.12 -28.75
N SER B 198 -4.04 -5.67 -29.10
CA SER B 198 -4.98 -5.29 -28.04
C SER B 198 -5.31 -6.57 -27.28
N VAL B 199 -5.62 -6.44 -26.00
CA VAL B 199 -5.94 -7.60 -25.17
C VAL B 199 -7.12 -8.35 -25.80
N SER B 200 -8.03 -7.59 -26.42
CA SER B 200 -9.19 -8.16 -27.07
C SER B 200 -8.81 -9.07 -28.28
N SER B 201 -7.83 -8.64 -29.08
CA SER B 201 -7.37 -9.45 -30.22
C SER B 201 -6.64 -10.68 -29.71
N LEU B 202 -5.85 -10.50 -28.66
CA LEU B 202 -5.11 -11.62 -28.07
C LEU B 202 -6.06 -12.72 -27.61
N MET B 203 -7.21 -12.33 -27.04
CA MET B 203 -8.19 -13.31 -26.58
C MET B 203 -8.89 -13.98 -27.77
N ASN B 204 -9.23 -13.20 -28.80
CA ASN B 204 -9.87 -13.77 -29.99
C ASN B 204 -8.86 -14.79 -30.57
N GLY B 205 -7.58 -14.41 -30.58
CA GLY B 205 -6.54 -15.30 -31.06
C GLY B 205 -6.53 -16.65 -30.36
N LEU B 206 -6.90 -16.68 -29.08
CA LEU B 206 -6.94 -17.93 -28.34
C LEU B 206 -8.26 -18.66 -28.51
N GLY B 207 -9.20 -18.05 -29.21
CA GLY B 207 -10.50 -18.69 -29.44
C GLY B 207 -11.57 -18.24 -28.47
N TYR B 208 -11.36 -17.08 -27.84
CA TYR B 208 -12.31 -16.56 -26.86
C TYR B 208 -12.97 -15.26 -27.28
N VAL B 209 -14.16 -15.01 -26.76
CA VAL B 209 -14.85 -13.75 -27.09
C VAL B 209 -15.30 -13.06 -25.84
N PHE B 210 -15.41 -11.73 -25.92
CA PHE B 210 -15.83 -10.92 -24.80
C PHE B 210 -17.24 -11.34 -24.35
N GLU B 211 -17.42 -11.47 -23.04
CA GLU B 211 -18.71 -11.85 -22.52
C GLU B 211 -19.32 -10.84 -21.53
N PHE B 212 -18.53 -10.41 -20.56
CA PHE B 212 -19.04 -9.50 -19.52
C PHE B 212 -17.90 -8.67 -18.91
N GLN B 213 -18.25 -7.53 -18.32
CA GLN B 213 -17.27 -6.65 -17.71
C GLN B 213 -17.84 -5.97 -16.46
N TYR B 214 -17.05 -5.95 -15.38
CA TYR B 214 -17.46 -5.30 -14.15
C TYR B 214 -16.30 -4.60 -13.47
N LEU B 215 -16.65 -3.71 -12.54
CA LEU B 215 -15.70 -2.92 -11.80
C LEU B 215 -15.99 -3.00 -10.31
N THR B 216 -14.94 -3.19 -9.50
CA THR B 216 -15.16 -3.21 -8.07
C THR B 216 -14.33 -2.10 -7.44
N ILE B 217 -14.91 -1.49 -6.42
CA ILE B 217 -14.27 -0.44 -5.64
C ILE B 217 -14.60 -0.79 -4.19
N GLY B 218 -13.57 -0.85 -3.34
CA GLY B 218 -13.80 -1.20 -1.96
C GLY B 218 -12.61 -0.95 -1.07
N VAL B 219 -12.64 -1.55 0.11
CA VAL B 219 -11.54 -1.44 1.06
C VAL B 219 -11.26 -2.85 1.52
N LYS B 220 -10.00 -3.15 1.80
CA LYS B 220 -9.70 -4.49 2.24
C LYS B 220 -8.98 -4.44 3.56
N PHE B 221 -9.07 -5.51 4.32
CA PHE B 221 -8.38 -5.61 5.58
C PHE B 221 -7.55 -6.88 5.59
N PHE B 222 -6.35 -6.77 6.12
CA PHE B 222 -5.49 -7.91 6.27
C PHE B 222 -5.70 -8.44 7.67
N MET B 223 -6.02 -9.72 7.80
CA MET B 223 -6.19 -10.33 9.11
C MET B 223 -5.20 -11.49 9.24
N LYS B 224 -5.23 -12.20 10.37
CA LYS B 224 -4.30 -13.31 10.60
C LYS B 224 -4.62 -14.58 9.81
N HIS B 225 -3.58 -15.36 9.52
CA HIS B 225 -3.71 -16.62 8.78
C HIS B 225 -4.05 -16.45 7.31
N GLY B 226 -3.62 -15.33 6.72
CA GLY B 226 -3.89 -15.11 5.31
C GLY B 226 -5.30 -14.63 5.02
N LEU B 227 -6.11 -14.51 6.07
CA LEU B 227 -7.49 -14.07 5.90
C LEU B 227 -7.54 -12.64 5.35
N ILE B 228 -8.35 -12.45 4.31
CA ILE B 228 -8.47 -11.16 3.67
C ILE B 228 -9.95 -10.81 3.55
N LEU B 229 -10.28 -9.57 3.92
CA LEU B 229 -11.66 -9.06 3.83
C LEU B 229 -11.79 -7.94 2.81
N GLU B 230 -12.79 -8.07 1.94
CA GLU B 230 -13.06 -7.07 0.93
C GLU B 230 -14.50 -6.58 1.06
N LEU B 231 -14.66 -5.29 1.36
CA LEU B 231 -15.98 -4.68 1.49
C LEU B 231 -16.09 -3.79 0.26
N GLN B 232 -17.00 -4.13 -0.63
CA GLN B 232 -17.04 -3.43 -1.91
C GLN B 232 -18.39 -3.17 -2.53
N LYS B 233 -18.38 -2.34 -3.57
CA LYS B 233 -19.55 -2.05 -4.35
C LYS B 233 -19.10 -2.51 -5.75
N ILE B 234 -20.04 -3.00 -6.55
CA ILE B 234 -19.74 -3.52 -7.86
C ILE B 234 -20.59 -2.91 -8.95
N TRP B 235 -19.98 -2.65 -10.10
CA TRP B 235 -20.67 -2.08 -11.26
C TRP B 235 -20.47 -2.95 -12.50
N GLN B 236 -21.54 -3.19 -13.24
CA GLN B 236 -21.39 -3.93 -14.47
C GLN B 236 -21.25 -2.82 -15.51
N ILE B 237 -20.23 -2.93 -16.34
CA ILE B 237 -19.99 -1.95 -17.39
C ILE B 237 -20.59 -2.57 -18.64
N GLU B 238 -21.69 -2.00 -19.13
CA GLU B 238 -22.33 -2.54 -20.31
C GLU B 238 -22.32 -1.50 -21.42
N GLU B 239 -22.48 -1.96 -22.65
CA GLU B 239 -22.47 -1.06 -23.80
C GLU B 239 -23.53 0.05 -23.68
N ALA B 240 -24.67 -0.28 -23.09
CA ALA B 240 -25.75 0.70 -22.94
C ALA B 240 -25.81 1.42 -21.60
N GLY B 241 -24.70 1.49 -20.88
CA GLY B 241 -24.67 2.15 -19.58
C GLY B 241 -24.20 1.29 -18.41
N ASN B 242 -23.73 1.92 -17.34
CA ASN B 242 -23.27 1.17 -16.17
C ASN B 242 -24.36 1.07 -15.12
N SER B 243 -24.29 0.03 -14.30
CA SER B 243 -25.27 -0.20 -13.26
C SER B 243 -24.60 -0.79 -12.03
N GLN B 244 -24.79 -0.15 -10.89
CA GLN B 244 -24.23 -0.65 -9.65
C GLN B 244 -25.05 -1.86 -9.20
N ILE B 245 -24.47 -3.05 -9.29
CA ILE B 245 -25.17 -4.27 -8.87
C ILE B 245 -25.51 -4.25 -7.40
N THR B 246 -24.62 -3.67 -6.61
CA THR B 246 -24.79 -3.60 -5.17
C THR B 246 -25.53 -2.33 -4.67
N SER B 247 -26.32 -1.67 -5.51
CA SER B 247 -27.01 -0.45 -5.06
C SER B 247 -27.77 -0.62 -3.73
N GLY B 248 -27.56 0.31 -2.82
CA GLY B 248 -28.23 0.23 -1.54
C GLY B 248 -27.32 -0.32 -0.44
N GLY B 249 -26.22 -0.97 -0.85
CA GLY B 249 -25.30 -1.52 0.12
C GLY B 249 -23.91 -1.91 -0.37
N PHE B 250 -23.25 -2.75 0.42
CA PHE B 250 -21.91 -3.24 0.10
C PHE B 250 -21.90 -4.75 0.17
N LEU B 251 -21.04 -5.36 -0.62
CA LEU B 251 -20.88 -6.79 -0.59
C LEU B 251 -19.59 -7.06 0.18
N LEU B 252 -19.61 -8.05 1.06
CA LEU B 252 -18.42 -8.40 1.82
C LEU B 252 -17.95 -9.79 1.40
N LYS B 253 -16.67 -9.89 1.08
CA LYS B 253 -16.05 -11.15 0.71
C LYS B 253 -14.93 -11.42 1.68
N ALA B 254 -14.93 -12.60 2.28
CA ALA B 254 -13.89 -12.98 3.22
C ALA B 254 -13.31 -14.27 2.64
N TYR B 255 -12.00 -14.29 2.45
CA TYR B 255 -11.36 -15.46 1.86
C TYR B 255 -9.93 -15.68 2.29
N ILE B 256 -9.46 -16.89 2.00
CA ILE B 256 -8.10 -17.34 2.28
C ILE B 256 -7.66 -18.19 1.10
N ASN B 257 -6.46 -17.91 0.62
CA ASN B 257 -5.89 -18.68 -0.49
C ASN B 257 -4.87 -19.64 0.08
N VAL B 258 -4.97 -20.92 -0.26
CA VAL B 258 -4.01 -21.92 0.19
C VAL B 258 -3.46 -22.67 -1.01
N SER B 259 -2.29 -23.27 -0.84
CA SER B 259 -1.63 -24.05 -1.87
C SER B 259 -2.49 -25.18 -2.37
N ARG B 260 -2.40 -25.46 -3.66
CA ARG B 260 -3.16 -26.57 -4.22
C ARG B 260 -2.51 -27.84 -3.61
N GLY B 261 -3.34 -28.81 -3.24
CA GLY B 261 -2.81 -30.04 -2.65
C GLY B 261 -2.44 -29.99 -1.18
N THR B 262 -3.03 -29.05 -0.45
CA THR B 262 -2.75 -28.93 0.98
C THR B 262 -3.56 -30.01 1.70
N ASP B 263 -3.00 -30.55 2.78
CA ASP B 263 -3.62 -31.61 3.58
C ASP B 263 -5.08 -31.33 3.91
N ILE B 264 -5.84 -32.40 4.10
CA ILE B 264 -7.25 -32.30 4.45
C ILE B 264 -7.35 -31.55 5.79
N ASP B 265 -6.39 -31.81 6.68
CA ASP B 265 -6.37 -31.18 7.99
C ASP B 265 -6.16 -29.66 7.89
N ARG B 266 -5.35 -29.22 6.93
CA ARG B 266 -5.09 -27.79 6.75
C ARG B 266 -6.29 -27.10 6.11
N ILE B 267 -6.95 -27.81 5.19
CA ILE B 267 -8.13 -27.28 4.52
C ILE B 267 -9.15 -27.06 5.63
N ASN B 268 -9.25 -28.06 6.50
CA ASN B 268 -10.18 -28.04 7.63
C ASN B 268 -9.84 -26.86 8.55
N TYR B 269 -8.56 -26.70 8.82
CA TYR B 269 -8.09 -25.61 9.68
C TYR B 269 -8.48 -24.27 9.07
N THR B 270 -8.24 -24.15 7.77
CA THR B 270 -8.54 -22.95 7.00
C THR B 270 -10.03 -22.62 7.06
N GLU B 271 -10.86 -23.64 6.86
CA GLU B 271 -12.30 -23.46 6.92
C GLU B 271 -12.66 -22.95 8.31
N THR B 272 -11.94 -23.46 9.32
CA THR B 272 -12.15 -23.09 10.72
C THR B 272 -11.99 -21.59 10.95
N VAL B 273 -10.94 -21.00 10.40
CA VAL B 273 -10.69 -19.57 10.55
C VAL B 273 -11.84 -18.76 9.98
N LEU B 274 -12.41 -19.25 8.88
CA LEU B 274 -13.51 -18.55 8.25
C LEU B 274 -14.78 -18.65 9.09
N MET B 275 -15.04 -19.83 9.64
CA MET B 275 -16.21 -20.00 10.49
C MET B 275 -16.06 -19.14 11.73
N ASN B 276 -14.83 -18.99 12.22
CA ASN B 276 -14.59 -18.15 13.40
C ASN B 276 -14.89 -16.69 13.10
N LEU B 277 -14.59 -16.25 11.88
CA LEU B 277 -14.89 -14.87 11.51
C LEU B 277 -16.40 -14.75 11.35
N LYS B 278 -17.02 -15.80 10.84
CA LYS B 278 -18.47 -15.79 10.64
C LYS B 278 -19.20 -15.58 11.96
N LYS B 279 -18.82 -16.35 12.98
CA LYS B 279 -19.44 -16.26 14.29
C LYS B 279 -19.19 -14.90 14.89
N GLU B 280 -17.92 -14.50 14.88
CA GLU B 280 -17.52 -13.22 15.42
C GLU B 280 -18.26 -12.03 14.78
N LEU B 281 -18.73 -12.18 13.56
CA LEU B 281 -19.44 -11.10 12.89
C LEU B 281 -20.96 -11.25 12.91
N GLN B 282 -21.45 -12.30 13.55
CA GLN B 282 -22.89 -12.51 13.60
C GLN B 282 -23.58 -11.34 14.30
N GLY B 283 -24.69 -10.89 13.73
CA GLY B 283 -25.38 -9.75 14.31
C GLY B 283 -25.02 -8.53 13.51
N TYR B 284 -23.84 -8.56 12.90
CA TYR B 284 -23.34 -7.46 12.07
C TYR B 284 -23.67 -7.76 10.62
N ILE B 285 -23.37 -8.99 10.23
CA ILE B 285 -23.61 -9.40 8.84
C ILE B 285 -23.61 -10.92 8.73
N GLU B 286 -24.49 -11.43 7.88
CA GLU B 286 -24.64 -12.84 7.64
C GLU B 286 -23.66 -13.33 6.54
N LEU B 287 -22.65 -14.09 6.92
CA LEU B 287 -21.67 -14.62 5.98
C LEU B 287 -22.08 -16.01 5.53
N SER B 288 -22.15 -16.23 4.22
CA SER B 288 -22.54 -17.54 3.74
C SER B 288 -22.07 -17.78 2.31
N VAL B 289 -22.42 -18.93 1.74
CA VAL B 289 -22.02 -19.23 0.38
C VAL B 289 -23.27 -19.06 -0.48
N PRO B 290 -23.11 -18.50 -1.69
CA PRO B 290 -24.26 -18.30 -2.58
C PRO B 290 -24.89 -19.64 -2.98
N ASP B 291 -26.20 -19.67 -3.20
CA ASP B 291 -26.90 -20.90 -3.59
C ASP B 291 -26.36 -21.38 -4.93
N ARG B 292 -27.09 -22.28 -5.58
CA ARG B 292 -26.68 -22.77 -6.87
C ARG B 292 -27.53 -22.11 -7.95
N GLN B 293 -28.76 -21.78 -7.59
CA GLN B 293 -29.65 -21.10 -8.53
C GLN B 293 -28.98 -19.77 -8.88
N SER B 294 -28.47 -19.11 -7.84
CA SER B 294 -27.79 -17.82 -8.01
C SER B 294 -26.48 -18.08 -8.76
N MET B 295 -25.74 -19.08 -8.32
CA MET B 295 -24.47 -19.45 -8.94
C MET B 295 -24.61 -19.80 -10.42
N ASP B 296 -25.82 -20.20 -10.83
CA ASP B 296 -26.03 -20.59 -12.23
C ASP B 296 -26.76 -19.59 -13.09
N SER B 297 -27.44 -18.62 -12.48
CA SER B 297 -28.17 -17.65 -13.27
C SER B 297 -27.31 -17.03 -14.36
N ARG B 298 -27.91 -16.79 -15.51
CA ARG B 298 -27.23 -16.19 -16.64
C ARG B 298 -26.52 -14.90 -16.24
N VAL B 299 -27.21 -14.09 -15.43
CA VAL B 299 -26.67 -12.81 -15.01
C VAL B 299 -25.36 -12.89 -14.25
N ALA B 300 -25.02 -14.06 -13.69
CA ALA B 300 -23.78 -14.20 -12.92
C ALA B 300 -22.54 -14.60 -13.75
N HIS B 301 -22.79 -15.21 -14.91
CA HIS B 301 -21.69 -15.60 -15.80
C HIS B 301 -20.64 -16.49 -15.09
N GLY B 302 -21.14 -17.47 -14.33
CA GLY B 302 -20.26 -18.38 -13.62
C GLY B 302 -19.35 -17.71 -12.60
N ASN B 303 -19.62 -16.45 -12.30
CA ASN B 303 -18.78 -15.70 -11.37
C ASN B 303 -19.36 -15.66 -9.96
N ILE B 304 -18.63 -16.25 -9.01
CA ILE B 304 -19.06 -16.32 -7.60
C ILE B 304 -19.30 -14.94 -6.96
N LEU B 305 -18.40 -13.99 -7.15
CA LEU B 305 -18.54 -12.65 -6.59
C LEU B 305 -19.81 -11.97 -7.10
N ILE B 306 -20.02 -12.03 -8.42
CA ILE B 306 -21.19 -11.42 -9.05
C ILE B 306 -22.45 -12.15 -8.56
N ALA B 307 -22.39 -13.48 -8.47
CA ALA B 307 -23.52 -14.26 -7.99
C ALA B 307 -23.85 -13.82 -6.56
N ALA B 308 -22.84 -13.68 -5.72
CA ALA B 308 -23.07 -13.25 -4.37
C ALA B 308 -23.67 -11.85 -4.32
N ALA B 309 -23.20 -10.95 -5.17
CA ALA B 309 -23.73 -9.59 -5.15
C ALA B 309 -25.19 -9.53 -5.56
N LEU B 310 -25.57 -10.38 -6.50
CA LEU B 310 -26.93 -10.43 -7.02
C LEU B 310 -27.88 -11.19 -6.08
N GLU B 311 -27.32 -11.98 -5.18
CA GLU B 311 -28.14 -12.74 -4.28
C GLU B 311 -28.96 -11.86 -3.35
N HIS B 312 -28.30 -10.88 -2.73
CA HIS B 312 -28.96 -9.98 -1.79
C HIS B 312 -28.84 -8.50 -2.17
N LYS C 5 0.76 -38.25 13.63
CA LYS C 5 0.11 -38.85 12.43
C LYS C 5 1.04 -38.92 11.21
N SER C 6 2.30 -39.26 11.45
CA SER C 6 3.31 -39.42 10.39
C SER C 6 4.51 -40.22 10.91
N ALA C 7 5.21 -40.89 9.99
CA ALA C 7 6.38 -41.67 10.37
C ALA C 7 7.32 -41.84 9.18
N VAL C 8 8.59 -42.09 9.47
CA VAL C 8 9.59 -42.26 8.43
C VAL C 8 10.41 -43.52 8.64
N ILE C 9 10.42 -44.40 7.63
CA ILE C 9 11.17 -45.64 7.69
C ILE C 9 12.28 -45.54 6.65
N PHE C 10 13.52 -45.83 7.06
CA PHE C 10 14.65 -45.79 6.15
C PHE C 10 15.30 -47.17 6.05
N VAL C 11 15.34 -47.70 4.83
CA VAL C 11 15.90 -49.02 4.55
C VAL C 11 17.27 -48.91 3.88
N GLU C 12 18.31 -48.88 4.70
CA GLU C 12 19.68 -48.79 4.19
C GLU C 12 20.08 -50.10 3.51
N ARG C 13 19.49 -51.19 3.97
CA ARG C 13 19.76 -52.51 3.43
C ARG C 13 18.81 -52.80 2.28
N ALA C 14 19.16 -52.33 1.08
CA ALA C 14 18.29 -52.55 -0.07
C ALA C 14 18.93 -52.14 -1.39
N THR C 15 18.18 -52.33 -2.47
CA THR C 15 18.63 -51.97 -3.82
C THR C 15 17.55 -51.06 -4.44
N PRO C 16 17.89 -50.36 -5.53
CA PRO C 16 16.93 -49.47 -6.19
C PRO C 16 15.60 -50.15 -6.49
N ALA C 17 15.61 -51.48 -6.53
CA ALA C 17 14.41 -52.27 -6.83
C ALA C 17 13.59 -52.66 -5.61
N THR C 18 14.12 -52.46 -4.42
CA THR C 18 13.35 -52.81 -3.23
C THR C 18 12.07 -51.98 -3.26
N LEU C 19 12.20 -50.74 -3.71
CA LEU C 19 11.05 -49.85 -3.82
C LEU C 19 9.93 -50.52 -4.59
N THR C 20 10.23 -51.00 -5.81
CA THR C 20 9.22 -51.67 -6.64
C THR C 20 8.62 -52.91 -5.97
N GLU C 21 9.47 -53.71 -5.34
CA GLU C 21 9.00 -54.92 -4.65
C GLU C 21 7.95 -54.55 -3.61
N LEU C 22 8.30 -53.61 -2.74
CA LEU C 22 7.39 -53.18 -1.69
C LEU C 22 6.08 -52.68 -2.26
N LYS C 23 6.15 -52.05 -3.43
CA LYS C 23 4.95 -51.54 -4.08
C LYS C 23 4.11 -52.71 -4.58
N ASP C 24 4.77 -53.81 -4.93
CA ASP C 24 4.05 -55.00 -5.40
C ASP C 24 3.29 -55.62 -4.24
N ALA C 25 3.94 -55.65 -3.08
CA ALA C 25 3.34 -56.20 -1.88
C ALA C 25 2.06 -55.46 -1.47
N LEU C 26 2.07 -54.13 -1.60
CA LEU C 26 0.92 -53.32 -1.24
C LEU C 26 -0.13 -53.30 -2.32
N SER C 27 0.21 -53.89 -3.47
CA SER C 27 -0.68 -53.95 -4.62
C SER C 27 -2.17 -53.98 -4.32
N ASN C 28 -2.59 -54.77 -3.34
CA ASN C 28 -4.01 -54.87 -3.02
C ASN C 28 -4.54 -53.69 -2.21
N SER C 29 -3.69 -53.14 -1.34
CA SER C 29 -4.06 -52.01 -0.50
C SER C 29 -4.13 -50.70 -1.30
N ILE C 30 -3.22 -50.55 -2.27
CA ILE C 30 -3.17 -49.34 -3.08
C ILE C 30 -4.48 -49.02 -3.78
N LEU C 31 -5.05 -47.87 -3.43
CA LEU C 31 -6.32 -47.41 -4.02
C LEU C 31 -6.04 -46.51 -5.22
N SER C 32 -4.83 -45.95 -5.27
CA SER C 32 -4.44 -45.09 -6.37
C SER C 32 -3.01 -44.62 -6.19
N VAL C 33 -2.44 -44.10 -7.27
CA VAL C 33 -1.09 -43.57 -7.28
C VAL C 33 -1.29 -42.11 -7.63
N ARG C 34 -0.62 -41.21 -6.91
CA ARG C 34 -0.80 -39.79 -7.18
C ARG C 34 0.44 -39.10 -7.74
N ASP C 35 0.60 -37.82 -7.46
CA ASP C 35 1.73 -37.07 -8.00
C ASP C 35 3.09 -37.38 -7.43
N PRO C 36 4.14 -37.20 -8.24
CA PRO C 36 5.52 -37.46 -7.82
C PRO C 36 5.87 -36.44 -6.75
N TRP C 37 6.91 -36.71 -5.97
CA TRP C 37 7.35 -35.78 -4.95
C TRP C 37 8.84 -36.01 -4.85
N SER C 38 9.56 -35.06 -4.25
CA SER C 38 10.99 -35.22 -4.09
C SER C 38 11.40 -34.72 -2.70
N ILE C 39 12.65 -34.96 -2.34
CA ILE C 39 13.14 -34.53 -1.05
C ILE C 39 14.64 -34.38 -1.03
N ASP C 40 15.11 -33.30 -0.42
CA ASP C 40 16.54 -33.07 -0.32
C ASP C 40 16.92 -32.94 1.14
N PHE C 41 17.84 -33.80 1.57
CA PHE C 41 18.29 -33.81 2.95
C PHE C 41 19.76 -33.40 2.93
N ARG C 42 20.05 -32.28 3.57
CA ARG C 42 21.41 -31.74 3.63
C ARG C 42 21.96 -31.70 5.06
N THR C 43 23.27 -31.91 5.17
CA THR C 43 23.92 -31.86 6.46
C THR C 43 24.88 -30.67 6.47
N TYR C 44 24.79 -29.86 7.52
CA TYR C 44 25.64 -28.69 7.67
C TYR C 44 26.52 -28.83 8.92
N ARG C 45 27.79 -28.48 8.77
CA ARG C 45 28.76 -28.55 9.85
C ARG C 45 29.32 -27.15 10.13
N CYS C 46 29.18 -26.70 11.38
CA CYS C 46 29.68 -25.39 11.76
C CYS C 46 31.22 -25.37 11.76
N SER C 47 31.81 -24.21 11.48
CA SER C 47 33.27 -24.08 11.45
C SER C 47 33.84 -23.46 12.72
N ILE C 48 32.95 -22.87 13.53
CA ILE C 48 33.34 -22.21 14.78
C ILE C 48 34.30 -23.06 15.61
N SER C 56 26.63 -28.99 19.65
CA SER C 56 26.24 -29.53 18.34
C SER C 56 26.78 -28.67 17.21
N LYS C 57 27.62 -29.27 16.36
CA LYS C 57 28.18 -28.54 15.23
C LYS C 57 27.38 -28.89 13.96
N LEU C 58 26.40 -29.78 14.11
CA LEU C 58 25.59 -30.23 12.99
C LEU C 58 24.19 -29.61 12.91
N MET C 59 23.80 -29.24 11.70
CA MET C 59 22.48 -28.68 11.44
C MET C 59 21.95 -29.32 10.16
N TYR C 60 20.73 -29.85 10.24
CA TYR C 60 20.11 -30.48 9.09
C TYR C 60 19.09 -29.61 8.38
N SER C 61 19.09 -29.70 7.06
CA SER C 61 18.18 -28.94 6.20
C SER C 61 17.33 -29.90 5.36
N ILE C 62 16.04 -29.95 5.63
CA ILE C 62 15.17 -30.83 4.88
C ILE C 62 14.20 -30.07 3.97
N THR C 63 14.32 -30.32 2.67
CA THR C 63 13.46 -29.68 1.66
C THR C 63 12.47 -30.67 1.08
N PHE C 64 11.19 -30.33 1.14
CA PHE C 64 10.11 -31.17 0.61
C PHE C 64 9.52 -30.53 -0.64
N HIS C 65 9.24 -31.32 -1.67
CA HIS C 65 8.62 -30.80 -2.89
C HIS C 65 7.29 -31.50 -3.09
N HIS C 66 6.21 -30.80 -2.75
CA HIS C 66 4.83 -31.28 -2.90
C HIS C 66 4.06 -30.08 -3.48
N HIS C 67 4.26 -29.79 -4.77
CA HIS C 67 3.63 -28.65 -5.45
C HIS C 67 4.09 -27.37 -4.74
N GLY C 68 5.36 -27.30 -4.35
CA GLY C 68 5.85 -26.13 -3.61
C GLY C 68 6.94 -26.53 -2.61
N ARG C 69 7.98 -25.72 -2.50
CA ARG C 69 9.09 -26.04 -1.62
C ARG C 69 9.19 -25.35 -0.25
N GLN C 70 9.25 -26.18 0.79
CA GLN C 70 9.43 -25.73 2.16
C GLN C 70 10.70 -26.42 2.66
N THR C 71 11.52 -25.68 3.40
CA THR C 71 12.77 -26.23 3.92
C THR C 71 12.80 -26.06 5.42
N VAL C 72 12.93 -27.16 6.13
CA VAL C 72 12.99 -27.14 7.59
C VAL C 72 14.40 -27.35 8.11
N LEU C 73 14.78 -26.50 9.05
CA LEU C 73 16.09 -26.57 9.68
C LEU C 73 15.93 -27.22 11.04
N ILE C 74 16.72 -28.27 11.27
CA ILE C 74 16.70 -29.00 12.53
C ILE C 74 18.07 -28.91 13.20
N LYS C 75 18.08 -28.57 14.49
CA LYS C 75 19.33 -28.45 15.23
C LYS C 75 19.04 -28.33 16.73
N ASP C 76 19.63 -29.23 17.52
CA ASP C 76 19.42 -29.23 18.97
C ASP C 76 17.95 -29.40 19.27
N ASN C 77 17.30 -30.30 18.56
CA ASN C 77 15.87 -30.53 18.75
C ASN C 77 15.08 -29.24 18.56
N SER C 78 15.59 -28.38 17.69
CA SER C 78 14.96 -27.12 17.37
C SER C 78 14.65 -27.13 15.87
N ALA C 79 13.45 -26.71 15.50
CA ALA C 79 13.08 -26.67 14.09
C ALA C 79 12.60 -25.30 13.66
N MET C 80 13.08 -24.88 12.49
CA MET C 80 12.67 -23.60 11.90
C MET C 80 12.14 -23.86 10.50
N VAL C 81 10.85 -23.63 10.29
CA VAL C 81 10.25 -23.84 8.97
C VAL C 81 10.42 -22.63 8.07
N THR C 82 11.05 -22.80 6.92
CA THR C 82 11.21 -21.69 5.98
C THR C 82 10.60 -22.04 4.61
N THR C 83 10.37 -21.02 3.78
CA THR C 83 9.78 -21.31 2.48
C THR C 83 10.06 -20.21 1.48
N ALA C 84 10.01 -20.60 0.21
CA ALA C 84 10.21 -19.67 -0.89
C ALA C 84 9.01 -19.82 -1.81
N ALA C 85 8.00 -20.55 -1.36
CA ALA C 85 6.82 -20.78 -2.21
C ALA C 85 5.90 -19.57 -2.19
N ALA C 86 5.54 -19.11 -3.37
CA ALA C 86 4.67 -17.95 -3.54
C ALA C 86 3.44 -18.03 -2.66
N ALA C 87 2.81 -19.21 -2.64
CA ALA C 87 1.60 -19.45 -1.87
C ALA C 87 1.73 -19.40 -0.36
N ASP C 88 2.95 -19.49 0.16
CA ASP C 88 3.12 -19.46 1.62
C ASP C 88 3.47 -18.09 2.15
N ILE C 89 3.71 -17.14 1.26
CA ILE C 89 4.07 -15.82 1.73
C ILE C 89 2.85 -15.08 2.27
N PRO C 90 2.86 -14.76 3.57
CA PRO C 90 1.70 -14.03 4.13
C PRO C 90 1.47 -12.75 3.33
N PRO C 91 0.23 -12.53 2.86
CA PRO C 91 -0.13 -11.34 2.08
C PRO C 91 0.22 -10.01 2.80
N ALA C 92 0.03 -9.98 4.11
CA ALA C 92 0.34 -8.76 4.86
C ALA C 92 1.83 -8.42 4.82
N LEU C 93 2.67 -9.44 4.79
CA LEU C 93 4.12 -9.25 4.77
C LEU C 93 4.57 -8.62 3.48
N VAL C 94 3.89 -8.96 2.38
CA VAL C 94 4.25 -8.39 1.09
C VAL C 94 3.71 -6.98 0.95
N PHE C 95 2.51 -6.74 1.48
CA PHE C 95 1.93 -5.40 1.40
C PHE C 95 2.73 -4.38 2.20
N ASN C 96 3.13 -4.75 3.42
CA ASN C 96 3.87 -3.85 4.30
C ASN C 96 5.34 -3.65 3.89
N GLY C 97 5.82 -4.44 2.94
CA GLY C 97 7.20 -4.28 2.51
C GLY C 97 8.23 -5.06 3.29
N SER C 98 7.81 -5.82 4.29
CA SER C 98 8.77 -6.61 5.04
C SER C 98 9.38 -7.61 4.08
N SER C 99 8.55 -8.14 3.18
CA SER C 99 9.01 -9.11 2.17
C SER C 99 9.04 -8.44 0.79
N THR C 100 9.96 -8.86 -0.08
CA THR C 100 10.03 -8.30 -1.42
C THR C 100 9.06 -9.10 -2.29
N GLY C 101 8.58 -10.21 -1.77
CA GLY C 101 7.67 -11.07 -2.54
C GLY C 101 8.44 -12.06 -3.41
N VAL C 102 9.77 -11.98 -3.36
CA VAL C 102 10.64 -12.84 -4.14
C VAL C 102 11.66 -13.59 -3.30
N PRO C 103 11.21 -14.52 -2.45
CA PRO C 103 12.03 -15.34 -1.55
C PRO C 103 12.70 -16.56 -2.21
N GLU C 104 13.96 -16.82 -1.86
CA GLU C 104 14.70 -17.98 -2.37
C GLU C 104 14.88 -18.99 -1.23
N SER C 105 15.46 -20.13 -1.55
CA SER C 105 15.66 -21.17 -0.54
C SER C 105 16.66 -20.73 0.53
N ILE C 106 16.43 -21.18 1.76
CA ILE C 106 17.33 -20.86 2.84
C ILE C 106 18.68 -21.52 2.53
N ASP C 107 18.63 -22.70 1.92
CA ASP C 107 19.86 -23.39 1.58
C ASP C 107 20.72 -22.58 0.64
N THR C 108 20.10 -21.65 -0.08
CA THR C 108 20.83 -20.79 -0.99
C THR C 108 21.42 -19.62 -0.20
N ILE C 109 20.75 -19.28 0.89
CA ILE C 109 21.16 -18.19 1.77
C ILE C 109 22.38 -18.71 2.52
N LEU C 110 22.24 -19.89 3.11
CA LEU C 110 23.33 -20.49 3.86
C LEU C 110 24.56 -20.53 2.97
N SER C 111 24.46 -21.31 1.91
CA SER C 111 25.54 -21.48 0.94
C SER C 111 26.26 -20.23 0.43
N SER C 112 25.52 -19.15 0.18
CA SER C 112 26.16 -17.96 -0.37
C SER C 112 26.34 -16.75 0.56
N LYS C 113 25.87 -16.86 1.80
CA LYS C 113 25.99 -15.74 2.75
C LYS C 113 26.47 -16.16 4.12
N LEU C 114 26.34 -17.43 4.44
CA LEU C 114 26.78 -17.92 5.73
C LEU C 114 27.78 -19.06 5.54
N SER C 115 28.49 -19.06 4.42
CA SER C 115 29.45 -20.11 4.14
C SER C 115 30.60 -20.05 5.15
N ASN C 116 30.90 -18.86 5.64
CA ASN C 116 31.96 -18.66 6.60
C ASN C 116 31.61 -19.31 7.94
N ILE C 117 30.34 -19.61 8.14
CA ILE C 117 29.90 -20.21 9.40
C ILE C 117 29.38 -21.64 9.22
N TRP C 118 28.87 -21.93 8.02
CA TRP C 118 28.35 -23.25 7.77
C TRP C 118 28.88 -23.87 6.49
N MET C 119 29.17 -25.16 6.55
CA MET C 119 29.70 -25.91 5.43
C MET C 119 28.82 -27.13 5.17
N GLN C 120 28.38 -27.29 3.93
CA GLN C 120 27.54 -28.42 3.54
C GLN C 120 28.46 -29.62 3.30
N ARG C 121 28.26 -30.68 4.07
CA ARG C 121 29.09 -31.88 3.93
C ARG C 121 28.41 -32.95 3.08
N GLN C 122 27.10 -33.10 3.24
CA GLN C 122 26.34 -34.09 2.48
C GLN C 122 25.06 -33.56 1.83
N LEU C 123 24.79 -34.05 0.64
CA LEU C 123 23.58 -33.70 -0.11
C LEU C 123 22.97 -35.03 -0.53
N ILE C 124 21.87 -35.40 0.12
CA ILE C 124 21.18 -36.64 -0.23
C ILE C 124 19.92 -36.26 -0.99
N LYS C 125 19.86 -36.61 -2.27
CA LYS C 125 18.70 -36.29 -3.10
C LYS C 125 17.74 -37.46 -3.21
N GLY C 126 16.46 -37.15 -3.12
CA GLY C 126 15.42 -38.14 -3.23
C GLY C 126 14.41 -37.63 -4.23
N ASP C 127 14.78 -37.65 -5.51
CA ASP C 127 13.90 -37.18 -6.56
C ASP C 127 13.12 -38.36 -7.10
N ALA C 128 12.06 -38.09 -7.85
CA ALA C 128 11.27 -39.17 -8.42
C ALA C 128 10.65 -40.06 -7.34
N GLY C 129 9.90 -39.47 -6.43
CA GLY C 129 9.25 -40.27 -5.40
C GLY C 129 7.83 -40.62 -5.84
N GLU C 130 7.25 -41.64 -5.23
CA GLU C 130 5.89 -42.06 -5.57
C GLU C 130 4.94 -41.90 -4.41
N THR C 131 3.69 -41.58 -4.73
CA THR C 131 2.69 -41.39 -3.71
C THR C 131 1.59 -42.44 -3.81
N LEU C 132 1.59 -43.39 -2.87
CA LEU C 132 0.59 -44.45 -2.84
C LEU C 132 -0.53 -44.10 -1.85
N ILE C 133 -1.76 -44.15 -2.34
CA ILE C 133 -2.92 -43.84 -1.53
C ILE C 133 -3.60 -45.12 -1.04
N LEU C 134 -3.56 -45.35 0.28
CA LEU C 134 -4.21 -46.51 0.86
C LEU C 134 -5.38 -46.00 1.68
N ASP C 135 -6.35 -46.87 1.96
CA ASP C 135 -7.50 -46.46 2.75
C ASP C 135 -7.06 -46.14 4.17
N GLY C 136 -7.14 -44.86 4.53
CA GLY C 136 -6.74 -44.41 5.87
C GLY C 136 -5.24 -44.21 6.01
N LEU C 137 -4.49 -44.36 4.92
CA LEU C 137 -3.03 -44.18 4.97
C LEU C 137 -2.39 -43.77 3.63
N THR C 138 -1.40 -42.90 3.70
CA THR C 138 -0.70 -42.45 2.52
C THR C 138 0.77 -42.87 2.66
N VAL C 139 1.26 -43.66 1.72
CA VAL C 139 2.64 -44.10 1.80
C VAL C 139 3.41 -43.61 0.59
N ARG C 140 4.46 -42.84 0.86
CA ARG C 140 5.31 -42.27 -0.18
C ARG C 140 6.65 -42.99 -0.18
N LEU C 141 7.13 -43.39 -1.35
CA LEU C 141 8.39 -44.09 -1.45
C LEU C 141 9.31 -43.29 -2.35
N VAL C 142 10.61 -43.36 -2.09
CA VAL C 142 11.56 -42.65 -2.92
C VAL C 142 12.93 -43.23 -2.65
N ASN C 143 13.73 -43.32 -3.70
CA ASN C 143 15.08 -43.85 -3.60
C ASN C 143 16.02 -42.69 -3.33
N LEU C 144 16.85 -42.80 -2.31
CA LEU C 144 17.80 -41.73 -1.98
C LEU C 144 19.18 -41.94 -2.61
N PHE C 145 19.78 -40.86 -3.11
CA PHE C 145 21.10 -40.91 -3.73
C PHE C 145 22.01 -39.75 -3.31
N SER C 146 23.31 -39.96 -3.43
CA SER C 146 24.29 -38.92 -3.10
C SER C 146 25.21 -38.85 -4.30
N SER C 147 26.33 -38.17 -4.14
CA SER C 147 27.28 -38.06 -5.23
C SER C 147 27.92 -39.44 -5.41
N THR C 148 27.83 -40.27 -4.37
CA THR C 148 28.40 -41.62 -4.41
C THR C 148 27.36 -42.72 -4.65
N GLY C 149 26.37 -42.42 -5.48
CA GLY C 149 25.35 -43.40 -5.80
C GLY C 149 24.23 -43.62 -4.80
N PHE C 150 23.51 -44.73 -4.99
CA PHE C 150 22.38 -45.12 -4.14
C PHE C 150 22.73 -45.26 -2.67
N LYS C 151 21.81 -44.85 -1.80
CA LYS C 151 22.04 -44.93 -0.37
C LYS C 151 20.93 -45.66 0.38
N GLY C 152 19.77 -45.80 -0.24
CA GLY C 152 18.69 -46.50 0.42
C GLY C 152 17.26 -46.10 0.04
N LEU C 153 16.31 -46.91 0.50
CA LEU C 153 14.90 -46.68 0.25
C LEU C 153 14.29 -45.88 1.40
N LEU C 154 13.64 -44.78 1.07
CA LEU C 154 13.01 -43.92 2.07
C LEU C 154 11.51 -44.10 1.94
N ILE C 155 10.86 -44.34 3.07
CA ILE C 155 9.42 -44.52 3.08
C ILE C 155 8.84 -43.50 4.05
N GLU C 156 7.84 -42.76 3.61
CA GLU C 156 7.22 -41.74 4.46
C GLU C 156 5.75 -42.07 4.63
N LEU C 157 5.29 -42.12 5.89
CA LEU C 157 3.90 -42.45 6.20
C LEU C 157 3.18 -41.26 6.84
N GLN C 158 1.90 -41.10 6.51
CA GLN C 158 1.09 -40.02 7.04
C GLN C 158 -0.37 -40.43 7.00
N ALA C 159 -1.11 -40.02 8.03
CA ALA C 159 -2.54 -40.31 8.11
C ALA C 159 -3.22 -39.03 8.56
N ASP C 160 -4.46 -38.85 8.12
CA ASP C 160 -5.23 -37.68 8.51
C ASP C 160 -5.58 -37.76 10.00
N GLU C 161 -5.96 -38.96 10.45
CA GLU C 161 -6.33 -39.18 11.85
C GLU C 161 -5.16 -39.70 12.67
N ALA C 162 -5.32 -39.76 13.99
CA ALA C 162 -4.25 -40.29 14.82
C ALA C 162 -4.56 -41.74 15.20
N GLY C 163 -5.81 -42.12 15.01
CA GLY C 163 -6.27 -43.47 15.33
C GLY C 163 -5.25 -44.55 15.62
N GLU C 164 -5.38 -45.64 14.87
CA GLU C 164 -4.56 -46.83 15.00
C GLU C 164 -3.37 -46.67 14.09
N PHE C 165 -2.75 -45.50 14.20
CA PHE C 165 -1.60 -45.15 13.38
C PHE C 165 -0.46 -46.11 13.65
N GLU C 166 -0.35 -46.55 14.90
CA GLU C 166 0.68 -47.50 15.30
C GLU C 166 0.47 -48.82 14.56
N THR C 167 -0.79 -49.18 14.35
CA THR C 167 -1.12 -50.41 13.64
C THR C 167 -0.64 -50.25 12.20
N LYS C 168 -0.68 -49.01 11.72
CA LYS C 168 -0.27 -48.66 10.36
C LYS C 168 1.21 -48.96 10.14
N ILE C 169 2.05 -48.43 11.02
CA ILE C 169 3.49 -48.65 10.90
C ILE C 169 3.76 -50.16 10.90
N ALA C 170 2.98 -50.87 11.70
CA ALA C 170 3.12 -52.33 11.81
C ALA C 170 2.87 -52.96 10.45
N GLY C 171 1.72 -52.65 9.87
CA GLY C 171 1.37 -53.18 8.55
C GLY C 171 2.50 -53.00 7.56
N ILE C 172 2.95 -51.76 7.39
CA ILE C 172 4.04 -51.47 6.46
C ILE C 172 5.29 -52.28 6.81
N GLU C 173 5.60 -52.34 8.10
CA GLU C 173 6.77 -53.07 8.57
C GLU C 173 6.64 -54.56 8.30
N GLY C 174 5.39 -55.04 8.27
CA GLY C 174 5.16 -56.44 8.00
C GLY C 174 5.46 -56.75 6.54
N HIS C 175 4.98 -55.88 5.65
CA HIS C 175 5.20 -56.04 4.22
C HIS C 175 6.68 -55.94 3.92
N LEU C 176 7.39 -55.16 4.74
CA LEU C 176 8.82 -55.01 4.57
C LEU C 176 9.49 -56.38 4.80
N ALA C 177 9.08 -57.06 5.86
CA ALA C 177 9.63 -58.37 6.17
C ALA C 177 9.31 -59.32 5.01
N GLU C 178 8.04 -59.35 4.63
CA GLU C 178 7.56 -60.20 3.55
C GLU C 178 8.47 -60.14 2.32
N ILE C 179 9.00 -58.96 2.02
CA ILE C 179 9.86 -58.78 0.85
C ILE C 179 11.35 -58.82 1.16
N ARG C 180 11.69 -59.31 2.34
CA ARG C 180 13.10 -59.41 2.77
C ARG C 180 13.76 -58.09 3.14
N ALA C 181 12.97 -57.15 3.63
CA ALA C 181 13.49 -55.86 4.06
C ALA C 181 13.68 -55.99 5.57
N LYS C 182 14.66 -56.79 5.95
CA LYS C 182 14.95 -57.08 7.36
C LYS C 182 15.44 -55.91 8.20
N GLU C 183 16.63 -55.39 7.91
CA GLU C 183 17.18 -54.28 8.68
C GLU C 183 16.73 -52.90 8.18
N TYR C 184 16.12 -52.12 9.07
CA TYR C 184 15.63 -50.79 8.73
C TYR C 184 15.29 -49.96 9.97
N LYS C 185 15.53 -48.65 9.91
CA LYS C 185 15.27 -47.78 11.05
C LYS C 185 14.00 -46.94 10.89
N THR C 186 13.08 -47.08 11.85
CA THR C 186 11.81 -46.36 11.84
C THR C 186 11.82 -45.23 12.87
N SER C 187 11.07 -44.16 12.59
CA SER C 187 11.00 -43.03 13.49
C SER C 187 9.64 -42.36 13.44
N SER C 188 8.99 -42.26 14.59
CA SER C 188 7.69 -41.63 14.70
C SER C 188 7.76 -40.63 15.84
N ASP C 189 8.97 -40.18 16.13
CA ASP C 189 9.21 -39.23 17.20
C ASP C 189 8.40 -37.94 17.06
N SER C 190 8.72 -36.97 17.92
CA SER C 190 8.03 -35.69 17.91
C SER C 190 8.89 -34.62 18.59
N LEU C 191 8.38 -33.41 18.69
CA LEU C 191 9.11 -32.32 19.32
C LEU C 191 8.24 -31.49 20.27
N ASN C 197 3.90 -29.12 15.79
CA ASN C 197 3.93 -28.76 14.37
C ASN C 197 4.28 -29.97 13.50
N GLU C 198 3.28 -30.54 12.83
CA GLU C 198 3.46 -31.72 11.99
C GLU C 198 4.58 -31.64 10.95
N ILE C 199 4.74 -30.49 10.31
CA ILE C 199 5.78 -30.34 9.31
C ILE C 199 7.16 -30.45 9.98
N CYS C 200 7.26 -29.93 11.21
CA CYS C 200 8.51 -29.96 11.95
C CYS C 200 8.79 -31.37 12.44
N ASP C 201 7.76 -32.05 12.92
CA ASP C 201 7.91 -33.41 13.39
C ASP C 201 8.41 -34.29 12.24
N LEU C 202 7.82 -34.10 11.06
CA LEU C 202 8.19 -34.86 9.88
C LEU C 202 9.66 -34.71 9.57
N ALA C 203 10.14 -33.47 9.55
CA ALA C 203 11.54 -33.20 9.25
C ALA C 203 12.46 -33.81 10.30
N TYR C 204 11.99 -33.83 11.55
CA TYR C 204 12.77 -34.38 12.65
C TYR C 204 12.86 -35.90 12.41
N GLN C 205 11.71 -36.53 12.23
CA GLN C 205 11.62 -37.96 11.97
C GLN C 205 12.57 -38.33 10.81
N TYR C 206 12.80 -37.37 9.92
CA TYR C 206 13.70 -37.61 8.80
C TYR C 206 15.12 -37.69 9.31
N VAL C 207 15.54 -36.68 10.06
CA VAL C 207 16.88 -36.64 10.64
C VAL C 207 17.18 -37.91 11.43
N ARG C 208 16.27 -38.28 12.32
CA ARG C 208 16.43 -39.46 13.16
C ARG C 208 16.60 -40.75 12.36
N ALA C 209 15.67 -41.00 11.44
CA ALA C 209 15.70 -42.20 10.60
C ALA C 209 16.97 -42.27 9.72
N LEU C 210 17.59 -41.13 9.47
CA LEU C 210 18.79 -41.09 8.65
C LEU C 210 20.02 -40.81 9.51
N GLU C 211 19.81 -40.65 10.81
CA GLU C 211 20.88 -40.37 11.76
C GLU C 211 22.00 -39.51 11.18
N VAL D 1 17.10 -10.65 -5.36
CA VAL D 1 16.36 -9.67 -6.21
C VAL D 1 17.07 -8.33 -6.14
N GLN D 2 16.99 -7.57 -7.22
CA GLN D 2 17.60 -6.26 -7.28
C GLN D 2 16.65 -5.15 -6.81
N GLN D 3 17.11 -4.28 -5.92
CA GLN D 3 16.26 -3.16 -5.50
C GLN D 3 16.93 -1.84 -5.85
N LEU D 4 16.28 -1.07 -6.72
CA LEU D 4 16.78 0.24 -7.13
C LEU D 4 15.96 1.30 -6.40
N SER D 5 16.62 2.29 -5.83
CA SER D 5 15.86 3.30 -5.10
C SER D 5 16.42 4.69 -5.11
N LEU D 6 15.63 5.62 -4.58
CA LEU D 6 16.00 7.02 -4.43
C LEU D 6 15.33 7.44 -3.12
N PHE D 7 15.91 8.45 -2.46
CA PHE D 7 15.39 8.94 -1.19
C PHE D 7 15.29 10.46 -1.12
N GLY D 8 14.35 10.92 -0.29
CA GLY D 8 14.14 12.34 -0.07
C GLY D 8 13.52 12.55 1.30
N SER D 9 13.36 13.80 1.69
CA SER D 9 12.78 14.10 2.99
C SER D 9 12.01 15.41 2.91
N ILE D 10 11.09 15.58 3.84
CA ILE D 10 10.28 16.77 3.86
C ILE D 10 9.95 17.01 5.33
N GLY D 11 9.78 18.28 5.70
CA GLY D 11 9.44 18.61 7.08
C GLY D 11 7.96 18.31 7.30
N ASP D 12 7.57 18.11 8.55
CA ASP D 12 6.17 17.83 8.85
C ASP D 12 5.19 18.79 8.19
N ASP D 13 5.61 20.03 7.96
CA ASP D 13 4.75 21.04 7.36
C ASP D 13 4.41 20.89 5.89
N GLY D 14 5.16 20.09 5.16
CA GLY D 14 4.85 19.93 3.75
C GLY D 14 4.19 18.59 3.48
N TYR D 15 4.02 17.81 4.54
CA TYR D 15 3.43 16.47 4.46
C TYR D 15 2.12 16.42 3.66
N ASP D 16 1.13 17.16 4.14
CA ASP D 16 -0.17 17.20 3.52
C ASP D 16 -0.14 17.57 2.04
N LEU D 17 0.67 18.54 1.69
CA LEU D 17 0.73 18.93 0.29
C LEU D 17 1.43 17.85 -0.52
N LEU D 18 2.44 17.22 0.08
CA LEU D 18 3.14 16.15 -0.62
C LEU D 18 2.14 15.02 -0.86
N ILE D 19 1.40 14.65 0.18
CA ILE D 19 0.39 13.61 0.06
C ILE D 19 -0.46 13.94 -1.15
N SER D 20 -0.98 15.16 -1.17
CA SER D 20 -1.85 15.62 -2.26
C SER D 20 -1.24 15.50 -3.65
N THR D 21 0.01 15.92 -3.76
CA THR D 21 0.69 15.86 -5.04
C THR D 21 0.94 14.40 -5.42
N LEU D 22 1.41 13.61 -4.46
CA LEU D 22 1.67 12.19 -4.71
C LEU D 22 0.37 11.49 -5.11
N THR D 23 -0.71 11.79 -4.39
CA THR D 23 -1.99 11.17 -4.71
C THR D 23 -2.37 11.58 -6.13
N THR D 24 -2.23 12.87 -6.41
CA THR D 24 -2.58 13.37 -7.74
C THR D 24 -1.74 12.82 -8.89
N ILE D 25 -0.43 12.71 -8.68
CA ILE D 25 0.43 12.18 -9.75
C ILE D 25 0.24 10.67 -9.92
N SER D 26 0.14 9.94 -8.81
CA SER D 26 -0.06 8.50 -8.89
C SER D 26 -1.52 8.26 -9.23
N GLY D 27 -2.39 9.13 -8.71
CA GLY D 27 -3.81 8.98 -8.94
C GLY D 27 -4.37 7.94 -7.97
N ASN D 28 -3.54 7.55 -7.00
CA ASN D 28 -3.94 6.56 -6.01
C ASN D 28 -3.92 7.09 -4.59
N PRO D 29 -4.63 6.42 -3.69
CA PRO D 29 -4.64 6.89 -2.31
C PRO D 29 -3.40 6.43 -1.58
N PRO D 30 -3.05 7.10 -0.49
CA PRO D 30 -1.88 6.73 0.32
C PRO D 30 -2.36 5.56 1.18
N LEU D 31 -1.55 4.51 1.31
CA LEU D 31 -1.96 3.35 2.09
C LEU D 31 -1.04 3.15 3.29
N LEU D 32 -1.62 3.22 4.48
CA LEU D 32 -0.91 3.06 5.73
C LEU D 32 -0.33 1.66 5.86
N TYR D 33 0.88 1.58 6.39
CA TYR D 33 1.56 0.30 6.61
C TYR D 33 2.57 0.56 7.70
N ASN D 34 3.18 -0.52 8.19
CA ASN D 34 4.21 -0.42 9.21
C ASN D 34 5.09 -1.66 9.15
N SER D 35 6.29 -1.56 9.70
CA SER D 35 7.17 -2.69 9.71
C SER D 35 8.14 -2.59 10.88
N LEU D 36 8.34 -3.74 11.54
CA LEU D 36 9.25 -3.86 12.66
C LEU D 36 10.45 -4.63 12.15
N CYS D 37 11.64 -4.03 12.25
CA CYS D 37 12.84 -4.71 11.77
C CYS D 37 13.90 -4.88 12.84
N THR D 38 14.39 -6.11 13.00
CA THR D 38 15.45 -6.42 13.96
C THR D 38 16.65 -6.87 13.15
N VAL D 39 17.80 -6.25 13.41
CA VAL D 39 19.02 -6.59 12.70
C VAL D 39 19.91 -7.49 13.55
N TRP D 40 20.65 -8.38 12.91
CA TRP D 40 21.52 -9.32 13.60
C TRP D 40 22.85 -9.43 12.89
N LYS D 41 23.91 -9.64 13.67
CA LYS D 41 25.25 -9.77 13.10
C LYS D 41 25.91 -11.04 13.57
N PRO D 42 26.99 -11.47 12.88
CA PRO D 42 27.68 -12.69 13.29
C PRO D 42 28.16 -12.46 14.71
N ASN D 43 27.95 -13.44 15.58
CA ASN D 43 28.36 -13.30 16.96
C ASN D 43 29.84 -12.89 17.06
N PRO D 44 30.11 -11.75 17.71
CA PRO D 44 31.46 -11.20 17.87
C PRO D 44 32.51 -12.15 18.46
N SER D 45 32.11 -12.90 19.48
CA SER D 45 33.03 -13.83 20.11
C SER D 45 33.27 -15.10 19.29
N TYR D 46 33.58 -14.93 18.00
CA TYR D 46 33.85 -16.06 17.11
C TYR D 46 34.86 -15.68 16.03
N PRO D 60 30.18 -8.02 6.31
CA PRO D 60 29.47 -8.54 7.49
C PRO D 60 28.01 -8.82 7.16
N ASN D 61 27.71 -10.03 6.70
CA ASN D 61 26.35 -10.36 6.31
C ASN D 61 25.40 -10.24 7.48
N ARG D 62 24.82 -9.05 7.65
CA ARG D 62 23.86 -8.84 8.72
C ARG D 62 22.59 -9.51 8.22
N ILE D 63 21.73 -9.89 9.14
CA ILE D 63 20.49 -10.54 8.79
C ILE D 63 19.41 -9.61 9.30
N LYS D 64 18.41 -9.33 8.47
CA LYS D 64 17.32 -8.47 8.90
C LYS D 64 16.04 -9.28 8.93
N LEU D 65 15.36 -9.24 10.07
CA LEU D 65 14.09 -9.92 10.25
C LEU D 65 13.07 -8.80 10.26
N SER D 66 12.04 -8.93 9.43
CA SER D 66 11.02 -7.90 9.34
C SER D 66 9.61 -8.46 9.30
N LYS D 67 8.67 -7.70 9.84
CA LYS D 67 7.28 -8.11 9.82
C LYS D 67 6.41 -6.93 10.18
N GLU D 68 5.12 -7.07 9.96
CA GLU D 68 4.21 -6.00 10.26
C GLU D 68 3.60 -6.33 11.60
N VAL D 69 3.06 -5.31 12.25
CA VAL D 69 2.44 -5.48 13.54
C VAL D 69 1.05 -4.87 13.38
N PRO D 70 0.03 -5.42 14.06
CA PRO D 70 -1.28 -4.79 13.87
C PRO D 70 -1.21 -3.35 14.33
N PHE D 71 -1.75 -2.44 13.53
CA PHE D 71 -1.70 -1.03 13.87
C PHE D 71 -2.11 -0.70 15.30
N SER D 72 -3.08 -1.44 15.82
CA SER D 72 -3.56 -1.22 17.17
C SER D 72 -2.45 -1.25 18.23
N TYR D 73 -1.31 -1.84 17.90
CA TYR D 73 -0.17 -1.92 18.83
C TYR D 73 0.63 -0.62 18.80
N LEU D 74 0.26 0.30 17.93
CA LEU D 74 1.01 1.54 17.84
C LEU D 74 0.19 2.76 18.23
N ILE D 75 -1.07 2.55 18.59
CA ILE D 75 -1.97 3.62 18.97
C ILE D 75 -2.32 3.56 20.45
N ASP D 76 -1.80 4.53 21.22
CA ASP D 76 -2.08 4.58 22.65
C ASP D 76 -3.41 5.27 22.92
N GLU D 77 -3.62 5.72 24.16
CA GLU D 77 -4.84 6.43 24.55
C GLU D 77 -4.55 7.91 24.65
N THR D 78 -4.78 8.59 23.53
CA THR D 78 -4.57 10.02 23.35
C THR D 78 -4.62 10.02 21.84
N MET D 79 -4.27 8.84 21.32
CA MET D 79 -4.24 8.54 19.90
C MET D 79 -5.63 8.03 19.56
N MET D 80 -6.29 7.46 20.58
CA MET D 80 -7.65 6.89 20.48
C MET D 80 -8.62 7.75 19.68
N ASP D 81 -9.39 7.07 18.84
CA ASP D 81 -10.38 7.69 17.96
C ASP D 81 -9.82 8.89 17.20
N LYS D 82 -8.99 8.56 16.21
CA LYS D 82 -8.40 9.53 15.33
C LYS D 82 -8.41 8.79 14.00
N PRO D 83 -9.02 9.39 12.97
CA PRO D 83 -9.09 8.73 11.66
C PRO D 83 -7.85 7.89 11.38
N LEU D 84 -8.04 6.59 11.21
CA LEU D 84 -6.93 5.70 10.93
C LEU D 84 -6.59 5.85 9.45
N ASN D 85 -6.03 7.01 9.11
CA ASN D 85 -5.64 7.33 7.74
C ASN D 85 -4.26 8.01 7.69
N PHE D 86 -3.91 8.61 6.57
CA PHE D 86 -2.58 9.21 6.47
C PHE D 86 -2.28 10.29 7.50
N ARG D 87 -3.31 11.00 7.95
CA ARG D 87 -3.09 12.06 8.92
C ARG D 87 -2.59 11.61 10.30
N ILE D 88 -2.75 10.33 10.63
CA ILE D 88 -2.29 9.83 11.92
C ILE D 88 -0.79 10.00 12.14
N LEU D 89 -0.01 9.91 11.07
CA LEU D 89 1.45 10.02 11.19
C LEU D 89 1.91 11.34 11.79
N LYS D 90 1.18 12.42 11.52
CA LYS D 90 1.53 13.74 12.04
C LYS D 90 1.58 13.72 13.56
N SER D 91 0.57 13.12 14.19
CA SER D 91 0.54 13.07 15.65
C SER D 91 1.46 12.00 16.23
N PHE D 92 2.73 12.07 15.81
CA PHE D 92 3.77 11.14 16.26
C PHE D 92 5.07 11.93 16.47
N SER D 159 7.43 -21.81 17.59
CA SER D 159 6.34 -21.08 18.22
C SER D 159 6.44 -19.60 17.87
N CYS D 160 7.36 -19.25 16.97
CA CYS D 160 7.54 -17.87 16.54
C CYS D 160 6.53 -17.54 15.44
N SER D 161 6.44 -16.25 15.11
CA SER D 161 5.52 -15.79 14.07
C SER D 161 6.24 -15.73 12.73
N PRO D 162 5.54 -15.31 11.65
CA PRO D 162 6.21 -15.23 10.36
C PRO D 162 7.13 -14.02 10.31
N TRP D 163 8.28 -14.17 9.67
CA TRP D 163 9.23 -13.07 9.54
C TRP D 163 9.83 -13.16 8.15
N SER D 164 10.24 -12.03 7.60
CA SER D 164 10.90 -12.02 6.31
C SER D 164 12.39 -11.95 6.66
N LEU D 165 13.17 -12.97 6.29
CA LEU D 165 14.59 -12.96 6.58
C LEU D 165 15.34 -12.48 5.35
N GLN D 166 16.03 -11.34 5.48
CA GLN D 166 16.77 -10.76 4.38
C GLN D 166 18.24 -10.53 4.72
N ILE D 167 19.06 -10.61 3.68
CA ILE D 167 20.50 -10.38 3.77
C ILE D 167 20.81 -9.67 2.46
N SER D 168 21.16 -8.39 2.54
CA SER D 168 21.44 -7.60 1.35
C SER D 168 22.90 -7.21 1.23
N ASP D 169 23.23 -6.58 0.12
CA ASP D 169 24.59 -6.10 -0.13
C ASP D 169 24.58 -5.20 -1.36
N ILE D 170 25.66 -4.45 -1.55
CA ILE D 170 25.75 -3.56 -2.70
C ILE D 170 26.52 -4.28 -3.81
N PRO D 171 25.81 -4.83 -4.81
CA PRO D 171 26.52 -5.50 -5.89
C PRO D 171 27.38 -4.48 -6.64
N ALA D 172 28.60 -4.88 -7.00
CA ALA D 172 29.50 -3.97 -7.73
C ALA D 172 28.89 -3.56 -9.07
N ALA D 173 27.94 -4.35 -9.54
CA ALA D 173 27.25 -4.09 -10.80
C ALA D 173 26.29 -2.91 -10.70
N GLY D 174 26.44 -2.10 -9.66
CA GLY D 174 25.56 -0.96 -9.50
C GLY D 174 26.20 0.28 -8.90
N ASN D 175 27.44 0.14 -8.43
CA ASN D 175 28.16 1.26 -7.82
C ASN D 175 28.22 2.49 -8.73
N ASN D 176 28.16 2.24 -10.05
CA ASN D 176 28.24 3.32 -11.04
C ASN D 176 26.88 3.90 -11.44
N ARG D 177 25.80 3.47 -10.80
CA ARG D 177 24.46 3.94 -11.13
C ARG D 177 24.09 5.27 -10.45
N SER D 178 23.09 5.95 -11.01
CA SER D 178 22.63 7.22 -10.44
C SER D 178 21.44 7.00 -9.49
N VAL D 179 21.25 5.75 -9.08
CA VAL D 179 20.21 5.41 -8.13
C VAL D 179 20.90 4.43 -7.22
N SER D 180 20.32 4.18 -6.07
CA SER D 180 20.89 3.23 -5.14
C SER D 180 20.53 1.84 -5.67
N MET D 181 21.48 0.90 -5.64
CA MET D 181 21.19 -0.46 -6.11
C MET D 181 21.60 -1.48 -5.07
N GLN D 182 20.67 -2.33 -4.70
CA GLN D 182 20.96 -3.31 -3.67
C GLN D 182 20.39 -4.68 -4.03
N THR D 183 21.14 -5.73 -3.70
CA THR D 183 20.72 -7.09 -3.97
C THR D 183 20.16 -7.62 -2.69
N ILE D 184 18.98 -8.22 -2.76
CA ILE D 184 18.39 -8.74 -1.55
C ILE D 184 18.07 -10.21 -1.68
N ALA D 185 18.65 -11.01 -0.80
CA ALA D 185 18.41 -12.43 -0.78
C ALA D 185 17.40 -12.58 0.33
N GLU D 186 16.29 -13.25 0.03
CA GLU D 186 15.26 -13.38 1.03
C GLU D 186 14.65 -14.77 1.14
N THR D 187 14.14 -15.05 2.32
CA THR D 187 13.41 -16.28 2.55
C THR D 187 12.37 -15.93 3.61
N ILE D 188 11.35 -16.74 3.73
CA ILE D 188 10.30 -16.49 4.69
C ILE D 188 10.35 -17.51 5.82
N ILE D 189 10.16 -17.05 7.06
CA ILE D 189 10.14 -17.95 8.23
C ILE D 189 8.67 -18.10 8.60
N LEU D 190 8.14 -19.32 8.51
CA LEU D 190 6.74 -19.55 8.81
C LEU D 190 6.46 -19.98 10.24
N SER D 191 7.41 -20.72 10.83
CA SER D 191 7.22 -21.18 12.18
C SER D 191 8.45 -21.87 12.74
N SER D 192 8.34 -22.33 13.98
CA SER D 192 9.45 -22.99 14.64
C SER D 192 8.89 -23.92 15.69
N ALA D 193 9.74 -24.80 16.22
CA ALA D 193 9.33 -25.75 17.24
C ALA D 193 10.53 -26.26 18.01
N GLY D 194 10.25 -26.98 19.10
CA GLY D 194 11.30 -27.52 19.95
C GLY D 194 11.42 -26.65 21.19
N LYS D 195 12.58 -26.69 21.83
CA LYS D 195 12.79 -25.89 23.02
C LYS D 195 13.36 -24.50 22.68
N ASN D 196 14.32 -24.46 21.78
CA ASN D 196 14.92 -23.18 21.36
C ASN D 196 14.08 -22.63 20.21
N SER D 197 12.78 -22.51 20.44
CA SER D 197 11.84 -22.04 19.43
C SER D 197 11.81 -20.52 19.18
N SER D 198 12.24 -19.73 20.15
CA SER D 198 12.22 -18.28 20.01
C SER D 198 13.05 -17.86 18.80
N VAL D 199 12.60 -16.80 18.13
CA VAL D 199 13.26 -16.30 16.96
C VAL D 199 14.69 -15.88 17.31
N SER D 200 14.86 -15.40 18.54
CA SER D 200 16.18 -14.98 18.99
C SER D 200 17.06 -16.24 19.14
N SER D 201 16.50 -17.30 19.70
CA SER D 201 17.23 -18.55 19.86
C SER D 201 17.69 -19.06 18.50
N LEU D 202 16.77 -19.07 17.55
CA LEU D 202 17.04 -19.54 16.20
C LEU D 202 18.17 -18.77 15.56
N MET D 203 18.21 -17.46 15.78
CA MET D 203 19.28 -16.66 15.21
C MET D 203 20.62 -16.96 15.92
N ASN D 204 20.56 -17.23 17.22
CA ASN D 204 21.77 -17.56 17.97
C ASN D 204 22.27 -18.89 17.40
N GLY D 205 21.32 -19.77 17.09
CA GLY D 205 21.66 -21.07 16.53
C GLY D 205 22.47 -20.95 15.24
N LEU D 206 22.11 -19.98 14.41
CA LEU D 206 22.81 -19.77 13.16
C LEU D 206 24.14 -19.07 13.39
N GLY D 207 24.33 -18.59 14.62
CA GLY D 207 25.57 -17.91 14.97
C GLY D 207 25.54 -16.42 14.73
N TYR D 208 24.42 -15.81 15.10
CA TYR D 208 24.23 -14.37 14.95
C TYR D 208 23.65 -13.83 16.25
N VAL D 209 23.83 -12.54 16.51
CA VAL D 209 23.27 -11.95 17.73
C VAL D 209 22.58 -10.62 17.46
N PHE D 210 21.60 -10.33 18.29
CA PHE D 210 20.84 -9.10 18.15
C PHE D 210 21.75 -7.89 18.16
N GLU D 211 21.52 -6.97 17.23
CA GLU D 211 22.32 -5.77 17.15
C GLU D 211 21.47 -4.53 17.20
N PHE D 212 20.69 -4.32 16.16
CA PHE D 212 19.86 -3.14 16.04
C PHE D 212 18.38 -3.48 15.94
N GLN D 213 17.54 -2.47 16.03
CA GLN D 213 16.11 -2.67 15.95
C GLN D 213 15.41 -1.35 15.69
N TYR D 214 14.48 -1.36 14.76
CA TYR D 214 13.75 -0.14 14.44
C TYR D 214 12.37 -0.41 13.91
N LEU D 215 11.52 0.60 13.95
CA LEU D 215 10.14 0.51 13.51
C LEU D 215 9.84 1.64 12.54
N THR D 216 9.04 1.34 11.51
CA THR D 216 8.67 2.37 10.54
C THR D 216 7.15 2.40 10.39
N ILE D 217 6.61 3.60 10.23
CA ILE D 217 5.17 3.79 10.04
C ILE D 217 5.08 4.79 8.92
N GLY D 218 4.38 4.44 7.86
CA GLY D 218 4.27 5.38 6.74
C GLY D 218 3.08 5.08 5.87
N VAL D 219 3.08 5.68 4.70
CA VAL D 219 2.04 5.41 3.73
C VAL D 219 2.78 5.10 2.46
N LYS D 220 2.23 4.21 1.64
CA LYS D 220 2.86 3.86 0.38
C LYS D 220 1.87 4.13 -0.74
N PHE D 221 2.44 4.40 -1.91
CA PHE D 221 1.70 4.68 -3.12
C PHE D 221 2.17 3.73 -4.22
N PHE D 222 1.21 3.18 -4.97
CA PHE D 222 1.56 2.32 -6.09
C PHE D 222 1.52 3.18 -7.35
N MET D 223 2.62 3.24 -8.07
CA MET D 223 2.67 4.01 -9.32
C MET D 223 2.90 3.05 -10.47
N LYS D 224 3.09 3.56 -11.68
CA LYS D 224 3.29 2.68 -12.82
C LYS D 224 4.69 2.07 -12.89
N HIS D 225 4.77 0.90 -13.52
CA HIS D 225 6.02 0.17 -13.72
C HIS D 225 6.64 -0.39 -12.46
N GLY D 226 5.79 -0.85 -11.55
CA GLY D 226 6.25 -1.43 -10.30
C GLY D 226 6.88 -0.46 -9.33
N LEU D 227 6.78 0.83 -9.63
CA LEU D 227 7.35 1.82 -8.74
C LEU D 227 6.49 1.96 -7.46
N ILE D 228 7.14 1.87 -6.31
CA ILE D 228 6.46 2.02 -5.04
C ILE D 228 7.07 3.21 -4.28
N LEU D 229 6.20 4.06 -3.76
CA LEU D 229 6.61 5.25 -3.00
C LEU D 229 6.24 5.13 -1.52
N GLU D 230 7.21 5.28 -0.61
CA GLU D 230 6.92 5.21 0.83
C GLU D 230 7.28 6.51 1.57
N LEU D 231 6.29 7.11 2.24
CA LEU D 231 6.48 8.35 3.00
C LEU D 231 6.35 7.87 4.44
N GLN D 232 7.44 7.93 5.20
CA GLN D 232 7.44 7.32 6.53
C GLN D 232 8.26 8.02 7.63
N LYS D 233 8.08 7.54 8.86
CA LYS D 233 8.83 8.04 9.99
C LYS D 233 9.47 6.80 10.57
N ILE D 234 10.68 6.95 11.12
CA ILE D 234 11.40 5.81 11.67
C ILE D 234 11.86 6.03 13.11
N TRP D 235 11.68 5.00 13.92
CA TRP D 235 12.05 5.02 15.33
C TRP D 235 12.98 3.85 15.63
N GLN D 236 14.12 4.12 16.24
CA GLN D 236 14.99 3.01 16.62
C GLN D 236 14.68 2.71 18.08
N ILE D 237 14.37 1.45 18.36
CA ILE D 237 14.03 1.05 19.72
C ILE D 237 15.28 0.73 20.52
N GLU D 238 15.57 1.58 21.49
CA GLU D 238 16.73 1.43 22.36
C GLU D 238 16.29 0.82 23.69
N GLU D 239 17.26 0.43 24.51
CA GLU D 239 16.97 -0.16 25.81
C GLU D 239 16.40 0.90 26.75
N ALA D 240 16.79 2.16 26.51
CA ALA D 240 16.34 3.28 27.34
C ALA D 240 15.11 3.98 26.76
N GLY D 241 14.84 3.78 25.48
CA GLY D 241 13.68 4.42 24.87
C GLY D 241 13.68 4.44 23.35
N ASN D 242 12.58 4.91 22.78
CA ASN D 242 12.45 4.98 21.32
C ASN D 242 12.76 6.40 20.80
N SER D 243 13.70 6.48 19.87
CA SER D 243 14.07 7.77 19.29
C SER D 243 13.78 7.83 17.78
N GLN D 244 12.92 8.76 17.38
CA GLN D 244 12.56 8.91 15.98
C GLN D 244 13.69 9.50 15.15
N ILE D 245 14.40 8.64 14.43
CA ILE D 245 15.50 9.08 13.57
C ILE D 245 15.02 10.12 12.56
N THR D 246 13.72 10.12 12.28
CA THR D 246 13.13 11.03 11.32
C THR D 246 12.45 12.27 11.94
N SER D 247 12.62 12.45 13.25
CA SER D 247 12.01 13.58 13.98
C SER D 247 12.00 14.88 13.19
N GLY D 248 10.81 15.48 13.06
CA GLY D 248 10.69 16.73 12.33
C GLY D 248 10.11 16.57 10.94
N GLY D 249 10.30 15.40 10.35
CA GLY D 249 9.77 15.18 9.01
C GLY D 249 9.57 13.74 8.59
N PHE D 250 9.49 13.54 7.28
CA PHE D 250 9.29 12.23 6.72
C PHE D 250 10.36 11.87 5.72
N LEU D 251 10.75 10.60 5.74
CA LEU D 251 11.72 10.08 4.79
C LEU D 251 10.90 9.56 3.62
N LEU D 252 11.26 9.95 2.40
CA LEU D 252 10.57 9.46 1.22
C LEU D 252 11.46 8.44 0.51
N LYS D 253 10.95 7.22 0.31
CA LYS D 253 11.71 6.20 -0.39
C LYS D 253 10.93 5.79 -1.62
N ALA D 254 11.58 5.88 -2.77
CA ALA D 254 10.99 5.49 -4.04
C ALA D 254 11.82 4.31 -4.52
N TYR D 255 11.19 3.18 -4.81
CA TYR D 255 11.96 2.03 -5.24
C TYR D 255 11.20 1.09 -6.19
N ILE D 256 11.97 0.19 -6.78
CA ILE D 256 11.43 -0.81 -7.67
C ILE D 256 12.25 -2.09 -7.49
N ASN D 257 11.57 -3.21 -7.28
CA ASN D 257 12.26 -4.49 -7.17
C ASN D 257 12.27 -5.06 -8.59
N VAL D 258 13.41 -5.58 -9.02
CA VAL D 258 13.52 -6.12 -10.36
C VAL D 258 14.57 -7.19 -10.40
N SER D 259 14.43 -8.13 -11.32
CA SER D 259 15.42 -9.17 -11.49
C SER D 259 15.95 -9.10 -12.90
N ARG D 260 17.13 -9.63 -13.09
CA ARG D 260 17.77 -9.68 -14.40
C ARG D 260 16.93 -10.70 -15.18
N GLY D 261 16.80 -10.51 -16.48
CA GLY D 261 16.04 -11.45 -17.28
C GLY D 261 16.60 -11.61 -18.68
N THR D 262 15.72 -11.83 -19.65
CA THR D 262 16.08 -12.04 -21.05
C THR D 262 16.56 -10.77 -21.74
N ASP D 263 15.81 -9.69 -21.57
CA ASP D 263 16.18 -8.43 -22.17
C ASP D 263 17.34 -7.90 -21.31
N ILE D 264 18.50 -7.69 -21.93
CA ILE D 264 19.68 -7.21 -21.21
C ILE D 264 19.53 -5.77 -20.71
N ASP D 265 18.51 -5.07 -21.22
CA ASP D 265 18.24 -3.68 -20.85
C ASP D 265 17.31 -3.49 -19.65
N ARG D 266 16.86 -4.58 -19.05
CA ARG D 266 15.93 -4.53 -17.93
C ARG D 266 16.32 -3.62 -16.75
N ILE D 267 17.52 -3.78 -16.21
CA ILE D 267 17.96 -2.96 -15.10
C ILE D 267 18.04 -1.47 -15.48
N ASN D 268 18.54 -1.17 -16.69
CA ASN D 268 18.67 0.22 -17.13
C ASN D 268 17.29 0.86 -17.24
N TYR D 269 16.34 0.14 -17.83
CA TYR D 269 14.98 0.65 -18.00
C TYR D 269 14.39 1.02 -16.63
N THR D 270 14.67 0.20 -15.63
CA THR D 270 14.18 0.41 -14.28
C THR D 270 14.79 1.70 -13.69
N GLU D 271 16.07 1.91 -13.96
CA GLU D 271 16.74 3.09 -13.44
C GLU D 271 16.05 4.30 -14.06
N THR D 272 15.72 4.18 -15.34
CA THR D 272 15.06 5.22 -16.09
C THR D 272 13.68 5.62 -15.52
N VAL D 273 12.95 4.65 -15.00
CA VAL D 273 11.65 4.95 -14.44
C VAL D 273 11.93 5.81 -13.21
N LEU D 274 12.84 5.36 -12.35
CA LEU D 274 13.22 6.09 -11.14
C LEU D 274 13.66 7.54 -11.43
N MET D 275 14.49 7.71 -12.46
CA MET D 275 14.97 9.03 -12.83
C MET D 275 13.88 9.93 -13.42
N ASN D 276 12.84 9.33 -14.01
CA ASN D 276 11.77 10.14 -14.56
C ASN D 276 10.94 10.69 -13.38
N LEU D 277 10.75 9.86 -12.37
CA LEU D 277 9.99 10.26 -11.20
C LEU D 277 10.74 11.40 -10.53
N LYS D 278 12.06 11.29 -10.47
CA LYS D 278 12.92 12.31 -9.87
C LYS D 278 12.62 13.67 -10.48
N LYS D 279 12.54 13.70 -11.80
CA LYS D 279 12.23 14.92 -12.52
C LYS D 279 10.78 15.35 -12.25
N GLU D 280 9.86 14.39 -12.34
CA GLU D 280 8.45 14.67 -12.11
C GLU D 280 8.21 15.28 -10.71
N LEU D 281 9.06 14.91 -9.76
CA LEU D 281 8.93 15.38 -8.39
C LEU D 281 9.87 16.50 -7.96
N GLN D 282 10.75 16.95 -8.87
CA GLN D 282 11.76 17.96 -8.53
C GLN D 282 11.26 19.31 -7.99
N GLY D 283 10.06 19.71 -8.38
CA GLY D 283 9.54 20.96 -7.85
C GLY D 283 8.97 20.76 -6.45
N TYR D 284 8.72 19.50 -6.08
CA TYR D 284 8.13 19.17 -4.78
C TYR D 284 9.12 18.59 -3.75
N ILE D 285 10.08 17.81 -4.20
CA ILE D 285 11.02 17.21 -3.28
C ILE D 285 12.20 16.63 -4.06
N GLU D 286 13.40 16.85 -3.56
CA GLU D 286 14.63 16.40 -4.16
C GLU D 286 14.89 14.92 -3.87
N LEU D 287 15.03 14.10 -4.91
CA LEU D 287 15.32 12.68 -4.71
C LEU D 287 16.79 12.43 -5.00
N SER D 288 17.44 11.64 -4.17
CA SER D 288 18.84 11.33 -4.41
C SER D 288 19.28 10.06 -3.68
N VAL D 289 20.56 9.74 -3.78
CA VAL D 289 21.08 8.56 -3.12
C VAL D 289 21.87 9.03 -1.91
N PRO D 290 21.72 8.35 -0.77
CA PRO D 290 22.48 8.82 0.39
C PRO D 290 23.98 8.63 0.14
N ASP D 291 24.79 9.58 0.62
CA ASP D 291 26.24 9.52 0.40
C ASP D 291 27.00 8.48 1.23
N ARG D 292 28.29 8.35 0.92
CA ARG D 292 29.20 7.40 1.58
C ARG D 292 29.33 7.48 3.10
N GLN D 293 29.89 8.59 3.60
CA GLN D 293 30.08 8.74 5.05
C GLN D 293 28.79 8.82 5.83
N SER D 294 27.75 8.20 5.28
CA SER D 294 26.45 8.15 5.91
C SER D 294 26.11 6.67 5.87
N MET D 295 26.38 6.07 4.72
CA MET D 295 26.15 4.65 4.51
C MET D 295 27.12 3.87 5.40
N ASP D 296 28.31 4.42 5.57
CA ASP D 296 29.36 3.78 6.36
C ASP D 296 29.28 4.06 7.86
N SER D 297 28.65 5.16 8.24
CA SER D 297 28.52 5.53 9.65
C SER D 297 28.04 4.33 10.49
N ARG D 298 28.58 4.21 11.69
CA ARG D 298 28.21 3.13 12.60
C ARG D 298 26.74 3.24 13.00
N VAL D 299 26.26 4.48 13.00
CA VAL D 299 24.89 4.79 13.37
C VAL D 299 23.90 4.13 12.41
N ALA D 300 24.33 3.97 11.15
CA ALA D 300 23.49 3.37 10.11
C ALA D 300 23.43 1.86 10.17
N HIS D 301 24.50 1.23 10.65
CA HIS D 301 24.54 -0.22 10.74
C HIS D 301 24.45 -0.89 9.37
N GLY D 302 24.99 -0.24 8.34
CA GLY D 302 24.96 -0.81 7.00
C GLY D 302 23.58 -0.89 6.37
N ASN D 303 22.60 -0.26 7.00
CA ASN D 303 21.24 -0.26 6.49
C ASN D 303 21.01 1.05 5.73
N ILE D 304 20.74 0.94 4.43
CA ILE D 304 20.54 2.13 3.60
C ILE D 304 19.37 3.03 4.03
N LEU D 305 18.27 2.43 4.46
CA LEU D 305 17.10 3.21 4.89
C LEU D 305 17.50 4.10 6.08
N ILE D 306 18.10 3.49 7.09
CA ILE D 306 18.55 4.23 8.26
C ILE D 306 19.61 5.26 7.88
N ALA D 307 20.43 4.92 6.88
CA ALA D 307 21.45 5.85 6.43
C ALA D 307 20.78 7.09 5.83
N ALA D 308 19.81 6.88 4.95
CA ALA D 308 19.12 7.98 4.30
C ALA D 308 18.33 8.83 5.31
N ALA D 309 17.79 8.19 6.33
CA ALA D 309 17.04 8.90 7.34
C ALA D 309 17.96 9.81 8.17
N LEU D 310 19.15 9.31 8.50
CA LEU D 310 20.11 10.07 9.29
C LEU D 310 20.76 11.18 8.48
N GLU D 311 20.93 10.92 7.20
CA GLU D 311 21.55 11.92 6.33
C GLU D 311 20.70 13.17 6.31
N HIS D 312 19.41 13.00 6.03
CA HIS D 312 18.47 14.12 5.96
C HIS D 312 18.19 14.69 7.36
N GLY E 4 6.06 31.07 -54.36
CA GLY E 4 6.13 32.45 -53.81
C GLY E 4 4.80 33.18 -53.85
N LYS E 5 4.79 34.45 -53.46
CA LYS E 5 3.56 35.25 -53.48
C LYS E 5 3.83 36.74 -53.31
N SER E 6 5.10 37.10 -53.23
CA SER E 6 5.50 38.51 -53.07
C SER E 6 6.56 38.91 -54.09
N ALA E 7 6.53 40.18 -54.48
CA ALA E 7 7.48 40.73 -55.44
C ALA E 7 7.51 42.26 -55.37
N VAL E 8 8.71 42.81 -55.32
CA VAL E 8 8.89 44.27 -55.28
C VAL E 8 9.77 44.75 -56.41
N ILE E 9 9.49 45.96 -56.90
CA ILE E 9 10.24 46.59 -57.99
C ILE E 9 10.38 48.09 -57.71
N PHE E 10 11.62 48.58 -57.79
CA PHE E 10 11.87 50.00 -57.54
C PHE E 10 12.38 50.74 -58.78
N VAL E 11 11.67 51.81 -59.15
CA VAL E 11 12.03 52.63 -60.31
C VAL E 11 12.77 53.91 -59.89
N GLU E 12 14.08 53.93 -60.10
CA GLU E 12 14.90 55.09 -59.72
C GLU E 12 14.65 56.27 -60.66
N ARG E 13 14.67 55.99 -61.96
CA ARG E 13 14.46 57.02 -62.97
C ARG E 13 12.98 57.24 -63.26
N ALA E 14 12.41 58.25 -62.64
CA ALA E 14 11.00 58.56 -62.84
C ALA E 14 10.64 59.92 -62.28
N THR E 15 9.34 60.19 -62.26
CA THR E 15 8.82 61.44 -61.73
C THR E 15 7.48 61.13 -61.09
N PRO E 16 6.99 62.01 -60.19
CA PRO E 16 5.72 61.77 -59.54
C PRO E 16 4.65 61.27 -60.53
N ALA E 17 4.68 61.82 -61.73
CA ALA E 17 3.72 61.46 -62.77
C ALA E 17 3.89 60.01 -63.27
N THR E 18 5.07 59.44 -63.10
CA THR E 18 5.35 58.08 -63.55
C THR E 18 4.34 57.11 -62.93
N LEU E 19 3.93 57.39 -61.71
CA LEU E 19 2.97 56.54 -61.01
C LEU E 19 1.66 56.60 -61.78
N THR E 20 1.23 57.83 -62.07
CA THR E 20 -0.01 58.06 -62.81
C THR E 20 -0.03 57.28 -64.12
N GLU E 21 1.09 57.31 -64.82
CA GLU E 21 1.24 56.63 -66.11
C GLU E 21 1.04 55.11 -66.03
N LEU E 22 1.72 54.48 -65.06
CA LEU E 22 1.61 53.03 -64.91
C LEU E 22 0.20 52.60 -64.53
N LYS E 23 -0.53 53.51 -63.91
CA LYS E 23 -1.91 53.23 -63.51
C LYS E 23 -2.81 53.25 -64.74
N ASP E 24 -2.52 54.17 -65.65
CA ASP E 24 -3.29 54.30 -66.89
C ASP E 24 -3.01 53.11 -67.81
N ALA E 25 -1.78 52.61 -67.74
CA ALA E 25 -1.39 51.47 -68.55
C ALA E 25 -2.03 50.20 -68.02
N LEU E 26 -2.22 50.13 -66.71
CA LEU E 26 -2.83 48.96 -66.07
C LEU E 26 -4.35 49.00 -66.08
N SER E 27 -4.91 50.14 -66.43
CA SER E 27 -6.36 50.30 -66.49
C SER E 27 -6.93 49.28 -67.46
N ASN E 28 -8.26 49.25 -67.59
CA ASN E 28 -8.92 48.30 -68.49
C ASN E 28 -8.64 46.88 -67.98
N SER E 29 -7.91 46.82 -66.87
CA SER E 29 -7.55 45.57 -66.24
C SER E 29 -7.74 45.74 -64.73
N ILE E 30 -7.88 47.00 -64.31
CA ILE E 30 -8.08 47.37 -62.91
C ILE E 30 -9.50 47.00 -62.46
N LEU E 31 -9.66 45.77 -61.99
CA LEU E 31 -10.96 45.30 -61.52
C LEU E 31 -11.51 46.26 -60.46
N SER E 32 -10.68 46.55 -59.46
CA SER E 32 -11.09 47.44 -58.36
C SER E 32 -9.93 48.31 -57.87
N VAL E 33 -10.27 49.30 -57.04
CA VAL E 33 -9.30 50.22 -56.45
C VAL E 33 -9.57 50.36 -54.96
N ARG E 34 -8.68 49.82 -54.14
CA ARG E 34 -8.84 49.87 -52.69
C ARG E 34 -8.30 51.12 -52.02
N ASP E 35 -8.32 51.11 -50.69
CA ASP E 35 -7.87 52.21 -49.85
C ASP E 35 -6.41 52.61 -50.06
N PRO E 36 -6.05 53.84 -49.63
CA PRO E 36 -4.70 54.36 -49.76
C PRO E 36 -3.84 53.91 -48.57
N TRP E 37 -2.61 53.48 -48.87
CA TRP E 37 -1.70 53.02 -47.83
C TRP E 37 -0.43 53.86 -47.83
N SER E 38 0.31 53.82 -46.72
CA SER E 38 1.55 54.57 -46.61
C SER E 38 2.64 53.61 -46.12
N ILE E 39 3.88 54.11 -46.06
CA ILE E 39 5.00 53.29 -45.62
C ILE E 39 6.18 54.14 -45.21
N ASP E 40 7.07 53.57 -44.40
CA ASP E 40 8.25 54.27 -43.94
C ASP E 40 9.43 53.32 -44.07
N PHE E 41 10.53 53.80 -44.61
CA PHE E 41 11.72 52.99 -44.80
C PHE E 41 12.92 53.71 -44.20
N ARG E 42 13.33 53.26 -43.02
CA ARG E 42 14.44 53.87 -42.31
C ARG E 42 15.72 53.06 -42.40
N THR E 43 16.84 53.75 -42.20
CA THR E 43 18.15 53.13 -42.23
C THR E 43 18.86 53.47 -40.94
N TYR E 44 19.45 52.47 -40.30
CA TYR E 44 20.16 52.68 -39.04
C TYR E 44 21.63 52.28 -39.19
N ARG E 45 22.51 53.05 -38.56
CA ARG E 45 23.93 52.77 -38.62
C ARG E 45 24.51 52.58 -37.22
N CYS E 46 25.16 51.45 -37.02
CA CYS E 46 25.77 51.11 -35.74
C CYS E 46 26.99 52.01 -35.47
N SER E 47 27.01 52.62 -34.30
CA SER E 47 28.10 53.50 -33.91
C SER E 47 29.21 52.78 -33.17
N ILE E 48 29.21 51.46 -33.23
CA ILE E 48 30.23 50.68 -32.53
C ILE E 48 31.47 50.48 -33.40
N LYS E 49 32.59 50.14 -32.76
CA LYS E 49 33.85 49.91 -33.45
C LYS E 49 34.04 48.41 -33.67
N ASN E 50 33.61 47.94 -34.84
CA ASN E 50 33.68 46.52 -35.21
C ASN E 50 33.07 45.65 -34.11
N LYS E 57 27.29 46.95 -40.35
CA LYS E 57 26.84 47.64 -39.15
C LYS E 57 25.68 48.58 -39.42
N LEU E 58 24.67 48.07 -40.13
CA LEU E 58 23.49 48.85 -40.46
C LEU E 58 22.27 47.95 -40.60
N MET E 59 21.10 48.47 -40.25
CA MET E 59 19.88 47.68 -40.34
C MET E 59 18.71 48.54 -40.80
N TYR E 60 17.74 47.91 -41.47
CA TYR E 60 16.59 48.62 -42.00
C TYR E 60 15.28 48.40 -41.27
N SER E 61 14.51 49.49 -41.14
CA SER E 61 13.22 49.48 -40.47
C SER E 61 12.09 49.74 -41.47
N ILE E 62 11.28 48.73 -41.72
CA ILE E 62 10.17 48.87 -42.67
C ILE E 62 8.82 48.93 -41.98
N THR E 63 8.27 50.13 -41.86
CA THR E 63 6.97 50.31 -41.21
C THR E 63 5.80 50.35 -42.19
N PHE E 64 4.92 49.36 -42.10
CA PHE E 64 3.75 49.27 -42.96
C PHE E 64 2.54 49.91 -42.27
N HIS E 65 1.66 50.55 -43.04
CA HIS E 65 0.48 51.21 -42.48
C HIS E 65 -0.81 50.55 -42.95
N HIS E 66 -0.78 49.23 -43.12
CA HIS E 66 -1.95 48.49 -43.56
C HIS E 66 -2.90 48.25 -42.40
N HIS E 67 -3.74 49.24 -42.11
CA HIS E 67 -4.72 49.16 -41.03
C HIS E 67 -4.06 48.72 -39.73
N GLY E 68 -2.81 49.12 -39.54
CA GLY E 68 -2.09 48.74 -38.34
C GLY E 68 -0.60 48.71 -38.56
N ARG E 69 0.11 49.64 -37.93
CA ARG E 69 1.55 49.74 -38.06
C ARG E 69 2.28 48.48 -37.60
N GLN E 70 2.85 47.77 -38.57
CA GLN E 70 3.59 46.55 -38.33
C GLN E 70 5.00 46.74 -38.93
N THR E 71 5.98 47.00 -38.07
CA THR E 71 7.36 47.24 -38.52
C THR E 71 8.24 46.00 -38.53
N VAL E 72 9.14 45.94 -39.51
CA VAL E 72 10.06 44.81 -39.63
C VAL E 72 11.50 45.29 -39.70
N LEU E 73 12.37 44.62 -38.96
CA LEU E 73 13.79 44.97 -38.94
C LEU E 73 14.58 43.93 -39.71
N ILE E 74 15.36 44.41 -40.68
CA ILE E 74 16.18 43.52 -41.50
C ILE E 74 17.64 43.73 -41.17
N LYS E 75 18.39 42.63 -41.08
CA LYS E 75 19.81 42.71 -40.77
C LYS E 75 20.55 41.39 -40.90
N ASP E 76 21.43 41.31 -41.90
CA ASP E 76 22.24 40.12 -42.15
C ASP E 76 21.41 38.89 -42.49
N ASN E 77 20.52 39.02 -43.45
CA ASN E 77 19.68 37.90 -43.88
C ASN E 77 18.82 37.36 -42.73
N SER E 78 18.27 38.27 -41.95
CA SER E 78 17.41 37.92 -40.83
C SER E 78 16.36 39.00 -40.70
N ALA E 79 15.16 38.62 -40.27
CA ALA E 79 14.07 39.56 -40.11
C ALA E 79 13.36 39.38 -38.75
N MET E 80 12.79 40.47 -38.25
CA MET E 80 12.08 40.47 -36.97
C MET E 80 10.81 41.30 -37.09
N VAL E 81 9.65 40.65 -36.99
CA VAL E 81 8.39 41.36 -37.09
C VAL E 81 7.97 41.94 -35.74
N THR E 82 7.55 43.19 -35.71
CA THR E 82 7.09 43.81 -34.48
C THR E 82 5.80 44.56 -34.77
N THR E 83 5.17 45.09 -33.73
CA THR E 83 3.91 45.81 -33.91
C THR E 83 3.61 46.69 -32.72
N ALA E 84 2.81 47.72 -32.94
CA ALA E 84 2.43 48.65 -31.89
C ALA E 84 0.92 48.63 -31.79
N ALA E 85 0.30 47.78 -32.61
CA ALA E 85 -1.15 47.67 -32.62
C ALA E 85 -1.61 46.71 -31.54
N ALA E 86 -2.24 47.25 -30.49
CA ALA E 86 -2.74 46.44 -29.39
C ALA E 86 -3.41 45.19 -29.97
N ALA E 87 -4.30 45.41 -30.93
CA ALA E 87 -5.03 44.33 -31.58
C ALA E 87 -4.14 43.19 -32.08
N ASP E 88 -2.83 43.42 -32.10
CA ASP E 88 -1.89 42.42 -32.57
C ASP E 88 -1.23 41.61 -31.46
N ILE E 89 -1.40 42.04 -30.22
CA ILE E 89 -0.79 41.32 -29.10
C ILE E 89 -1.52 40.03 -28.76
N PRO E 90 -0.78 38.92 -28.61
CA PRO E 90 -1.43 37.66 -28.26
C PRO E 90 -2.16 37.87 -26.91
N PRO E 91 -3.45 37.54 -26.83
CA PRO E 91 -4.21 37.73 -25.59
C PRO E 91 -3.55 37.16 -24.32
N ALA E 92 -2.84 36.04 -24.49
CA ALA E 92 -2.16 35.37 -23.38
C ALA E 92 -1.07 36.24 -22.76
N LEU E 93 -0.40 37.02 -23.61
CA LEU E 93 0.68 37.90 -23.16
C LEU E 93 0.11 39.08 -22.40
N VAL E 94 -1.16 39.35 -22.64
CA VAL E 94 -1.82 40.43 -21.92
C VAL E 94 -2.23 39.92 -20.54
N PHE E 95 -2.76 38.71 -20.49
CA PHE E 95 -3.20 38.10 -19.26
C PHE E 95 -2.11 37.80 -18.22
N ASN E 96 -1.00 37.24 -18.68
CA ASN E 96 0.07 36.88 -17.75
C ASN E 96 0.96 38.05 -17.36
N GLY E 97 0.70 39.22 -17.90
CA GLY E 97 1.50 40.38 -17.56
C GLY E 97 2.79 40.56 -18.34
N SER E 98 3.07 39.70 -19.31
CA SER E 98 4.30 39.88 -20.08
C SER E 98 4.23 41.25 -20.77
N SER E 99 3.05 41.60 -21.26
CA SER E 99 2.83 42.88 -21.93
C SER E 99 1.95 43.83 -21.14
N THR E 100 2.25 45.13 -21.21
CA THR E 100 1.47 46.15 -20.53
C THR E 100 0.14 46.34 -21.26
N GLY E 101 0.06 45.87 -22.49
CA GLY E 101 -1.14 46.05 -23.27
C GLY E 101 -1.06 47.37 -24.02
N VAL E 102 0.04 48.09 -23.86
CA VAL E 102 0.21 49.37 -24.54
C VAL E 102 1.58 49.48 -25.20
N PRO E 103 1.77 48.78 -26.33
CA PRO E 103 3.04 48.81 -27.04
C PRO E 103 3.23 50.09 -27.87
N GLU E 104 4.44 50.24 -28.40
CA GLU E 104 4.79 51.38 -29.22
C GLU E 104 5.72 50.87 -30.30
N SER E 105 6.01 51.71 -31.28
CA SER E 105 6.87 51.33 -32.39
C SER E 105 8.30 50.98 -31.98
N ILE E 106 8.85 49.98 -32.65
CA ILE E 106 10.22 49.56 -32.38
C ILE E 106 11.17 50.73 -32.71
N ASP E 107 10.77 51.54 -33.70
CA ASP E 107 11.58 52.69 -34.10
C ASP E 107 11.68 53.72 -32.99
N THR E 108 10.57 53.87 -32.25
CA THR E 108 10.52 54.80 -31.13
C THR E 108 11.43 54.29 -30.01
N ILE E 109 11.46 52.96 -29.83
CA ILE E 109 12.31 52.37 -28.80
C ILE E 109 13.76 52.62 -29.20
N LEU E 110 14.07 52.31 -30.46
CA LEU E 110 15.42 52.50 -30.99
C LEU E 110 15.93 53.93 -30.83
N SER E 111 15.10 54.90 -31.21
CA SER E 111 15.49 56.30 -31.14
C SER E 111 15.59 56.86 -29.73
N SER E 112 14.67 56.47 -28.85
CA SER E 112 14.70 56.99 -27.48
C SER E 112 15.54 56.20 -26.49
N LYS E 113 15.81 54.93 -26.78
CA LYS E 113 16.57 54.10 -25.85
C LYS E 113 17.83 53.43 -26.41
N LEU E 114 17.97 53.39 -27.72
CA LEU E 114 19.16 52.77 -28.32
C LEU E 114 20.01 53.72 -29.16
N SER E 115 19.86 55.02 -28.92
CA SER E 115 20.60 56.06 -29.63
C SER E 115 22.10 55.80 -29.61
N ASN E 116 22.61 55.41 -28.46
CA ASN E 116 24.04 55.13 -28.28
C ASN E 116 24.54 53.95 -29.11
N ILE E 117 23.63 53.17 -29.69
CA ILE E 117 24.05 52.03 -30.49
C ILE E 117 23.70 52.24 -31.94
N TRP E 118 22.44 52.63 -32.20
CA TRP E 118 21.98 52.84 -33.55
C TRP E 118 21.63 54.30 -33.84
N MET E 119 21.96 54.74 -35.04
CA MET E 119 21.70 56.10 -35.46
C MET E 119 20.88 56.06 -36.74
N GLN E 120 19.82 56.86 -36.80
CA GLN E 120 19.00 56.90 -38.00
C GLN E 120 19.64 57.87 -38.98
N ARG E 121 20.15 57.33 -40.09
CA ARG E 121 20.80 58.14 -41.11
C ARG E 121 20.06 58.11 -42.44
N GLN E 122 18.76 57.86 -42.39
CA GLN E 122 17.94 57.78 -43.61
C GLN E 122 16.47 57.54 -43.30
N LEU E 123 15.60 58.29 -43.96
CA LEU E 123 14.16 58.14 -43.76
C LEU E 123 13.44 58.54 -45.04
N ILE E 124 12.85 57.57 -45.71
CA ILE E 124 12.11 57.80 -46.94
C ILE E 124 10.66 57.34 -46.78
N LYS E 125 9.72 58.28 -46.85
CA LYS E 125 8.30 58.00 -46.68
C LYS E 125 7.52 57.71 -47.98
N GLY E 126 6.29 57.27 -47.82
CA GLY E 126 5.39 56.99 -48.92
C GLY E 126 3.97 57.21 -48.43
N ASP E 127 3.34 58.35 -48.80
CA ASP E 127 1.97 58.68 -48.41
C ASP E 127 1.04 58.94 -49.59
N ALA E 128 -0.01 58.12 -49.67
CA ALA E 128 -1.07 58.21 -50.67
C ALA E 128 -1.04 56.95 -51.50
N GLY E 129 -0.01 56.13 -51.28
CA GLY E 129 0.10 54.89 -51.99
C GLY E 129 -1.28 54.40 -52.40
N GLU E 130 -1.47 54.14 -53.69
CA GLU E 130 -2.76 53.64 -54.14
C GLU E 130 -2.69 52.13 -54.25
N THR E 131 -3.81 51.47 -54.01
CA THR E 131 -3.86 50.01 -54.11
C THR E 131 -4.68 49.66 -55.33
N LEU E 132 -4.27 48.62 -56.04
CA LEU E 132 -4.98 48.20 -57.24
C LEU E 132 -5.20 46.69 -57.26
N ILE E 133 -6.47 46.31 -57.34
CA ILE E 133 -6.85 44.90 -57.38
C ILE E 133 -6.94 44.43 -58.82
N LEU E 134 -6.46 43.23 -59.08
CA LEU E 134 -6.49 42.66 -60.43
C LEU E 134 -6.88 41.18 -60.35
N ASP E 135 -6.89 40.51 -61.50
CA ASP E 135 -7.24 39.09 -61.52
C ASP E 135 -6.16 38.23 -60.86
N GLY E 136 -6.38 37.91 -59.58
CA GLY E 136 -5.43 37.10 -58.85
C GLY E 136 -4.12 37.79 -58.55
N LEU E 137 -4.16 39.12 -58.45
CA LEU E 137 -2.95 39.90 -58.17
C LEU E 137 -3.29 41.30 -57.69
N THR E 138 -2.52 41.78 -56.71
CA THR E 138 -2.73 43.12 -56.18
C THR E 138 -1.44 43.93 -56.27
N VAL E 139 -1.49 45.03 -57.01
CA VAL E 139 -0.33 45.89 -57.18
C VAL E 139 -0.53 47.15 -56.36
N ARG E 140 0.52 47.55 -55.63
CA ARG E 140 0.46 48.76 -54.82
C ARG E 140 1.49 49.74 -55.35
N LEU E 141 1.03 50.94 -55.68
CA LEU E 141 1.91 51.97 -56.22
C LEU E 141 2.10 53.08 -55.20
N VAL E 142 3.34 53.54 -55.05
CA VAL E 142 3.63 54.61 -54.12
C VAL E 142 4.93 55.31 -54.49
N ASN E 143 4.96 56.62 -54.29
CA ASN E 143 6.16 57.40 -54.59
C ASN E 143 6.93 57.62 -53.30
N LEU E 144 8.23 57.39 -53.33
CA LEU E 144 9.07 57.57 -52.15
C LEU E 144 9.74 58.93 -52.13
N PHE E 145 9.48 59.70 -51.06
CA PHE E 145 10.06 61.04 -50.92
C PHE E 145 10.98 61.11 -49.71
N SER E 146 12.18 61.63 -49.91
CA SER E 146 13.15 61.77 -48.82
C SER E 146 13.18 63.21 -48.36
N SER E 147 14.20 63.55 -47.56
CA SER E 147 14.35 64.91 -47.07
C SER E 147 14.94 65.74 -48.21
N THR E 148 15.16 65.07 -49.34
CA THR E 148 15.72 65.71 -50.53
C THR E 148 14.83 65.40 -51.74
N GLY E 149 13.54 65.68 -51.60
CA GLY E 149 12.60 65.44 -52.68
C GLY E 149 12.50 64.02 -53.20
N PHE E 150 11.63 63.83 -54.19
CA PHE E 150 11.38 62.54 -54.83
C PHE E 150 12.67 61.72 -54.95
N LYS E 151 12.52 60.39 -54.91
CA LYS E 151 13.68 59.50 -55.02
C LYS E 151 13.40 58.26 -55.87
N GLY E 152 12.13 57.98 -56.11
CA GLY E 152 11.80 56.82 -56.92
C GLY E 152 10.35 56.38 -56.84
N LEU E 153 9.99 55.41 -57.66
CA LEU E 153 8.63 54.88 -57.68
C LEU E 153 8.64 53.44 -57.19
N LEU E 154 7.93 53.19 -56.09
CA LEU E 154 7.87 51.85 -55.52
C LEU E 154 6.60 51.10 -55.90
N ILE E 155 6.79 49.89 -56.44
CA ILE E 155 5.70 49.04 -56.89
C ILE E 155 5.72 47.73 -56.13
N GLU E 156 4.67 47.48 -55.35
CA GLU E 156 4.58 46.25 -54.56
C GLU E 156 3.59 45.26 -55.19
N LEU E 157 4.01 44.00 -55.29
CA LEU E 157 3.19 42.96 -55.89
C LEU E 157 2.88 41.84 -54.90
N GLN E 158 1.59 41.53 -54.74
CA GLN E 158 1.15 40.45 -53.85
C GLN E 158 0.13 39.54 -54.52
N ALA E 159 0.31 38.23 -54.33
CA ALA E 159 -0.58 37.23 -54.90
C ALA E 159 -0.97 36.18 -53.86
N ASP E 160 -1.98 35.39 -54.19
CA ASP E 160 -2.48 34.33 -53.29
C ASP E 160 -1.85 32.98 -53.64
N GLU E 161 -1.92 32.60 -54.91
CA GLU E 161 -1.36 31.33 -55.38
C GLU E 161 0.14 31.48 -55.68
N ALA E 162 0.87 30.38 -55.57
CA ALA E 162 2.30 30.39 -55.82
C ALA E 162 2.65 29.96 -57.24
N GLY E 163 1.77 29.16 -57.84
CA GLY E 163 1.99 28.68 -59.19
C GLY E 163 1.66 29.65 -60.30
N GLU E 164 0.81 30.63 -60.00
CA GLU E 164 0.40 31.64 -60.99
C GLU E 164 1.30 32.87 -61.00
N PHE E 165 1.93 33.15 -59.86
CA PHE E 165 2.78 34.33 -59.65
C PHE E 165 3.83 34.73 -60.69
N GLU E 166 4.73 33.84 -61.05
CA GLU E 166 5.78 34.18 -62.01
C GLU E 166 5.29 34.83 -63.30
N THR E 167 4.13 34.39 -63.79
CA THR E 167 3.56 34.94 -65.02
C THR E 167 2.82 36.24 -64.68
N LYS E 168 2.68 36.52 -63.40
CA LYS E 168 2.01 37.72 -62.93
C LYS E 168 2.96 38.91 -63.03
N ILE E 169 4.19 38.70 -62.59
CA ILE E 169 5.23 39.73 -62.62
C ILE E 169 5.67 40.02 -64.05
N ALA E 170 5.95 38.98 -64.82
CA ALA E 170 6.38 39.14 -66.20
C ALA E 170 5.41 40.06 -66.93
N GLY E 171 4.11 39.84 -66.72
CA GLY E 171 3.10 40.66 -67.35
C GLY E 171 3.11 42.09 -66.83
N ILE E 172 3.53 42.26 -65.58
CA ILE E 172 3.58 43.58 -64.98
C ILE E 172 4.78 44.36 -65.50
N GLU E 173 5.88 43.65 -65.75
CA GLU E 173 7.07 44.31 -66.27
C GLU E 173 6.80 44.79 -67.70
N GLY E 174 5.83 44.14 -68.35
CA GLY E 174 5.45 44.52 -69.69
C GLY E 174 4.86 45.91 -69.66
N HIS E 175 3.78 46.08 -68.90
CA HIS E 175 3.13 47.38 -68.77
C HIS E 175 4.09 48.41 -68.19
N LEU E 176 5.24 47.93 -67.71
CA LEU E 176 6.25 48.81 -67.13
C LEU E 176 7.15 49.32 -68.25
N ALA E 177 7.33 48.48 -69.27
CA ALA E 177 8.15 48.85 -70.42
C ALA E 177 7.22 49.38 -71.53
N GLU E 178 6.19 50.10 -71.11
CA GLU E 178 5.23 50.69 -72.02
C GLU E 178 5.16 52.16 -71.63
N ILE E 179 5.32 52.39 -70.33
CA ILE E 179 5.30 53.73 -69.78
C ILE E 179 6.69 54.34 -69.97
N ARG E 180 7.47 53.68 -70.83
CA ARG E 180 8.82 54.12 -71.16
C ARG E 180 9.81 54.04 -70.00
N ALA E 181 9.36 53.49 -68.87
CA ALA E 181 10.20 53.34 -67.66
C ALA E 181 11.71 53.28 -67.94
N LYS E 182 12.43 54.29 -67.47
CA LYS E 182 13.88 54.38 -67.68
C LYS E 182 14.75 53.33 -66.99
N GLU E 183 14.54 53.15 -65.69
CA GLU E 183 15.35 52.20 -64.91
C GLU E 183 14.60 51.64 -63.72
N TYR E 184 14.98 50.44 -63.28
CA TYR E 184 14.32 49.80 -62.13
C TYR E 184 14.92 48.46 -61.74
N LYS E 185 14.77 48.10 -60.47
CA LYS E 185 15.29 46.83 -59.95
C LYS E 185 14.15 45.94 -59.45
N THR E 186 14.27 44.64 -59.68
CA THR E 186 13.25 43.69 -59.27
C THR E 186 13.76 42.77 -58.16
N SER E 187 12.93 42.58 -57.12
CA SER E 187 13.32 41.73 -56.01
C SER E 187 12.24 40.74 -55.59
N SER E 188 12.64 39.47 -55.50
CA SER E 188 11.73 38.41 -55.11
C SER E 188 12.44 37.35 -54.27
N ASP E 189 13.41 37.80 -53.49
CA ASP E 189 14.17 36.92 -52.63
C ASP E 189 13.36 36.52 -51.41
N SER E 190 13.87 35.55 -50.66
CA SER E 190 13.23 35.07 -49.45
C SER E 190 14.25 34.65 -48.41
N ASN E 197 7.80 33.23 -43.60
CA ASN E 197 6.77 34.22 -43.30
C ASN E 197 6.76 35.33 -44.35
N GLU E 198 5.61 35.50 -45.00
CA GLU E 198 5.45 36.51 -46.05
C GLU E 198 5.99 37.88 -45.67
N ILE E 199 5.36 38.53 -44.71
CA ILE E 199 5.77 39.86 -44.28
C ILE E 199 7.29 39.98 -44.16
N CYS E 200 7.96 38.90 -43.78
CA CYS E 200 9.42 38.93 -43.64
C CYS E 200 10.09 39.05 -45.00
N ASP E 201 9.63 38.27 -45.96
CA ASP E 201 10.19 38.31 -47.30
C ASP E 201 9.80 39.63 -47.96
N LEU E 202 8.51 39.96 -47.90
CA LEU E 202 8.01 41.19 -48.49
C LEU E 202 8.88 42.38 -48.08
N ALA E 203 9.37 42.37 -46.84
CA ALA E 203 10.20 43.46 -46.34
C ALA E 203 11.65 43.33 -46.80
N TYR E 204 12.09 42.09 -46.98
CA TYR E 204 13.46 41.82 -47.42
C TYR E 204 13.59 42.31 -48.87
N GLN E 205 12.56 42.03 -49.65
CA GLN E 205 12.52 42.44 -51.04
C GLN E 205 12.59 43.96 -51.08
N TYR E 206 11.78 44.62 -50.26
CA TYR E 206 11.80 46.08 -50.22
C TYR E 206 13.23 46.57 -50.04
N VAL E 207 13.97 45.90 -49.16
CA VAL E 207 15.35 46.27 -48.88
C VAL E 207 16.22 46.02 -50.10
N ARG E 208 16.03 44.87 -50.72
CA ARG E 208 16.83 44.50 -51.89
C ARG E 208 16.32 45.16 -53.15
N ALA E 209 15.24 45.93 -53.04
CA ALA E 209 14.68 46.62 -54.19
C ALA E 209 15.31 48.00 -54.23
N LEU E 210 15.49 48.59 -53.05
CA LEU E 210 16.09 49.90 -52.95
C LEU E 210 17.58 49.74 -52.69
N GLU E 211 17.99 48.50 -52.45
CA GLU E 211 19.38 48.17 -52.15
C GLU E 211 20.02 49.24 -51.26
N LEU E 212 19.22 49.80 -50.37
CA LEU E 212 19.69 50.84 -49.45
C LEU E 212 20.78 50.25 -48.56
N VAL F 1 4.16 53.21 -21.08
CA VAL F 1 3.20 53.25 -19.95
C VAL F 1 3.92 53.62 -18.65
N GLN F 2 3.18 53.98 -17.63
CA GLN F 2 3.78 54.33 -16.34
C GLN F 2 3.20 53.37 -15.31
N GLN F 3 4.07 52.61 -14.64
CA GLN F 3 3.63 51.61 -13.66
C GLN F 3 3.84 52.01 -12.20
N LEU F 4 2.74 52.08 -11.45
CA LEU F 4 2.79 52.40 -10.03
C LEU F 4 2.56 51.08 -9.28
N SER F 5 3.34 50.84 -8.24
CA SER F 5 3.21 49.59 -7.53
C SER F 5 3.76 49.56 -6.11
N LEU F 6 3.47 48.45 -5.44
CA LEU F 6 3.93 48.17 -4.09
C LEU F 6 4.24 46.67 -4.05
N PHE F 7 5.11 46.28 -3.12
CA PHE F 7 5.53 44.90 -2.97
C PHE F 7 5.55 44.46 -1.51
N GLY F 8 5.41 43.16 -1.32
CA GLY F 8 5.43 42.59 0.00
C GLY F 8 5.73 41.10 -0.12
N SER F 9 6.19 40.50 0.96
CA SER F 9 6.47 39.09 0.92
C SER F 9 5.82 38.45 2.12
N ILE F 10 5.63 37.15 2.01
CA ILE F 10 5.02 36.41 3.06
C ILE F 10 5.60 35.01 2.98
N GLY F 11 5.62 34.31 4.10
CA GLY F 11 6.15 32.97 4.10
C GLY F 11 5.12 32.00 3.54
N ASP F 12 5.57 30.81 3.20
CA ASP F 12 4.69 29.80 2.66
C ASP F 12 3.54 29.50 3.62
N ASP F 13 3.79 29.61 4.92
CA ASP F 13 2.75 29.31 5.90
C ASP F 13 1.62 30.34 5.96
N GLY F 14 1.86 31.54 5.43
CA GLY F 14 0.82 32.56 5.44
C GLY F 14 0.04 32.68 4.12
N TYR F 15 0.36 31.80 3.17
CA TYR F 15 -0.25 31.83 1.85
C TYR F 15 -1.75 31.62 1.80
N ASP F 16 -2.25 30.59 2.49
CA ASP F 16 -3.68 30.31 2.47
C ASP F 16 -4.52 31.45 3.07
N LEU F 17 -4.02 32.05 4.13
CA LEU F 17 -4.73 33.16 4.74
C LEU F 17 -4.66 34.35 3.78
N LEU F 18 -3.50 34.59 3.17
CA LEU F 18 -3.41 35.71 2.25
C LEU F 18 -4.36 35.55 1.06
N ILE F 19 -4.49 34.32 0.54
CA ILE F 19 -5.39 34.08 -0.58
C ILE F 19 -6.83 34.40 -0.16
N SER F 20 -7.26 33.89 1.00
CA SER F 20 -8.62 34.18 1.49
C SER F 20 -8.87 35.69 1.60
N THR F 21 -7.88 36.41 2.11
CA THR F 21 -8.00 37.85 2.29
C THR F 21 -8.06 38.58 0.95
N LEU F 22 -7.24 38.16 -0.02
CA LEU F 22 -7.25 38.80 -1.32
C LEU F 22 -8.55 38.49 -2.06
N THR F 23 -9.07 37.29 -1.83
CA THR F 23 -10.33 36.89 -2.45
C THR F 23 -11.50 37.69 -1.85
N THR F 24 -11.42 38.00 -0.56
CA THR F 24 -12.47 38.76 0.10
C THR F 24 -12.42 40.21 -0.35
N ILE F 25 -11.21 40.77 -0.35
CA ILE F 25 -11.04 42.16 -0.76
C ILE F 25 -11.45 42.41 -2.22
N SER F 26 -11.12 41.48 -3.11
CA SER F 26 -11.45 41.66 -4.52
C SER F 26 -12.79 41.06 -4.92
N GLY F 27 -13.24 40.07 -4.16
CA GLY F 27 -14.47 39.41 -4.52
C GLY F 27 -14.26 38.50 -5.71
N ASN F 28 -13.00 38.33 -6.12
CA ASN F 28 -12.69 37.45 -7.27
C ASN F 28 -11.74 36.34 -6.89
N PRO F 29 -11.75 35.25 -7.67
CA PRO F 29 -10.88 34.11 -7.41
C PRO F 29 -9.48 34.34 -7.95
N PRO F 30 -8.48 33.63 -7.39
CA PRO F 30 -7.11 33.79 -7.87
C PRO F 30 -7.00 33.12 -9.24
N LEU F 31 -6.31 33.77 -10.18
CA LEU F 31 -6.13 33.25 -11.52
C LEU F 31 -4.65 32.85 -11.74
N LEU F 32 -4.44 31.57 -12.00
CA LEU F 32 -3.10 31.03 -12.24
C LEU F 32 -2.50 31.62 -13.54
N TYR F 33 -1.24 31.99 -13.49
CA TYR F 33 -0.55 32.51 -14.68
C TYR F 33 0.92 32.21 -14.46
N ASN F 34 1.74 32.44 -15.48
CA ASN F 34 3.18 32.25 -15.38
C ASN F 34 3.82 33.14 -16.44
N SER F 35 5.12 33.34 -16.34
CA SER F 35 5.83 34.15 -17.32
C SER F 35 7.30 33.78 -17.31
N LEU F 36 7.97 33.93 -18.44
CA LEU F 36 9.38 33.62 -18.56
C LEU F 36 10.02 34.91 -19.02
N CYS F 37 11.11 35.31 -18.39
CA CYS F 37 11.78 36.54 -18.77
C CYS F 37 13.27 36.44 -18.98
N THR F 38 13.75 37.12 -20.01
CA THR F 38 15.17 37.15 -20.27
C THR F 38 15.52 38.63 -20.28
N VAL F 39 16.59 38.96 -19.56
CA VAL F 39 17.05 40.34 -19.45
C VAL F 39 18.37 40.41 -20.21
N TRP F 40 18.48 41.40 -21.08
CA TRP F 40 19.66 41.59 -21.92
C TRP F 40 20.24 42.98 -21.69
N LYS F 41 21.54 43.12 -21.93
CA LYS F 41 22.21 44.41 -21.76
C LYS F 41 23.16 44.65 -22.93
N PRO F 42 23.62 45.89 -23.12
CA PRO F 42 24.55 46.15 -24.22
C PRO F 42 25.84 45.39 -24.01
N ASN F 43 26.36 44.80 -25.10
CA ASN F 43 27.60 44.04 -25.04
C ASN F 43 28.71 44.81 -24.33
N PRO F 44 29.36 44.19 -23.33
CA PRO F 44 30.44 44.84 -22.58
C PRO F 44 31.75 45.03 -23.37
N SER F 45 31.83 44.40 -24.54
CA SER F 45 33.01 44.50 -25.38
C SER F 45 32.90 45.64 -26.40
N TYR F 46 31.92 46.51 -26.20
CA TYR F 46 31.71 47.64 -27.11
C TYR F 46 31.91 48.97 -26.39
N PRO F 60 22.45 52.25 -17.99
CA PRO F 60 22.41 51.07 -18.87
C PRO F 60 20.98 50.64 -19.20
N ASN F 61 20.56 50.90 -20.45
CA ASN F 61 19.23 50.53 -20.90
C ASN F 61 19.13 49.04 -21.14
N ARG F 62 18.61 48.32 -20.16
CA ARG F 62 18.45 46.88 -20.27
C ARG F 62 17.18 46.53 -21.04
N ILE F 63 17.24 45.44 -21.78
CA ILE F 63 16.11 44.98 -22.54
C ILE F 63 15.56 43.69 -21.93
N LYS F 64 14.26 43.68 -21.71
CA LYS F 64 13.63 42.50 -21.16
C LYS F 64 12.63 41.91 -22.15
N LEU F 65 12.78 40.60 -22.39
CA LEU F 65 11.86 39.86 -23.26
C LEU F 65 11.04 39.00 -22.31
N SER F 66 9.75 38.91 -22.56
CA SER F 66 8.89 38.14 -21.69
C SER F 66 7.74 37.51 -22.45
N LYS F 67 7.38 36.29 -22.05
CA LYS F 67 6.27 35.57 -22.65
C LYS F 67 5.74 34.59 -21.62
N GLU F 68 4.84 33.72 -22.04
CA GLU F 68 4.27 32.74 -21.14
C GLU F 68 4.57 31.35 -21.72
N VAL F 69 4.64 30.35 -20.87
CA VAL F 69 4.86 28.99 -21.37
C VAL F 69 3.58 28.24 -21.06
N PRO F 70 3.32 27.14 -21.79
CA PRO F 70 2.09 26.41 -21.48
C PRO F 70 2.28 25.77 -20.10
N PHE F 71 1.29 25.93 -19.23
CA PHE F 71 1.37 25.39 -17.87
C PHE F 71 1.65 23.90 -17.84
N SER F 72 1.26 23.22 -18.92
CA SER F 72 1.44 21.78 -19.07
C SER F 72 2.92 21.34 -18.96
N TYR F 73 3.83 22.27 -19.19
CA TYR F 73 5.25 21.97 -19.07
C TYR F 73 5.63 21.98 -17.58
N LEU F 74 4.83 22.69 -16.79
CA LEU F 74 5.09 22.84 -15.36
C LEU F 74 4.36 21.88 -14.43
N ILE F 75 3.06 21.71 -14.66
CA ILE F 75 2.24 20.83 -13.84
C ILE F 75 1.33 20.00 -14.75
N ASP F 76 0.85 18.86 -14.26
CA ASP F 76 -0.02 18.04 -15.09
C ASP F 76 -1.46 18.56 -15.13
N GLU F 77 -2.17 18.10 -16.13
CA GLU F 77 -3.55 18.49 -16.37
C GLU F 77 -4.50 18.32 -15.20
N THR F 78 -4.37 17.25 -14.43
CA THR F 78 -5.28 17.09 -13.31
C THR F 78 -5.01 18.12 -12.21
N MET F 79 -3.76 18.58 -12.08
CA MET F 79 -3.44 19.60 -11.09
C MET F 79 -4.07 20.92 -11.54
N MET F 80 -4.07 21.16 -12.85
CA MET F 80 -4.61 22.38 -13.43
C MET F 80 -6.12 22.40 -13.33
N ASP F 81 -6.73 21.23 -13.28
CA ASP F 81 -8.19 21.11 -13.25
C ASP F 81 -8.85 21.06 -11.89
N LYS F 82 -8.06 21.17 -10.82
CA LYS F 82 -8.63 21.14 -9.50
C LYS F 82 -9.25 22.48 -9.15
N PRO F 83 -10.43 22.47 -8.53
CA PRO F 83 -11.07 23.73 -8.17
C PRO F 83 -10.15 24.65 -7.36
N LEU F 84 -9.26 24.05 -6.58
CA LEU F 84 -8.33 24.81 -5.75
C LEU F 84 -6.90 24.74 -6.25
N ASN F 85 -6.72 24.65 -7.57
CA ASN F 85 -5.37 24.56 -8.15
C ASN F 85 -4.37 25.55 -7.60
N PHE F 86 -4.83 26.74 -7.24
CA PHE F 86 -3.93 27.76 -6.71
C PHE F 86 -3.16 27.31 -5.47
N ARG F 87 -3.66 26.29 -4.78
CA ARG F 87 -2.98 25.80 -3.60
C ARG F 87 -1.63 25.14 -3.86
N ILE F 88 -1.43 24.53 -5.03
CA ILE F 88 -0.15 23.88 -5.29
C ILE F 88 1.05 24.79 -5.20
N LEU F 89 0.87 26.07 -5.49
CA LEU F 89 2.01 26.99 -5.45
C LEU F 89 2.83 26.91 -4.17
N LYS F 90 2.19 26.70 -3.02
CA LYS F 90 2.96 26.66 -1.78
C LYS F 90 3.85 25.42 -1.63
N SER F 91 3.61 24.40 -2.45
CA SER F 91 4.42 23.19 -2.40
C SER F 91 5.64 23.28 -3.35
N PHE F 92 5.84 24.44 -4.00
CA PHE F 92 6.99 24.67 -4.87
C PHE F 92 8.09 25.22 -3.98
N THR F 93 8.66 24.34 -3.16
CA THR F 93 9.68 24.73 -2.19
C THR F 93 11.13 24.53 -2.56
N ASN F 94 11.42 24.15 -3.80
CA ASN F 94 12.81 23.89 -4.14
C ASN F 94 13.44 24.87 -5.11
N ASP F 95 14.76 24.78 -5.21
CA ASP F 95 15.50 25.61 -6.13
C ASP F 95 15.21 25.19 -7.56
N LYS F 96 14.75 23.95 -7.70
CA LYS F 96 14.41 23.43 -9.02
C LYS F 96 12.94 23.74 -9.31
N ILE F 97 12.64 24.00 -10.59
CA ILE F 97 11.26 24.33 -10.99
C ILE F 97 10.36 23.12 -11.13
N PRO F 98 9.04 23.32 -10.94
CA PRO F 98 8.15 22.17 -11.10
C PRO F 98 8.22 21.72 -12.56
N LEU F 99 8.18 20.42 -12.80
CA LEU F 99 8.26 19.91 -14.17
C LEU F 99 7.29 18.78 -14.42
N ASN F 100 6.47 18.93 -15.45
CA ASN F 100 5.50 17.89 -15.84
C ASN F 100 6.26 17.03 -16.86
N TYR F 101 7.03 16.07 -16.38
CA TYR F 101 7.79 15.22 -17.28
C TYR F 101 6.85 14.36 -18.11
N ALA F 102 7.13 14.28 -19.41
CA ALA F 102 6.33 13.55 -20.38
C ALA F 102 5.57 14.60 -21.18
N MET F 103 6.08 15.83 -21.13
CA MET F 103 5.47 16.95 -21.84
C MET F 103 6.59 17.75 -22.51
N GLU F 158 13.43 28.76 -38.57
CA GLU F 158 13.27 28.45 -37.15
C GLU F 158 12.75 29.71 -36.45
N SER F 159 11.56 30.15 -36.83
CA SER F 159 10.94 31.35 -36.28
C SER F 159 10.83 31.41 -34.76
N CYS F 160 11.20 32.58 -34.21
CA CYS F 160 11.11 32.78 -32.78
C CYS F 160 9.62 32.88 -32.47
N SER F 161 9.27 32.74 -31.20
CA SER F 161 7.89 32.84 -30.79
C SER F 161 7.62 34.30 -30.41
N PRO F 162 6.37 34.64 -30.12
CA PRO F 162 6.11 36.04 -29.75
C PRO F 162 6.70 36.36 -28.36
N TRP F 163 7.18 37.59 -28.19
CA TRP F 163 7.72 38.02 -26.90
C TRP F 163 7.37 39.47 -26.73
N SER F 164 7.25 39.90 -25.47
CA SER F 164 7.01 41.29 -25.17
C SER F 164 8.41 41.83 -24.95
N LEU F 165 8.72 42.97 -25.56
CA LEU F 165 10.05 43.58 -25.45
C LEU F 165 9.90 44.87 -24.65
N GLN F 166 10.55 44.92 -23.48
CA GLN F 166 10.45 46.08 -22.62
C GLN F 166 11.77 46.68 -22.16
N ILE F 167 11.76 48.00 -22.01
CA ILE F 167 12.91 48.76 -21.55
C ILE F 167 12.30 49.72 -20.54
N SER F 168 12.87 49.76 -19.34
CA SER F 168 12.34 50.62 -18.30
C SER F 168 13.39 51.58 -17.74
N ASP F 169 12.92 52.57 -16.99
CA ASP F 169 13.81 53.55 -16.38
C ASP F 169 13.16 54.17 -15.15
N ILE F 170 13.97 54.85 -14.34
CA ILE F 170 13.46 55.51 -13.14
C ILE F 170 13.80 57.01 -13.16
N SER F 178 5.86 57.50 -2.36
CA SER F 178 5.45 56.53 -1.35
C SER F 178 5.08 55.19 -2.00
N VAL F 179 5.09 55.17 -3.33
CA VAL F 179 4.84 53.96 -4.08
C VAL F 179 5.94 53.96 -5.11
N SER F 180 6.15 52.83 -5.77
CA SER F 180 7.17 52.79 -6.80
C SER F 180 6.55 53.28 -8.10
N MET F 181 7.34 54.01 -8.87
CA MET F 181 6.89 54.54 -10.14
C MET F 181 7.96 54.23 -11.16
N GLN F 182 7.54 53.67 -12.29
CA GLN F 182 8.50 53.31 -13.31
C GLN F 182 7.89 53.48 -14.71
N THR F 183 8.71 53.91 -15.66
CA THR F 183 8.26 54.11 -17.04
C THR F 183 8.63 52.88 -17.84
N ILE F 184 7.70 52.40 -18.67
CA ILE F 184 7.96 51.21 -19.45
C ILE F 184 7.69 51.40 -20.95
N ALA F 185 8.72 51.24 -21.76
CA ALA F 185 8.56 51.36 -23.21
C ALA F 185 8.43 49.92 -23.66
N GLU F 186 7.44 49.64 -24.50
CA GLU F 186 7.21 48.29 -24.95
C GLU F 186 6.81 48.17 -26.41
N THR F 187 7.16 47.04 -27.01
CA THR F 187 6.79 46.71 -28.38
C THR F 187 6.63 45.19 -28.38
N ILE F 188 5.92 44.66 -29.37
CA ILE F 188 5.70 43.22 -29.43
C ILE F 188 6.39 42.53 -30.61
N ILE F 189 7.23 41.54 -30.30
CA ILE F 189 7.90 40.77 -31.33
C ILE F 189 6.95 39.64 -31.71
N LEU F 190 6.49 39.64 -32.96
CA LEU F 190 5.55 38.62 -33.43
C LEU F 190 6.20 37.39 -34.04
N SER F 191 7.32 37.57 -34.72
CA SER F 191 8.00 36.44 -35.34
C SER F 191 9.36 36.84 -35.90
N SER F 192 10.01 35.90 -36.57
CA SER F 192 11.31 36.17 -37.14
C SER F 192 11.60 35.21 -38.27
N ALA F 193 12.70 35.45 -39.00
CA ALA F 193 13.09 34.59 -40.12
C ALA F 193 14.50 34.92 -40.59
N GLY F 194 15.11 33.96 -41.28
CA GLY F 194 16.46 34.17 -41.78
C GLY F 194 17.42 33.12 -41.29
N LYS F 195 18.72 33.39 -41.45
CA LYS F 195 19.75 32.47 -41.02
C LYS F 195 19.75 32.42 -39.48
N ASN F 196 19.86 33.58 -38.86
CA ASN F 196 19.88 33.68 -37.41
C ASN F 196 18.57 34.28 -36.92
N SER F 197 17.53 33.44 -36.88
CA SER F 197 16.21 33.89 -36.46
C SER F 197 15.88 33.69 -34.96
N SER F 198 16.76 33.01 -34.24
CA SER F 198 16.53 32.79 -32.82
C SER F 198 16.54 34.15 -32.13
N VAL F 199 15.54 34.37 -31.28
CA VAL F 199 15.39 35.62 -30.54
C VAL F 199 16.73 36.03 -29.93
N SER F 200 17.55 35.04 -29.60
CA SER F 200 18.85 35.30 -29.02
C SER F 200 19.75 36.01 -30.04
N SER F 201 19.71 35.54 -31.29
CA SER F 201 20.52 36.14 -32.36
C SER F 201 20.06 37.55 -32.66
N LEU F 202 18.76 37.77 -32.56
CA LEU F 202 18.19 39.08 -32.81
C LEU F 202 18.65 40.09 -31.78
N MET F 203 18.85 39.64 -30.54
CA MET F 203 19.31 40.55 -29.50
C MET F 203 20.79 40.86 -29.73
N ASN F 204 21.56 39.84 -30.11
CA ASN F 204 22.98 40.03 -30.38
C ASN F 204 23.09 40.97 -31.57
N GLY F 205 22.28 40.71 -32.59
CA GLY F 205 22.30 41.56 -33.77
C GLY F 205 22.03 43.02 -33.43
N LEU F 206 21.53 43.28 -32.22
CA LEU F 206 21.22 44.64 -31.81
C LEU F 206 22.30 45.22 -30.91
N GLY F 207 23.25 44.40 -30.51
CA GLY F 207 24.32 44.88 -29.65
C GLY F 207 24.16 44.43 -28.21
N TYR F 208 23.16 43.60 -27.95
CA TYR F 208 22.90 43.13 -26.61
C TYR F 208 23.31 41.69 -26.41
N VAL F 209 23.60 41.34 -25.16
CA VAL F 209 23.97 39.98 -24.82
C VAL F 209 23.10 39.51 -23.65
N PHE F 210 22.95 38.19 -23.52
CA PHE F 210 22.16 37.62 -22.45
C PHE F 210 22.80 37.94 -21.11
N GLU F 211 21.99 38.25 -20.12
CA GLU F 211 22.51 38.58 -18.80
C GLU F 211 21.85 37.79 -17.69
N PHE F 212 20.55 37.59 -17.79
CA PHE F 212 19.77 36.94 -16.74
C PHE F 212 18.44 36.41 -17.27
N GLN F 213 17.95 35.34 -16.64
CA GLN F 213 16.67 34.75 -17.01
C GLN F 213 15.90 34.31 -15.76
N TYR F 214 14.59 34.53 -15.74
CA TYR F 214 13.80 34.08 -14.60
C TYR F 214 12.41 33.64 -14.98
N LEU F 215 11.87 32.74 -14.17
CA LEU F 215 10.54 32.21 -14.39
C LEU F 215 9.65 32.55 -13.19
N THR F 216 8.44 33.02 -13.46
CA THR F 216 7.55 33.29 -12.34
C THR F 216 6.27 32.47 -12.55
N ILE F 217 5.75 31.97 -11.42
CA ILE F 217 4.50 31.23 -11.41
C ILE F 217 3.71 31.84 -10.26
N GLY F 218 2.45 32.16 -10.50
CA GLY F 218 1.67 32.75 -9.44
C GLY F 218 0.20 32.82 -9.76
N VAL F 219 -0.51 33.62 -8.99
CA VAL F 219 -1.93 33.84 -9.23
C VAL F 219 -2.10 35.35 -9.24
N LYS F 220 -3.09 35.83 -9.97
CA LYS F 220 -3.34 37.25 -9.99
C LYS F 220 -4.81 37.49 -9.74
N PHE F 221 -5.11 38.69 -9.28
CA PHE F 221 -6.49 39.08 -8.99
C PHE F 221 -6.75 40.41 -9.69
N PHE F 222 -7.95 40.55 -10.27
CA PHE F 222 -8.33 41.80 -10.90
C PHE F 222 -9.15 42.57 -9.88
N MET F 223 -8.70 43.77 -9.55
CA MET F 223 -9.43 44.60 -8.60
C MET F 223 -9.90 45.85 -9.35
N LYS F 224 -10.54 46.79 -8.67
CA LYS F 224 -11.04 47.97 -9.35
C LYS F 224 -10.01 49.06 -9.55
N HIS F 225 -10.27 49.94 -10.51
CA HIS F 225 -9.39 51.06 -10.82
C HIS F 225 -8.08 50.61 -11.45
N GLY F 226 -8.15 49.54 -12.23
CA GLY F 226 -6.97 49.03 -12.90
C GLY F 226 -5.97 48.33 -11.99
N LEU F 227 -6.34 48.12 -10.73
CA LEU F 227 -5.45 47.48 -9.76
C LEU F 227 -5.25 45.99 -10.04
N ILE F 228 -3.99 45.59 -10.11
CA ILE F 228 -3.71 44.19 -10.36
C ILE F 228 -2.80 43.65 -9.30
N LEU F 229 -3.13 42.46 -8.80
CA LEU F 229 -2.31 41.80 -7.79
C LEU F 229 -1.77 40.46 -8.30
N GLU F 230 -0.48 40.23 -8.05
CA GLU F 230 0.21 38.99 -8.42
C GLU F 230 0.92 38.41 -7.19
N LEU F 231 0.53 37.21 -6.79
CA LEU F 231 1.16 36.53 -5.66
C LEU F 231 1.95 35.41 -6.38
N GLN F 232 3.27 35.45 -6.27
CA GLN F 232 4.11 34.53 -7.02
C GLN F 232 5.39 34.00 -6.39
N LYS F 233 5.96 33.05 -7.13
CA LYS F 233 7.21 32.42 -6.79
C LYS F 233 8.09 32.69 -8.01
N ILE F 234 9.39 32.79 -7.79
CA ILE F 234 10.29 33.14 -8.86
C ILE F 234 11.59 32.35 -8.83
N TRP F 235 11.97 31.84 -10.01
CA TRP F 235 13.22 31.08 -10.15
C TRP F 235 14.18 31.72 -11.14
N GLN F 236 15.45 31.78 -10.80
CA GLN F 236 16.44 32.30 -11.75
C GLN F 236 16.78 31.04 -12.56
N ILE F 237 16.89 31.18 -13.88
CA ILE F 237 17.22 30.05 -14.74
C ILE F 237 18.70 30.07 -15.06
N GLU F 238 19.41 29.10 -14.49
CA GLU F 238 20.87 28.98 -14.65
C GLU F 238 21.26 27.83 -15.55
N GLU F 239 22.46 27.93 -16.10
CA GLU F 239 22.98 26.88 -16.96
C GLU F 239 23.55 25.81 -16.02
N ALA F 240 24.06 26.26 -14.87
CA ALA F 240 24.65 25.38 -13.87
C ALA F 240 23.70 24.98 -12.73
N GLY F 241 22.42 25.24 -12.87
CA GLY F 241 21.48 24.88 -11.81
C GLY F 241 20.56 26.03 -11.41
N ASN F 242 19.26 25.81 -11.58
CA ASN F 242 18.28 26.83 -11.24
C ASN F 242 18.21 27.05 -9.73
N SER F 243 17.52 28.11 -9.31
CA SER F 243 17.35 28.40 -7.89
C SER F 243 16.13 29.29 -7.64
N GLN F 244 15.46 29.09 -6.51
CA GLN F 244 14.28 29.90 -6.24
C GLN F 244 14.60 31.17 -5.47
N ILE F 245 14.42 32.31 -6.12
CA ILE F 245 14.71 33.61 -5.52
C ILE F 245 13.79 33.91 -4.32
N THR F 246 12.62 33.28 -4.29
CA THR F 246 11.65 33.45 -3.23
C THR F 246 11.60 32.24 -2.29
N SER F 247 12.67 31.45 -2.22
CA SER F 247 12.61 30.28 -1.35
C SER F 247 12.06 30.68 0.02
N GLY F 248 11.14 29.86 0.54
CA GLY F 248 10.53 30.12 1.81
C GLY F 248 9.13 30.74 1.69
N GLY F 249 8.84 31.40 0.57
CA GLY F 249 7.51 31.99 0.46
C GLY F 249 7.11 32.64 -0.85
N PHE F 250 6.33 33.70 -0.74
CA PHE F 250 5.82 34.39 -1.92
C PHE F 250 6.12 35.88 -1.97
N LEU F 251 6.14 36.41 -3.18
CA LEU F 251 6.35 37.82 -3.42
C LEU F 251 5.01 38.34 -3.94
N LEU F 252 4.48 39.39 -3.32
CA LEU F 252 3.24 39.98 -3.80
C LEU F 252 3.54 41.33 -4.46
N LYS F 253 2.98 41.51 -5.65
CA LYS F 253 3.17 42.77 -6.34
C LYS F 253 1.80 43.36 -6.58
N ALA F 254 1.60 44.60 -6.17
CA ALA F 254 0.32 45.28 -6.42
C ALA F 254 0.65 46.44 -7.34
N TYR F 255 -0.02 46.49 -8.49
CA TYR F 255 0.28 47.58 -9.40
C TYR F 255 -0.88 48.08 -10.28
N ILE F 256 -0.65 49.26 -10.86
CA ILE F 256 -1.61 49.89 -11.79
C ILE F 256 -0.84 50.61 -12.90
N ASN F 257 -1.22 50.36 -14.14
CA ASN F 257 -0.58 51.01 -15.27
C ASN F 257 -1.41 52.21 -15.69
N VAL F 258 -0.76 53.33 -15.97
CA VAL F 258 -1.46 54.54 -16.41
C VAL F 258 -0.73 55.15 -17.59
N SER F 259 -1.45 55.93 -18.38
CA SER F 259 -0.89 56.61 -19.55
C SER F 259 0.35 57.39 -19.18
N ARG F 260 1.38 57.35 -20.03
CA ARG F 260 2.58 58.12 -19.74
C ARG F 260 2.14 59.56 -19.96
N GLY F 261 2.40 60.42 -18.98
CA GLY F 261 1.99 61.80 -19.09
C GLY F 261 0.53 61.88 -18.65
N THR F 262 0.31 61.80 -17.34
CA THR F 262 -1.04 61.88 -16.78
C THR F 262 -1.10 62.99 -15.74
N ASP F 263 -2.30 63.50 -15.49
CA ASP F 263 -2.49 64.56 -14.50
C ASP F 263 -1.84 64.22 -13.18
N ILE F 264 -1.03 65.14 -12.65
CA ILE F 264 -0.37 64.94 -11.37
C ILE F 264 -1.41 64.48 -10.36
N ASP F 265 -2.63 64.98 -10.50
CA ASP F 265 -3.74 64.64 -9.61
C ASP F 265 -4.25 63.22 -9.82
N ARG F 266 -4.07 62.72 -11.03
CA ARG F 266 -4.52 61.36 -11.34
C ARG F 266 -3.46 60.40 -10.80
N ILE F 267 -2.19 60.77 -10.96
CA ILE F 267 -1.09 59.96 -10.46
C ILE F 267 -1.31 59.82 -8.95
N ASN F 268 -1.61 60.94 -8.30
CA ASN F 268 -1.86 60.96 -6.87
C ASN F 268 -3.09 60.13 -6.58
N TYR F 269 -3.99 60.04 -7.55
CA TYR F 269 -5.19 59.25 -7.36
C TYR F 269 -4.82 57.77 -7.34
N THR F 270 -4.07 57.34 -8.35
CA THR F 270 -3.63 55.96 -8.45
C THR F 270 -2.83 55.61 -7.20
N GLU F 271 -1.93 56.51 -6.82
CA GLU F 271 -1.09 56.29 -5.65
C GLU F 271 -1.99 56.10 -4.43
N THR F 272 -3.16 56.72 -4.47
CA THR F 272 -4.14 56.64 -3.38
C THR F 272 -4.80 55.26 -3.36
N VAL F 273 -5.02 54.69 -4.55
CA VAL F 273 -5.65 53.37 -4.60
C VAL F 273 -4.71 52.33 -3.98
N LEU F 274 -3.43 52.38 -4.34
CA LEU F 274 -2.42 51.48 -3.80
C LEU F 274 -2.41 51.61 -2.29
N MET F 275 -2.32 52.86 -1.83
CA MET F 275 -2.29 53.13 -0.40
C MET F 275 -3.52 52.59 0.30
N ASN F 276 -4.67 52.63 -0.36
CA ASN F 276 -5.87 52.10 0.28
C ASN F 276 -5.64 50.61 0.48
N LEU F 277 -5.13 49.96 -0.57
CA LEU F 277 -4.84 48.52 -0.57
C LEU F 277 -3.87 48.18 0.54
N LYS F 278 -2.87 49.05 0.73
CA LYS F 278 -1.87 48.86 1.77
C LYS F 278 -2.56 48.85 3.13
N LYS F 279 -3.52 49.76 3.32
CA LYS F 279 -4.25 49.82 4.59
C LYS F 279 -5.11 48.58 4.76
N GLU F 280 -5.83 48.21 3.71
CA GLU F 280 -6.70 47.06 3.78
C GLU F 280 -5.93 45.79 4.10
N LEU F 281 -4.64 45.74 3.74
CA LEU F 281 -3.85 44.55 4.00
C LEU F 281 -3.00 44.54 5.28
N GLN F 282 -2.94 45.65 6.01
CA GLN F 282 -2.12 45.67 7.24
C GLN F 282 -2.58 44.52 8.14
N GLY F 283 -1.64 43.81 8.74
CA GLY F 283 -1.99 42.69 9.58
C GLY F 283 -1.88 41.38 8.81
N TYR F 284 -1.87 41.48 7.48
CA TYR F 284 -1.77 40.30 6.65
C TYR F 284 -0.44 40.27 5.91
N ILE F 285 0.02 41.44 5.48
CA ILE F 285 1.28 41.54 4.77
C ILE F 285 1.68 43.00 4.60
N GLU F 286 2.93 43.30 4.88
CA GLU F 286 3.43 44.66 4.75
C GLU F 286 3.84 44.98 3.32
N LEU F 287 3.23 46.01 2.75
CA LEU F 287 3.53 46.45 1.39
C LEU F 287 4.45 47.66 1.45
N SER F 288 5.24 47.85 0.41
CA SER F 288 6.15 48.98 0.35
C SER F 288 7.00 48.95 -0.91
N VAL F 289 7.90 49.92 -1.01
CA VAL F 289 8.80 50.00 -2.15
C VAL F 289 10.11 49.39 -1.70
N PRO F 290 10.73 48.58 -2.55
CA PRO F 290 11.99 47.99 -2.10
C PRO F 290 13.06 49.05 -1.89
N ASP F 291 13.88 48.86 -0.86
CA ASP F 291 14.95 49.81 -0.54
C ASP F 291 15.99 49.86 -1.64
N ARG F 292 16.76 50.94 -1.69
CA ARG F 292 17.77 51.09 -2.72
C ARG F 292 18.81 49.97 -2.63
N GLN F 293 19.08 49.52 -1.40
CA GLN F 293 20.04 48.45 -1.16
C GLN F 293 19.80 47.25 -2.07
N SER F 294 18.57 46.76 -2.09
CA SER F 294 18.19 45.62 -2.93
C SER F 294 18.09 46.12 -4.36
N MET F 295 17.46 47.27 -4.50
CA MET F 295 17.23 47.90 -5.78
C MET F 295 18.53 48.11 -6.54
N ASP F 296 19.61 48.45 -5.83
CA ASP F 296 20.90 48.70 -6.45
C ASP F 296 21.83 47.52 -6.65
N SER F 297 21.61 46.44 -5.92
CA SER F 297 22.47 45.25 -6.02
C SER F 297 22.57 44.70 -7.44
N ARG F 298 23.69 44.03 -7.72
CA ARG F 298 23.92 43.44 -9.03
C ARG F 298 23.02 42.22 -9.20
N VAL F 299 22.69 41.56 -8.09
CA VAL F 299 21.82 40.38 -8.14
C VAL F 299 20.44 40.69 -8.67
N ALA F 300 19.99 41.94 -8.49
CA ALA F 300 18.67 42.32 -8.97
C ALA F 300 18.69 42.69 -10.44
N HIS F 301 19.88 42.91 -10.99
CA HIS F 301 20.03 43.26 -12.40
C HIS F 301 19.12 44.40 -12.85
N GLY F 302 18.98 45.42 -12.02
CA GLY F 302 18.14 46.55 -12.37
C GLY F 302 16.66 46.22 -12.53
N ASN F 303 16.25 45.04 -12.09
CA ASN F 303 14.84 44.66 -12.19
C ASN F 303 14.16 44.82 -10.82
N ILE F 304 13.15 45.69 -10.73
CA ILE F 304 12.44 45.93 -9.47
C ILE F 304 11.71 44.72 -8.90
N LEU F 305 11.17 43.86 -9.77
CA LEU F 305 10.48 42.67 -9.32
C LEU F 305 11.46 41.76 -8.56
N ILE F 306 12.65 41.54 -9.13
CA ILE F 306 13.67 40.70 -8.48
C ILE F 306 14.20 41.37 -7.20
N ALA F 307 14.42 42.68 -7.23
CA ALA F 307 14.91 43.36 -6.03
C ALA F 307 13.92 43.16 -4.89
N ALA F 308 12.63 43.31 -5.18
CA ALA F 308 11.61 43.13 -4.14
C ALA F 308 11.66 41.71 -3.61
N ALA F 309 11.86 40.76 -4.52
CA ALA F 309 11.93 39.35 -4.14
C ALA F 309 13.19 39.08 -3.30
N LEU F 310 14.24 39.84 -3.51
CA LEU F 310 15.47 39.67 -2.76
C LEU F 310 15.46 40.28 -1.37
N GLU F 311 14.37 40.95 -1.01
CA GLU F 311 14.29 41.56 0.32
C GLU F 311 13.96 40.55 1.41
N HIS F 312 12.78 39.96 1.35
CA HIS F 312 12.34 38.98 2.35
C HIS F 312 12.09 39.62 3.71
N GLY G 4 5.48 -7.23 33.21
CA GLY G 4 6.38 -6.86 34.34
C GLY G 4 6.04 -5.51 34.93
N LYS G 5 5.22 -5.51 35.98
CA LYS G 5 4.83 -4.27 36.64
C LYS G 5 4.57 -4.43 38.13
N SER G 6 4.87 -5.61 38.67
CA SER G 6 4.69 -5.87 40.11
C SER G 6 5.58 -7.01 40.59
N ALA G 7 6.05 -6.90 41.83
CA ALA G 7 6.91 -7.93 42.41
C ALA G 7 6.61 -8.04 43.90
N VAL G 8 6.92 -9.20 44.47
CA VAL G 8 6.69 -9.42 45.89
C VAL G 8 7.92 -10.05 46.56
N ILE G 9 8.30 -9.49 47.71
CA ILE G 9 9.46 -9.99 48.46
C ILE G 9 9.08 -10.25 49.92
N PHE G 10 9.49 -11.41 50.43
CA PHE G 10 9.22 -11.82 51.81
C PHE G 10 10.52 -12.07 52.58
N VAL G 11 10.68 -11.38 53.71
CA VAL G 11 11.85 -11.53 54.57
C VAL G 11 11.46 -12.59 55.63
N GLU G 12 11.94 -13.83 55.47
CA GLU G 12 11.62 -14.98 56.34
C GLU G 12 11.25 -14.65 57.78
N ARG G 13 12.21 -14.72 58.68
CA ARG G 13 11.91 -14.25 60.02
C ARG G 13 12.83 -13.03 60.15
N ALA G 14 12.30 -12.04 60.83
CA ALA G 14 13.02 -10.82 61.09
C ALA G 14 12.50 -10.43 62.45
N THR G 15 12.16 -9.16 62.62
CA THR G 15 11.66 -8.65 63.87
C THR G 15 10.70 -7.57 63.42
N PRO G 16 9.62 -7.36 64.20
CA PRO G 16 8.63 -6.35 63.89
C PRO G 16 9.15 -4.90 63.65
N ALA G 17 10.39 -4.67 64.04
CA ALA G 17 11.07 -3.39 63.85
C ALA G 17 11.67 -3.32 62.44
N THR G 18 11.86 -4.48 61.83
CA THR G 18 12.44 -4.58 60.49
C THR G 18 11.62 -3.81 59.47
N LEU G 19 10.31 -3.74 59.69
CA LEU G 19 9.43 -3.02 58.77
C LEU G 19 9.91 -1.57 58.78
N THR G 20 9.83 -0.96 59.96
CA THR G 20 10.26 0.42 60.14
C THR G 20 11.66 0.61 59.58
N GLU G 21 12.60 -0.21 60.04
CA GLU G 21 13.98 -0.16 59.61
C GLU G 21 14.09 -0.07 58.09
N LEU G 22 13.12 -0.65 57.40
CA LEU G 22 13.11 -0.63 55.94
C LEU G 22 12.50 0.65 55.41
N LYS G 23 11.55 1.23 56.14
CA LYS G 23 10.92 2.45 55.70
C LYS G 23 11.90 3.63 55.80
N ASP G 24 12.74 3.62 56.82
CA ASP G 24 13.73 4.69 57.03
C ASP G 24 14.73 4.75 55.90
N ALA G 25 15.26 3.59 55.54
CA ALA G 25 16.23 3.52 54.46
C ALA G 25 15.56 3.96 53.15
N LEU G 26 14.30 4.37 53.25
CA LEU G 26 13.51 4.82 52.11
C LEU G 26 12.83 6.19 52.30
N SER G 27 12.52 6.55 53.55
CA SER G 27 11.85 7.81 53.84
C SER G 27 12.41 9.02 53.09
N ASN G 28 13.62 8.91 52.54
CA ASN G 28 14.19 10.01 51.74
C ASN G 28 13.45 10.03 50.39
N SER G 29 13.15 8.84 49.88
CA SER G 29 12.45 8.61 48.62
C SER G 29 10.95 8.74 48.79
N ILE G 30 10.47 8.85 50.03
CA ILE G 30 9.02 8.94 50.26
C ILE G 30 8.33 10.18 49.66
N LEU G 31 7.74 10.03 48.47
CA LEU G 31 7.03 11.15 47.83
C LEU G 31 5.79 11.45 48.65
N SER G 32 5.22 10.39 49.23
CA SER G 32 4.01 10.51 50.05
C SER G 32 3.51 9.14 50.49
N VAL G 33 2.51 9.15 51.35
CA VAL G 33 1.90 7.93 51.89
C VAL G 33 0.44 7.87 51.43
N ARG G 34 -0.30 6.88 51.94
CA ARG G 34 -1.71 6.73 51.61
C ARG G 34 -2.42 5.85 52.65
N ASP G 35 -3.62 5.38 52.30
CA ASP G 35 -4.43 4.56 53.19
C ASP G 35 -3.80 3.23 53.57
N PRO G 36 -3.91 2.85 54.86
CA PRO G 36 -3.37 1.60 55.40
C PRO G 36 -4.19 0.38 54.98
N TRP G 37 -3.52 -0.60 54.40
CA TRP G 37 -4.18 -1.82 53.94
C TRP G 37 -4.02 -3.01 54.86
N SER G 38 -4.55 -4.15 54.42
CA SER G 38 -4.47 -5.39 55.17
C SER G 38 -4.52 -6.55 54.18
N ILE G 39 -4.42 -7.78 54.67
CA ILE G 39 -4.46 -8.94 53.81
C ILE G 39 -4.76 -10.21 54.59
N ASP G 40 -5.13 -11.26 53.86
CA ASP G 40 -5.46 -12.55 54.46
C ASP G 40 -4.97 -13.67 53.56
N PHE G 41 -4.09 -14.49 54.10
CA PHE G 41 -3.52 -15.64 53.38
C PHE G 41 -4.07 -16.93 53.94
N ARG G 42 -4.75 -17.69 53.11
CA ARG G 42 -5.33 -18.95 53.54
C ARG G 42 -4.73 -20.12 52.79
N THR G 43 -4.68 -21.27 53.46
CA THR G 43 -4.17 -22.48 52.84
C THR G 43 -5.27 -23.52 52.98
N TYR G 44 -5.63 -24.13 51.86
CA TYR G 44 -6.68 -25.14 51.85
C TYR G 44 -6.12 -26.49 51.45
N ARG G 45 -6.54 -27.52 52.17
CA ARG G 45 -6.09 -28.86 51.89
C ARG G 45 -7.28 -29.68 51.45
N CYS G 46 -7.11 -30.45 50.38
CA CYS G 46 -8.18 -31.28 49.87
C CYS G 46 -8.37 -32.52 50.75
N SER G 47 -9.59 -32.71 51.24
CA SER G 47 -9.92 -33.84 52.11
C SER G 47 -10.38 -35.07 51.33
N ILE G 48 -9.86 -35.24 50.13
CA ILE G 48 -10.21 -36.39 49.29
C ILE G 48 -8.99 -37.25 48.99
N LYS G 57 -3.23 -30.90 45.79
CA LYS G 57 -4.36 -30.92 46.72
C LYS G 57 -4.37 -29.73 47.67
N LEU G 58 -3.55 -28.74 47.36
CA LEU G 58 -3.48 -27.53 48.16
C LEU G 58 -3.82 -26.31 47.30
N MET G 59 -4.71 -25.47 47.83
CA MET G 59 -5.16 -24.27 47.13
C MET G 59 -5.09 -23.07 48.06
N TYR G 60 -4.54 -21.97 47.55
CA TYR G 60 -4.40 -20.76 48.35
C TYR G 60 -5.45 -19.70 48.04
N SER G 61 -5.86 -18.97 49.08
CA SER G 61 -6.86 -17.92 48.96
C SER G 61 -6.33 -16.58 49.43
N ILE G 62 -5.74 -15.82 48.51
CA ILE G 62 -5.19 -14.52 48.83
C ILE G 62 -6.24 -13.42 48.73
N THR G 63 -6.69 -12.92 49.88
CA THR G 63 -7.70 -11.86 49.93
C THR G 63 -7.06 -10.49 50.13
N PHE G 64 -7.47 -9.52 49.34
CA PHE G 64 -6.94 -8.16 49.44
C PHE G 64 -7.95 -7.20 50.07
N HIS G 65 -7.44 -6.17 50.74
CA HIS G 65 -8.29 -5.17 51.39
C HIS G 65 -7.82 -3.74 51.09
N HIS G 66 -8.04 -3.30 49.86
CA HIS G 66 -7.68 -1.95 49.43
C HIS G 66 -8.97 -1.25 48.99
N HIS G 67 -9.68 -0.64 49.95
CA HIS G 67 -10.95 0.06 49.70
C HIS G 67 -12.02 -0.93 49.25
N GLY G 68 -11.86 -2.21 49.56
CA GLY G 68 -12.84 -3.20 49.10
C GLY G 68 -12.33 -4.64 49.10
N ARG G 69 -13.28 -5.58 49.19
CA ARG G 69 -12.94 -6.99 49.25
C ARG G 69 -12.88 -7.77 47.95
N GLN G 70 -11.66 -8.16 47.58
CA GLN G 70 -11.41 -8.96 46.39
C GLN G 70 -10.53 -10.13 46.80
N THR G 71 -10.96 -11.35 46.48
CA THR G 71 -10.20 -12.55 46.84
C THR G 71 -9.83 -13.37 45.61
N VAL G 72 -8.57 -13.79 45.54
CA VAL G 72 -8.08 -14.59 44.43
C VAL G 72 -7.81 -16.02 44.89
N LEU G 73 -7.92 -16.98 43.97
CA LEU G 73 -7.68 -18.38 44.30
C LEU G 73 -6.60 -18.99 43.44
N ILE G 74 -5.40 -19.12 44.01
CA ILE G 74 -4.29 -19.69 43.29
C ILE G 74 -4.28 -21.21 43.47
N LYS G 75 -4.04 -21.93 42.38
CA LYS G 75 -3.98 -23.39 42.42
C LYS G 75 -3.46 -23.94 41.10
N ASP G 76 -2.38 -24.69 41.16
CA ASP G 76 -1.79 -25.28 39.96
C ASP G 76 -1.56 -24.20 38.89
N ASN G 77 -0.94 -23.10 39.29
CA ASN G 77 -0.65 -22.02 38.35
C ASN G 77 -1.90 -21.53 37.61
N SER G 78 -3.07 -21.67 38.25
CA SER G 78 -4.32 -21.25 37.66
C SER G 78 -5.09 -20.42 38.69
N ALA G 79 -5.21 -19.13 38.42
CA ALA G 79 -5.90 -18.21 39.33
C ALA G 79 -7.36 -17.95 38.97
N MET G 80 -8.14 -17.56 39.98
CA MET G 80 -9.55 -17.26 39.81
C MET G 80 -9.92 -16.09 40.71
N VAL G 81 -10.19 -14.92 40.11
CA VAL G 81 -10.55 -13.75 40.89
C VAL G 81 -12.04 -13.78 41.24
N THR G 82 -12.36 -13.42 42.49
CA THR G 82 -13.74 -13.39 42.97
C THR G 82 -13.94 -12.16 43.85
N THR G 83 -15.19 -11.83 44.16
CA THR G 83 -15.44 -10.66 45.00
C THR G 83 -16.81 -10.67 45.64
N ALA G 84 -17.00 -9.72 46.55
CA ALA G 84 -18.27 -9.57 47.26
C ALA G 84 -18.54 -8.07 47.36
N ALA G 85 -17.72 -7.28 46.67
CA ALA G 85 -17.86 -5.83 46.68
C ALA G 85 -18.95 -5.36 45.71
N ALA G 86 -19.94 -4.66 46.24
CA ALA G 86 -21.05 -4.15 45.42
C ALA G 86 -20.56 -3.48 44.14
N ALA G 87 -19.56 -2.61 44.29
CA ALA G 87 -19.03 -1.89 43.14
C ALA G 87 -18.42 -2.81 42.07
N ASP G 88 -18.38 -4.10 42.34
CA ASP G 88 -17.79 -5.02 41.38
C ASP G 88 -18.78 -5.90 40.65
N ILE G 89 -19.99 -6.04 41.18
CA ILE G 89 -20.98 -6.87 40.51
C ILE G 89 -21.38 -6.22 39.18
N PRO G 90 -21.18 -6.94 38.06
CA PRO G 90 -21.56 -6.38 36.76
C PRO G 90 -23.05 -6.02 36.74
N PRO G 91 -23.39 -4.79 36.31
CA PRO G 91 -24.79 -4.35 36.26
C PRO G 91 -25.71 -5.29 35.48
N ALA G 92 -25.20 -5.87 34.41
CA ALA G 92 -26.00 -6.80 33.64
C ALA G 92 -26.38 -8.05 34.45
N LEU G 93 -25.45 -8.56 35.26
CA LEU G 93 -25.70 -9.75 36.09
C LEU G 93 -26.80 -9.50 37.09
N VAL G 94 -26.91 -8.25 37.53
CA VAL G 94 -27.96 -7.89 38.46
C VAL G 94 -29.30 -7.84 37.72
N PHE G 95 -29.34 -7.06 36.65
CA PHE G 95 -30.57 -6.92 35.86
C PHE G 95 -31.18 -8.25 35.43
N ASN G 96 -30.37 -9.10 34.80
CA ASN G 96 -30.87 -10.37 34.30
C ASN G 96 -31.13 -11.43 35.38
N GLY G 97 -30.86 -11.08 36.64
CA GLY G 97 -31.09 -12.01 37.73
C GLY G 97 -30.00 -13.04 38.01
N SER G 98 -28.98 -13.11 37.16
CA SER G 98 -27.89 -14.08 37.40
C SER G 98 -27.44 -14.00 38.85
N SER G 99 -27.15 -12.77 39.28
CA SER G 99 -26.71 -12.50 40.65
C SER G 99 -27.89 -11.96 41.44
N THR G 100 -27.88 -12.21 42.75
CA THR G 100 -28.95 -11.76 43.63
C THR G 100 -28.62 -10.34 44.05
N GLY G 101 -27.41 -9.91 43.69
CA GLY G 101 -26.96 -8.56 44.04
C GLY G 101 -26.39 -8.47 45.44
N VAL G 102 -26.36 -9.59 46.15
CA VAL G 102 -25.86 -9.63 47.53
C VAL G 102 -24.90 -10.81 47.70
N PRO G 103 -23.66 -10.64 47.22
CA PRO G 103 -22.60 -11.66 47.30
C PRO G 103 -21.84 -11.69 48.62
N GLU G 104 -20.99 -12.70 48.78
CA GLU G 104 -20.17 -12.86 49.97
C GLU G 104 -18.82 -13.46 49.63
N SER G 105 -17.88 -13.37 50.58
CA SER G 105 -16.53 -13.88 50.37
C SER G 105 -16.52 -15.33 49.88
N ILE G 106 -15.58 -15.65 49.01
CA ILE G 106 -15.47 -16.99 48.48
C ILE G 106 -15.02 -17.93 49.61
N ASP G 107 -14.17 -17.42 50.49
CA ASP G 107 -13.68 -18.22 51.63
C ASP G 107 -14.88 -18.72 52.42
N THR G 108 -15.80 -17.82 52.71
CA THR G 108 -17.01 -18.16 53.44
C THR G 108 -17.73 -19.31 52.73
N ILE G 109 -17.66 -19.30 51.40
CA ILE G 109 -18.31 -20.34 50.60
C ILE G 109 -17.62 -21.68 50.83
N LEU G 110 -16.30 -21.66 50.86
CA LEU G 110 -15.51 -22.86 51.07
C LEU G 110 -15.67 -23.47 52.46
N SER G 111 -15.73 -22.61 53.48
CA SER G 111 -15.85 -23.08 54.85
C SER G 111 -17.26 -23.43 55.31
N SER G 112 -18.27 -23.05 54.55
CA SER G 112 -19.65 -23.34 54.95
C SER G 112 -20.43 -24.23 53.98
N LYS G 113 -19.89 -24.44 52.79
CA LYS G 113 -20.59 -25.27 51.81
C LYS G 113 -19.70 -26.32 51.15
N LEU G 114 -18.40 -26.26 51.39
CA LEU G 114 -17.48 -27.23 50.80
C LEU G 114 -16.49 -27.80 51.82
N SER G 115 -16.88 -27.76 53.10
CA SER G 115 -16.04 -28.27 54.18
C SER G 115 -15.60 -29.70 53.88
N ASN G 116 -16.56 -30.48 53.37
CA ASN G 116 -16.33 -31.88 53.02
C ASN G 116 -15.30 -32.11 51.93
N ILE G 117 -14.86 -31.04 51.27
CA ILE G 117 -13.88 -31.18 50.18
C ILE G 117 -12.62 -30.38 50.46
N TRP G 118 -12.76 -29.27 51.18
CA TRP G 118 -11.64 -28.42 51.52
C TRP G 118 -11.70 -27.97 52.98
N MET G 119 -10.55 -27.94 53.64
CA MET G 119 -10.48 -27.51 55.02
C MET G 119 -9.34 -26.52 55.20
N GLN G 120 -9.67 -25.38 55.81
CA GLN G 120 -8.69 -24.33 56.07
C GLN G 120 -7.67 -24.89 57.04
N ARG G 121 -6.41 -24.94 56.61
CA ARG G 121 -5.36 -25.50 57.44
C ARG G 121 -4.30 -24.48 57.84
N GLN G 122 -4.64 -23.20 57.75
CA GLN G 122 -3.73 -22.11 58.11
C GLN G 122 -4.39 -20.77 57.80
N LEU G 123 -3.87 -19.70 58.38
CA LEU G 123 -4.44 -18.39 58.15
C LEU G 123 -3.47 -17.30 58.56
N ILE G 124 -2.70 -16.80 57.60
CA ILE G 124 -1.74 -15.74 57.87
C ILE G 124 -2.47 -14.41 57.69
N LYS G 125 -2.18 -13.44 58.55
CA LYS G 125 -2.83 -12.14 58.48
C LYS G 125 -1.85 -10.98 58.55
N GLY G 126 -2.10 -9.97 57.72
CA GLY G 126 -1.24 -8.79 57.72
C GLY G 126 -2.12 -7.56 57.81
N ASP G 127 -2.58 -7.26 59.03
CA ASP G 127 -3.46 -6.12 59.26
C ASP G 127 -2.69 -4.86 59.62
N ALA G 128 -3.34 -3.71 59.47
CA ALA G 128 -2.74 -2.41 59.78
C ALA G 128 -1.45 -2.16 59.00
N GLY G 129 -1.45 -2.53 57.72
CA GLY G 129 -0.28 -2.33 56.88
C GLY G 129 0.07 -0.87 56.66
N GLU G 130 0.74 -0.59 55.54
CA GLU G 130 1.14 0.76 55.20
C GLU G 130 1.44 0.86 53.71
N THR G 131 1.07 1.98 53.10
CA THR G 131 1.30 2.21 51.67
C THR G 131 2.22 3.40 51.48
N LEU G 132 3.10 3.33 50.49
CA LEU G 132 4.04 4.41 50.22
C LEU G 132 4.24 4.59 48.71
N ILE G 133 4.28 5.85 48.28
CA ILE G 133 4.45 6.19 46.87
C ILE G 133 5.84 6.71 46.56
N LEU G 134 6.45 6.17 45.50
CA LEU G 134 7.78 6.58 45.07
C LEU G 134 7.76 6.97 43.60
N ASP G 135 8.89 7.50 43.12
CA ASP G 135 9.00 7.90 41.72
C ASP G 135 8.57 6.77 40.79
N GLY G 136 7.31 6.78 40.39
CA GLY G 136 6.80 5.75 39.51
C GLY G 136 6.99 4.36 40.10
N LEU G 137 6.55 4.19 41.34
CA LEU G 137 6.67 2.91 42.03
C LEU G 137 5.95 2.98 43.39
N THR G 138 5.07 2.01 43.64
CA THR G 138 4.32 1.95 44.89
C THR G 138 4.89 0.82 45.75
N VAL G 139 5.10 1.11 47.04
CA VAL G 139 5.64 0.14 47.97
C VAL G 139 4.79 -0.04 49.23
N ARG G 140 4.24 -1.24 49.39
CA ARG G 140 3.41 -1.56 50.55
C ARG G 140 4.13 -2.55 51.47
N LEU G 141 4.06 -2.29 52.78
CA LEU G 141 4.72 -3.15 53.77
C LEU G 141 3.74 -3.60 54.86
N VAL G 142 3.83 -4.87 55.24
CA VAL G 142 2.96 -5.39 56.28
C VAL G 142 3.58 -6.56 57.04
N ASN G 143 3.33 -6.62 58.34
CA ASN G 143 3.85 -7.71 59.18
C ASN G 143 2.87 -8.87 59.24
N LEU G 144 3.29 -10.03 58.75
CA LEU G 144 2.44 -11.21 58.77
C LEU G 144 2.48 -11.89 60.13
N PHE G 145 1.30 -12.23 60.64
CA PHE G 145 1.15 -12.89 61.92
C PHE G 145 0.27 -14.11 61.76
N SER G 146 0.68 -15.23 62.34
CA SER G 146 -0.09 -16.46 62.26
C SER G 146 -0.52 -16.88 63.65
N SER G 147 -1.26 -17.99 63.74
CA SER G 147 -1.72 -18.50 65.03
C SER G 147 -0.48 -18.70 65.92
N THR G 148 0.64 -19.01 65.30
CA THR G 148 1.89 -19.22 66.00
C THR G 148 2.52 -17.87 66.37
N GLY G 149 2.35 -16.89 65.49
CA GLY G 149 2.91 -15.57 65.74
C GLY G 149 3.69 -15.05 64.57
N PHE G 150 4.22 -13.84 64.70
CA PHE G 150 5.00 -13.17 63.65
C PHE G 150 5.69 -14.16 62.71
N LYS G 151 5.41 -14.04 61.42
CA LYS G 151 6.02 -14.93 60.45
C LYS G 151 7.03 -14.25 59.52
N GLY G 152 7.04 -12.93 59.52
CA GLY G 152 7.97 -12.22 58.67
C GLY G 152 7.49 -10.88 58.17
N LEU G 153 8.26 -10.25 57.29
CA LEU G 153 7.92 -8.94 56.72
C LEU G 153 7.59 -9.04 55.24
N LEU G 154 6.38 -8.63 54.88
CA LEU G 154 5.95 -8.67 53.48
C LEU G 154 6.13 -7.34 52.77
N ILE G 155 6.69 -7.41 51.55
CA ILE G 155 6.92 -6.22 50.74
C ILE G 155 6.22 -6.37 49.38
N GLU G 156 5.25 -5.51 49.12
CA GLU G 156 4.51 -5.54 47.86
C GLU G 156 4.95 -4.37 46.97
N LEU G 157 5.25 -4.67 45.71
CA LEU G 157 5.69 -3.65 44.77
C LEU G 157 4.89 -3.62 43.47
N GLN G 158 4.31 -2.46 43.17
CA GLN G 158 3.53 -2.28 41.95
C GLN G 158 4.00 -1.03 41.21
N ALA G 159 4.19 -1.15 39.90
CA ALA G 159 4.64 -0.02 39.09
C ALA G 159 3.67 0.28 37.94
N ASP G 160 3.99 1.33 37.18
CA ASP G 160 3.16 1.73 36.05
C ASP G 160 3.75 1.22 34.73
N GLU G 161 5.00 1.59 34.46
CA GLU G 161 5.66 1.16 33.23
C GLU G 161 6.36 -0.18 33.43
N ALA G 162 6.63 -0.88 32.35
CA ALA G 162 7.29 -2.19 32.40
C ALA G 162 8.72 -2.12 31.89
N GLY G 163 9.03 -1.09 31.11
CA GLY G 163 10.36 -0.94 30.55
C GLY G 163 11.40 -0.48 31.57
N GLU G 164 10.94 -0.04 32.72
CA GLU G 164 11.84 0.45 33.76
C GLU G 164 11.97 -0.53 34.92
N PHE G 165 10.87 -1.22 35.22
CA PHE G 165 10.80 -2.18 36.33
C PHE G 165 12.08 -2.84 36.77
N GLU G 166 12.49 -3.90 36.07
CA GLU G 166 13.72 -4.62 36.40
C GLU G 166 14.69 -3.75 37.21
N THR G 167 15.14 -2.65 36.58
CA THR G 167 16.08 -1.71 37.19
C THR G 167 15.40 -0.78 38.21
N LYS G 168 14.41 -1.31 38.92
CA LYS G 168 13.68 -0.53 39.93
C LYS G 168 13.81 -1.20 41.28
N ILE G 169 13.43 -2.47 41.34
CA ILE G 169 13.52 -3.24 42.59
C ILE G 169 14.99 -3.34 42.96
N ALA G 170 15.85 -3.34 41.94
CA ALA G 170 17.29 -3.41 42.16
C ALA G 170 17.64 -2.30 43.15
N GLY G 171 16.79 -1.29 43.20
CA GLY G 171 17.01 -0.18 44.11
C GLY G 171 16.38 -0.50 45.45
N ILE G 172 15.31 -1.28 45.42
CA ILE G 172 14.61 -1.69 46.64
C ILE G 172 15.40 -2.77 47.37
N GLU G 173 15.93 -3.72 46.61
CA GLU G 173 16.71 -4.79 47.19
C GLU G 173 18.05 -4.19 47.60
N GLY G 174 18.35 -3.03 47.04
CA GLY G 174 19.59 -2.35 47.38
C GLY G 174 19.53 -1.87 48.81
N HIS G 175 18.37 -1.35 49.21
CA HIS G 175 18.18 -0.87 50.58
C HIS G 175 17.71 -2.05 51.42
N LEU G 176 17.69 -3.23 50.81
CA LEU G 176 17.28 -4.44 51.50
C LEU G 176 18.48 -5.02 52.25
N ALA G 177 19.67 -4.53 51.91
CA ALA G 177 20.90 -4.97 52.54
C ALA G 177 21.26 -3.93 53.61
N GLU G 178 21.31 -2.67 53.18
CA GLU G 178 21.63 -1.55 54.06
C GLU G 178 20.88 -1.61 55.40
N ILE G 179 19.79 -2.36 55.43
CA ILE G 179 18.97 -2.49 56.64
C ILE G 179 19.31 -3.73 57.46
N ARG G 180 20.35 -4.44 57.06
CA ARG G 180 20.76 -5.66 57.77
C ARG G 180 19.66 -6.72 57.71
N ALA G 181 19.47 -7.30 56.52
CA ALA G 181 18.47 -8.34 56.31
C ALA G 181 19.21 -9.50 55.67
N LYS G 182 19.13 -10.68 56.29
CA LYS G 182 19.85 -11.83 55.78
C LYS G 182 19.08 -12.82 54.92
N GLU G 183 17.82 -13.07 55.26
CA GLU G 183 17.04 -14.02 54.48
C GLU G 183 15.73 -13.45 53.97
N TYR G 184 15.52 -13.57 52.66
CA TYR G 184 14.31 -13.08 52.00
C TYR G 184 14.19 -13.64 50.59
N LYS G 185 12.96 -13.81 50.13
CA LYS G 185 12.71 -14.33 48.79
C LYS G 185 12.07 -13.26 47.92
N THR G 186 12.50 -13.19 46.66
CA THR G 186 11.98 -12.21 45.72
C THR G 186 11.17 -12.93 44.63
N SER G 187 9.97 -12.42 44.35
CA SER G 187 9.11 -13.01 43.33
C SER G 187 8.51 -11.98 42.38
N SER G 188 8.70 -12.21 41.08
CA SER G 188 8.16 -11.33 40.04
C SER G 188 7.60 -12.18 38.91
N ASP G 189 7.25 -13.41 39.24
CA ASP G 189 6.71 -14.37 38.28
C ASP G 189 5.36 -13.95 37.71
N SER G 190 4.88 -14.77 36.77
CA SER G 190 3.60 -14.55 36.12
C SER G 190 3.02 -15.89 35.67
N LEU G 191 1.72 -15.89 35.39
CA LEU G 191 1.04 -17.10 34.94
C LEU G 191 0.82 -17.09 33.43
N ASN G 197 -4.24 -10.85 33.43
CA ASN G 197 -4.60 -10.15 34.66
C ASN G 197 -3.36 -9.77 35.46
N GLU G 198 -3.49 -8.79 36.34
CA GLU G 198 -2.39 -8.36 37.19
C GLU G 198 -2.67 -8.82 38.61
N ILE G 199 -3.92 -8.68 39.05
CA ILE G 199 -4.31 -9.09 40.37
C ILE G 199 -3.95 -10.57 40.54
N CYS G 200 -3.93 -11.29 39.43
CA CYS G 200 -3.60 -12.71 39.42
C CYS G 200 -2.09 -12.95 39.56
N ASP G 201 -1.30 -12.15 38.84
CA ASP G 201 0.15 -12.28 38.92
C ASP G 201 0.61 -11.83 40.30
N LEU G 202 -0.13 -10.91 40.91
CA LEU G 202 0.23 -10.43 42.24
C LEU G 202 0.03 -11.57 43.23
N ALA G 203 -1.15 -12.18 43.18
CA ALA G 203 -1.48 -13.29 44.08
C ALA G 203 -0.47 -14.42 43.93
N TYR G 204 -0.19 -14.82 42.69
CA TYR G 204 0.76 -15.90 42.40
C TYR G 204 2.15 -15.56 42.94
N GLN G 205 2.53 -14.29 42.80
CA GLN G 205 3.83 -13.83 43.28
C GLN G 205 3.87 -13.96 44.79
N TYR G 206 2.74 -13.66 45.43
CA TYR G 206 2.61 -13.75 46.87
C TYR G 206 2.83 -15.19 47.32
N VAL G 207 2.23 -16.12 46.59
CA VAL G 207 2.33 -17.53 46.91
C VAL G 207 3.75 -18.07 46.78
N ARG G 208 4.43 -17.72 45.70
CA ARG G 208 5.79 -18.18 45.49
C ARG G 208 6.77 -17.49 46.44
N ALA G 209 6.49 -16.23 46.76
CA ALA G 209 7.34 -15.47 47.66
C ALA G 209 7.31 -16.05 49.07
N LEU G 210 6.17 -16.63 49.44
CA LEU G 210 6.02 -17.24 50.77
C LEU G 210 6.32 -18.73 50.67
N GLU G 211 6.29 -19.25 49.45
CA GLU G 211 6.53 -20.67 49.22
C GLU G 211 5.48 -21.44 50.02
N LEU G 212 4.40 -20.74 50.36
CA LEU G 212 3.31 -21.30 51.15
C LEU G 212 2.97 -22.72 50.69
N VAL H 1 -28.37 -14.68 51.26
CA VAL H 1 -29.69 -14.10 50.86
C VAL H 1 -30.79 -15.16 50.92
N GLN H 2 -31.99 -14.72 51.29
CA GLN H 2 -33.12 -15.61 51.37
C GLN H 2 -34.13 -15.19 50.31
N GLN H 3 -34.40 -16.09 49.36
CA GLN H 3 -35.32 -15.79 48.27
C GLN H 3 -36.69 -16.45 48.41
N LEU H 4 -37.71 -15.63 48.59
CA LEU H 4 -39.06 -16.12 48.70
C LEU H 4 -39.67 -16.02 47.31
N SER H 5 -40.57 -16.93 46.98
CA SER H 5 -41.18 -16.90 45.66
C SER H 5 -42.41 -17.78 45.51
N LEU H 6 -43.06 -17.63 44.37
CA LEU H 6 -44.24 -18.40 44.02
C LEU H 6 -44.08 -18.67 42.52
N PHE H 7 -44.69 -19.75 42.02
CA PHE H 7 -44.57 -20.05 40.62
C PHE H 7 -45.92 -20.31 39.98
N GLY H 8 -45.92 -20.32 38.65
CA GLY H 8 -47.13 -20.55 37.90
C GLY H 8 -46.74 -20.71 36.44
N SER H 9 -47.74 -20.90 35.59
CA SER H 9 -47.49 -21.04 34.16
C SER H 9 -48.77 -20.81 33.41
N ILE H 10 -48.66 -20.66 32.10
CA ILE H 10 -49.80 -20.44 31.23
C ILE H 10 -49.46 -21.00 29.86
N GLY H 11 -50.47 -21.16 29.01
CA GLY H 11 -50.24 -21.68 27.68
C GLY H 11 -49.80 -20.56 26.76
N ASP H 12 -49.10 -20.93 25.70
CA ASP H 12 -48.60 -19.97 24.72
C ASP H 12 -49.65 -18.97 24.25
N ASP H 13 -50.93 -19.30 24.45
CA ASP H 13 -52.03 -18.43 24.02
C ASP H 13 -52.35 -17.30 24.98
N GLY H 14 -51.89 -17.42 26.22
CA GLY H 14 -52.17 -16.37 27.19
C GLY H 14 -51.11 -15.32 27.38
N TYR H 15 -49.98 -15.47 26.68
CA TYR H 15 -48.86 -14.52 26.79
C TYR H 15 -49.27 -13.05 26.80
N ASP H 16 -49.83 -12.59 25.70
CA ASP H 16 -50.24 -11.19 25.58
C ASP H 16 -51.22 -10.79 26.68
N LEU H 17 -52.18 -11.66 26.96
CA LEU H 17 -53.17 -11.37 27.99
C LEU H 17 -52.52 -11.22 29.36
N LEU H 18 -51.53 -12.05 29.67
CA LEU H 18 -50.86 -11.95 30.95
C LEU H 18 -49.93 -10.74 30.95
N ILE H 19 -49.28 -10.51 29.82
CA ILE H 19 -48.37 -9.37 29.68
C ILE H 19 -49.14 -8.08 30.00
N SER H 20 -50.36 -7.97 29.49
CA SER H 20 -51.18 -6.80 29.75
C SER H 20 -51.50 -6.69 31.23
N THR H 21 -51.88 -7.83 31.83
CA THR H 21 -52.24 -7.87 33.25
C THR H 21 -51.06 -7.50 34.13
N LEU H 22 -49.91 -8.10 33.85
CA LEU H 22 -48.72 -7.80 34.63
C LEU H 22 -48.32 -6.34 34.43
N THR H 23 -48.60 -5.80 33.26
CA THR H 23 -48.26 -4.40 33.00
C THR H 23 -49.21 -3.48 33.78
N THR H 24 -50.50 -3.79 33.76
CA THR H 24 -51.48 -3.00 34.50
C THR H 24 -51.16 -2.96 36.00
N ILE H 25 -51.05 -4.13 36.60
CA ILE H 25 -50.76 -4.24 38.03
C ILE H 25 -49.44 -3.56 38.36
N SER H 26 -48.42 -3.93 37.62
CA SER H 26 -47.08 -3.39 37.79
C SER H 26 -46.97 -1.91 37.45
N GLY H 27 -47.71 -1.49 36.43
CA GLY H 27 -47.62 -0.12 36.00
C GLY H 27 -46.33 0.07 35.20
N ASN H 28 -45.64 -1.03 34.95
CA ASN H 28 -44.38 -0.98 34.22
C ASN H 28 -44.33 -1.92 33.02
N PRO H 29 -43.43 -1.61 32.07
CA PRO H 29 -43.29 -2.43 30.86
C PRO H 29 -42.48 -3.68 31.08
N PRO H 30 -42.71 -4.70 30.25
CA PRO H 30 -41.97 -5.95 30.36
C PRO H 30 -40.56 -5.71 29.82
N LEU H 31 -39.55 -6.12 30.57
CA LEU H 31 -38.16 -5.92 30.17
C LEU H 31 -37.46 -7.25 29.84
N LEU H 32 -37.01 -7.37 28.60
CA LEU H 32 -36.33 -8.57 28.13
C LEU H 32 -35.03 -8.85 28.83
N TYR H 33 -34.79 -10.13 29.12
CA TYR H 33 -33.57 -10.58 29.77
C TYR H 33 -33.34 -12.06 29.45
N ASN H 34 -32.12 -12.52 29.69
CA ASN H 34 -31.82 -13.92 29.44
C ASN H 34 -30.71 -14.34 30.40
N SER H 35 -30.55 -15.65 30.56
CA SER H 35 -29.52 -16.17 31.44
C SER H 35 -29.07 -17.56 30.98
N LEU H 36 -27.81 -17.86 31.27
CA LEU H 36 -27.21 -19.14 30.94
C LEU H 36 -26.69 -19.66 32.27
N CYS H 37 -27.17 -20.83 32.68
CA CYS H 37 -26.75 -21.44 33.94
C CYS H 37 -26.17 -22.83 33.76
N THR H 38 -25.04 -23.07 34.41
CA THR H 38 -24.38 -24.37 34.35
C THR H 38 -24.35 -24.92 35.78
N VAL H 39 -24.96 -26.08 35.97
CA VAL H 39 -25.01 -26.70 37.29
C VAL H 39 -23.85 -27.68 37.46
N TRP H 40 -23.18 -27.59 38.61
CA TRP H 40 -22.04 -28.46 38.88
C TRP H 40 -22.24 -29.26 40.17
N LYS H 41 -21.77 -30.50 40.15
CA LYS H 41 -21.89 -31.40 41.29
C LYS H 41 -20.52 -31.97 41.65
N PRO H 42 -20.33 -32.36 42.92
CA PRO H 42 -19.06 -32.93 43.38
C PRO H 42 -18.77 -34.15 42.52
N ASN H 43 -17.53 -34.28 42.05
CA ASN H 43 -17.15 -35.40 41.20
C ASN H 43 -17.73 -36.73 41.74
N PRO H 44 -18.38 -37.51 40.85
CA PRO H 44 -18.99 -38.79 41.21
C PRO H 44 -18.01 -39.87 41.67
N SER H 45 -16.72 -39.68 41.40
CA SER H 45 -15.71 -40.66 41.77
C SER H 45 -14.99 -40.35 43.09
N TYR H 46 -15.71 -39.72 44.02
CA TYR H 46 -15.14 -39.39 45.33
C TYR H 46 -16.16 -39.64 46.44
N PRO H 60 -24.69 -32.84 49.68
CA PRO H 60 -24.23 -32.72 48.29
C PRO H 60 -23.76 -31.30 47.94
N ASN H 61 -24.70 -30.35 47.94
CA ASN H 61 -24.42 -28.95 47.65
C ASN H 61 -23.85 -28.78 46.24
N ARG H 62 -24.73 -28.48 45.28
CA ARG H 62 -24.32 -28.29 43.91
C ARG H 62 -24.01 -26.81 43.70
N ILE H 63 -23.33 -26.49 42.61
CA ILE H 63 -22.97 -25.11 42.32
C ILE H 63 -23.52 -24.65 40.96
N LYS H 64 -24.35 -23.62 41.00
CA LYS H 64 -24.92 -23.05 39.77
C LYS H 64 -24.10 -21.83 39.36
N LEU H 65 -23.60 -21.86 38.13
CA LEU H 65 -22.83 -20.77 37.56
C LEU H 65 -23.78 -20.07 36.57
N SER H 66 -24.04 -18.78 36.78
CA SER H 66 -24.95 -18.05 35.91
C SER H 66 -24.41 -16.72 35.38
N LYS H 67 -24.78 -16.39 34.14
CA LYS H 67 -24.39 -15.13 33.50
C LYS H 67 -25.38 -14.83 32.37
N GLU H 68 -25.30 -13.62 31.82
CA GLU H 68 -26.20 -13.27 30.74
C GLU H 68 -25.45 -13.44 29.43
N VAL H 69 -26.20 -13.60 28.35
CA VAL H 69 -25.61 -13.76 27.05
C VAL H 69 -26.19 -12.70 26.11
N PRO H 70 -25.36 -12.13 25.23
CA PRO H 70 -25.93 -11.14 24.32
C PRO H 70 -27.02 -11.79 23.49
N PHE H 71 -28.18 -11.15 23.41
CA PHE H 71 -29.31 -11.70 22.67
C PHE H 71 -29.00 -12.02 21.21
N SER H 72 -27.94 -11.43 20.67
CA SER H 72 -27.60 -11.70 19.28
C SER H 72 -27.17 -13.16 19.10
N TYR H 73 -26.68 -13.76 20.19
CA TYR H 73 -26.25 -15.16 20.17
C TYR H 73 -27.43 -16.12 20.18
N LEU H 74 -28.52 -15.71 20.84
CA LEU H 74 -29.72 -16.54 20.96
C LEU H 74 -30.62 -16.39 19.74
N ILE H 75 -30.27 -15.46 18.85
CA ILE H 75 -31.05 -15.20 17.65
C ILE H 75 -30.44 -15.86 16.43
N ASP H 76 -31.28 -16.42 15.57
CA ASP H 76 -30.78 -17.09 14.38
C ASP H 76 -30.55 -16.13 13.21
N GLU H 77 -30.20 -16.68 12.05
CA GLU H 77 -29.89 -15.89 10.87
C GLU H 77 -31.03 -15.52 9.92
N THR H 78 -32.28 -15.50 10.42
CA THR H 78 -33.44 -15.20 9.58
C THR H 78 -33.72 -13.72 9.24
N MET H 79 -34.60 -13.11 10.03
CA MET H 79 -35.01 -11.72 9.82
C MET H 79 -33.96 -10.70 10.24
N MET H 80 -32.72 -10.92 9.80
CA MET H 80 -31.62 -10.03 10.13
C MET H 80 -31.94 -8.55 10.28
N ASP H 81 -32.85 -8.04 9.44
CA ASP H 81 -33.13 -6.61 9.44
C ASP H 81 -34.40 -5.88 9.92
N LYS H 82 -34.65 -5.94 11.22
CA LYS H 82 -35.74 -5.26 11.88
C LYS H 82 -35.48 -5.46 13.37
N PRO H 83 -35.81 -4.46 14.22
CA PRO H 83 -35.58 -4.56 15.66
C PRO H 83 -35.28 -5.96 16.18
N LEU H 84 -34.17 -6.06 16.91
CA LEU H 84 -33.77 -7.31 17.52
C LEU H 84 -34.94 -7.71 18.39
N ASN H 85 -35.51 -6.69 19.03
CA ASN H 85 -36.65 -6.82 19.93
C ASN H 85 -37.75 -7.65 19.29
N PHE H 86 -38.08 -7.30 18.06
CA PHE H 86 -39.12 -8.00 17.32
C PHE H 86 -38.63 -9.39 16.91
N ARG H 87 -37.32 -9.51 16.68
CA ARG H 87 -36.72 -10.78 16.29
C ARG H 87 -36.65 -11.72 17.49
N ILE H 88 -36.41 -11.13 18.66
CA ILE H 88 -36.31 -11.89 19.90
C ILE H 88 -37.68 -12.46 20.27
N LEU H 89 -38.65 -11.58 20.46
CA LEU H 89 -40.00 -11.98 20.81
C LEU H 89 -40.59 -12.97 19.83
N LYS H 90 -40.40 -12.73 18.54
CA LYS H 90 -40.94 -13.62 17.52
C LYS H 90 -40.51 -15.07 17.73
N SER H 91 -39.21 -15.27 17.94
CA SER H 91 -38.67 -16.61 18.15
C SER H 91 -38.98 -17.07 19.57
N PHE H 92 -38.98 -16.12 20.49
CA PHE H 92 -39.25 -16.37 21.90
C PHE H 92 -40.68 -16.84 22.10
N THR H 93 -41.60 -16.27 21.33
CA THR H 93 -43.02 -16.61 21.42
C THR H 93 -43.37 -18.01 20.93
N ASN H 94 -42.91 -18.37 19.73
CA ASN H 94 -43.18 -19.71 19.14
C ASN H 94 -42.37 -20.77 19.93
N SER H 159 -8.92 -16.18 29.83
CA SER H 159 -9.72 -15.81 31.02
C SER H 159 -11.18 -16.16 30.84
N CYS H 160 -11.87 -16.33 31.97
CA CYS H 160 -13.27 -16.66 31.93
C CYS H 160 -14.05 -15.34 32.05
N SER H 161 -15.24 -15.31 31.45
CA SER H 161 -16.08 -14.13 31.53
C SER H 161 -16.65 -14.14 32.94
N PRO H 162 -17.24 -13.02 33.38
CA PRO H 162 -17.81 -12.99 34.73
C PRO H 162 -18.97 -13.98 34.87
N TRP H 163 -19.13 -14.53 36.07
CA TRP H 163 -20.22 -15.46 36.34
C TRP H 163 -20.73 -15.23 37.75
N SER H 164 -21.92 -15.74 38.03
CA SER H 164 -22.50 -15.62 39.35
C SER H 164 -22.54 -17.03 39.94
N LEU H 165 -21.58 -17.34 40.80
CA LEU H 165 -21.48 -18.64 41.45
C LEU H 165 -22.37 -18.71 42.68
N GLN H 166 -23.33 -19.63 42.67
CA GLN H 166 -24.26 -19.79 43.80
C GLN H 166 -24.39 -21.22 44.27
N ILE H 167 -24.82 -21.37 45.52
CA ILE H 167 -25.05 -22.67 46.14
C ILE H 167 -26.25 -22.43 47.06
N SER H 168 -27.28 -23.25 46.93
CA SER H 168 -28.48 -23.06 47.75
C SER H 168 -29.01 -24.30 48.49
N ASP H 169 -29.82 -24.05 49.51
CA ASP H 169 -30.43 -25.09 50.32
C ASP H 169 -31.83 -24.63 50.75
N ILE H 170 -32.68 -25.57 51.17
CA ILE H 170 -34.04 -25.24 51.60
C ILE H 170 -34.08 -24.68 53.02
N ARG H 177 -45.53 -22.46 55.59
CA ARG H 177 -44.59 -22.24 54.51
C ARG H 177 -45.33 -22.12 53.18
N SER H 178 -46.18 -21.10 53.07
CA SER H 178 -46.96 -20.86 51.86
C SER H 178 -46.10 -20.41 50.67
N VAL H 179 -45.22 -19.44 50.89
CA VAL H 179 -44.35 -18.96 49.82
C VAL H 179 -43.03 -19.72 49.89
N SER H 180 -42.56 -20.21 48.76
CA SER H 180 -41.31 -20.95 48.72
C SER H 180 -40.23 -20.14 49.41
N MET H 181 -39.27 -20.83 50.03
CA MET H 181 -38.19 -20.16 50.74
C MET H 181 -36.90 -20.93 50.43
N GLN H 182 -35.84 -20.19 50.11
CA GLN H 182 -34.56 -20.78 49.76
C GLN H 182 -33.40 -19.87 50.16
N THR H 183 -32.30 -20.48 50.58
CA THR H 183 -31.13 -19.71 50.99
C THR H 183 -30.19 -19.67 49.81
N ILE H 184 -29.53 -18.55 49.60
CA ILE H 184 -28.63 -18.44 48.46
C ILE H 184 -27.26 -17.91 48.82
N ALA H 185 -26.27 -18.78 48.74
CA ALA H 185 -24.90 -18.40 49.02
C ALA H 185 -24.36 -17.98 47.67
N GLU H 186 -23.90 -16.74 47.57
CA GLU H 186 -23.40 -16.25 46.30
C GLU H 186 -22.07 -15.52 46.36
N THR H 187 -21.33 -15.63 45.26
CA THR H 187 -20.04 -14.97 45.11
C THR H 187 -19.89 -14.72 43.61
N ILE H 188 -19.13 -13.70 43.26
CA ILE H 188 -18.93 -13.37 41.86
C ILE H 188 -17.54 -13.72 41.37
N ILE H 189 -17.49 -14.35 40.20
CA ILE H 189 -16.22 -14.71 39.58
C ILE H 189 -15.99 -13.63 38.52
N LEU H 190 -14.91 -12.87 38.66
CA LEU H 190 -14.61 -11.78 37.73
C LEU H 190 -13.73 -12.19 36.56
N SER H 191 -12.65 -12.91 36.86
CA SER H 191 -11.73 -13.36 35.82
C SER H 191 -10.87 -14.52 36.28
N SER H 192 -10.07 -15.04 35.34
CA SER H 192 -9.20 -16.17 35.60
C SER H 192 -7.92 -16.02 34.80
N ALA H 193 -6.97 -16.90 35.05
CA ALA H 193 -5.68 -16.87 34.37
C ALA H 193 -4.93 -18.18 34.60
N GLY H 194 -3.95 -18.47 33.75
CA GLY H 194 -3.18 -19.68 33.91
C GLY H 194 -3.32 -20.68 32.79
N LYS H 195 -2.65 -21.83 32.94
CA LYS H 195 -2.67 -22.89 31.95
C LYS H 195 -4.07 -23.48 31.79
N ASN H 196 -4.77 -23.62 32.91
CA ASN H 196 -6.13 -24.17 32.90
C ASN H 196 -7.06 -23.17 33.58
N SER H 197 -7.24 -22.03 32.94
CA SER H 197 -8.08 -20.96 33.46
C SER H 197 -9.52 -20.97 32.94
N SER H 198 -9.89 -21.99 32.18
CA SER H 198 -11.24 -22.09 31.65
C SER H 198 -12.17 -22.39 32.83
N VAL H 199 -13.37 -21.82 32.80
CA VAL H 199 -14.34 -22.03 33.88
C VAL H 199 -14.47 -23.51 34.23
N SER H 200 -14.49 -24.36 33.21
CA SER H 200 -14.61 -25.79 33.41
C SER H 200 -13.53 -26.33 34.36
N SER H 201 -12.28 -26.08 34.01
CA SER H 201 -11.15 -26.53 34.81
C SER H 201 -11.27 -26.05 36.25
N LEU H 202 -11.52 -24.76 36.42
CA LEU H 202 -11.67 -24.17 37.75
C LEU H 202 -12.62 -24.95 38.64
N MET H 203 -13.79 -25.31 38.11
CA MET H 203 -14.76 -26.06 38.91
C MET H 203 -14.23 -27.46 39.22
N ASN H 204 -13.51 -28.05 38.26
CA ASN H 204 -12.93 -29.37 38.46
C ASN H 204 -11.85 -29.28 39.54
N GLY H 205 -11.05 -28.22 39.46
CA GLY H 205 -10.00 -28.02 40.44
C GLY H 205 -10.56 -27.85 41.83
N LEU H 206 -11.88 -27.82 41.94
CA LEU H 206 -12.55 -27.66 43.23
C LEU H 206 -13.26 -28.94 43.63
N GLY H 207 -13.30 -29.90 42.72
CA GLY H 207 -13.95 -31.16 43.02
C GLY H 207 -15.34 -31.32 42.42
N TYR H 208 -15.69 -30.44 41.49
CA TYR H 208 -16.99 -30.53 40.86
C TYR H 208 -16.86 -30.84 39.38
N VAL H 209 -17.91 -31.43 38.82
CA VAL H 209 -17.93 -31.80 37.42
C VAL H 209 -19.23 -31.33 36.78
N PHE H 210 -19.22 -31.19 35.46
CA PHE H 210 -20.41 -30.73 34.74
C PHE H 210 -21.60 -31.64 34.98
N GLU H 211 -22.80 -31.07 34.97
CA GLU H 211 -24.02 -31.85 35.16
C GLU H 211 -25.14 -31.45 34.20
N PHE H 212 -25.72 -30.28 34.45
CA PHE H 212 -26.82 -29.75 33.65
C PHE H 212 -26.52 -28.34 33.18
N GLN H 213 -27.19 -27.90 32.12
CA GLN H 213 -27.01 -26.56 31.58
C GLN H 213 -28.29 -26.08 30.91
N TYR H 214 -28.78 -24.92 31.31
CA TYR H 214 -30.01 -24.40 30.71
C TYR H 214 -29.96 -22.90 30.38
N LEU H 215 -30.78 -22.52 29.42
CA LEU H 215 -30.89 -21.14 28.96
C LEU H 215 -32.28 -20.62 29.24
N THR H 216 -32.37 -19.38 29.68
CA THR H 216 -33.66 -18.79 29.96
C THR H 216 -33.84 -17.48 29.23
N ILE H 217 -35.05 -17.26 28.72
CA ILE H 217 -35.39 -16.04 28.02
C ILE H 217 -36.75 -15.61 28.54
N GLY H 218 -36.89 -14.34 28.87
CA GLY H 218 -38.16 -13.85 29.36
C GLY H 218 -38.17 -12.34 29.51
N VAL H 219 -39.21 -11.85 30.17
CA VAL H 219 -39.39 -10.44 30.44
C VAL H 219 -39.65 -10.36 31.94
N LYS H 220 -39.18 -9.29 32.56
CA LYS H 220 -39.36 -9.14 33.99
C LYS H 220 -40.05 -7.83 34.27
N PHE H 221 -40.72 -7.77 35.40
CA PHE H 221 -41.43 -6.57 35.82
C PHE H 221 -40.93 -6.17 37.19
N PHE H 222 -40.91 -4.88 37.46
CA PHE H 222 -40.48 -4.38 38.76
C PHE H 222 -41.71 -3.88 39.51
N MET H 223 -41.99 -4.50 40.65
CA MET H 223 -43.13 -4.07 41.46
C MET H 223 -42.58 -3.59 42.80
N LYS H 224 -43.45 -3.03 43.63
CA LYS H 224 -43.05 -2.53 44.94
C LYS H 224 -42.49 -3.62 45.88
N HIS H 225 -41.87 -3.18 46.96
CA HIS H 225 -41.34 -4.09 47.97
C HIS H 225 -40.39 -5.13 47.41
N GLY H 226 -39.64 -4.74 46.38
CA GLY H 226 -38.67 -5.65 45.77
C GLY H 226 -39.29 -6.81 45.03
N LEU H 227 -40.60 -6.77 44.83
CA LEU H 227 -41.28 -7.84 44.13
C LEU H 227 -40.91 -7.84 42.64
N ILE H 228 -40.35 -8.96 42.19
CA ILE H 228 -39.92 -9.13 40.81
C ILE H 228 -40.68 -10.27 40.14
N LEU H 229 -41.17 -10.03 38.93
CA LEU H 229 -41.88 -11.05 38.16
C LEU H 229 -41.08 -11.41 36.90
N GLU H 230 -40.97 -12.70 36.61
CA GLU H 230 -40.25 -13.14 35.43
C GLU H 230 -41.05 -14.14 34.62
N LEU H 231 -41.66 -13.69 33.51
CA LEU H 231 -42.41 -14.59 32.64
C LEU H 231 -41.33 -15.18 31.74
N GLN H 232 -41.24 -16.50 31.65
CA GLN H 232 -40.16 -17.10 30.88
C GLN H 232 -40.37 -18.46 30.24
N LYS H 233 -39.39 -18.82 29.42
CA LYS H 233 -39.33 -20.10 28.73
C LYS H 233 -37.91 -20.60 29.01
N ILE H 234 -37.77 -21.90 29.25
CA ILE H 234 -36.48 -22.47 29.55
C ILE H 234 -36.08 -23.58 28.60
N TRP H 235 -34.80 -23.65 28.27
CA TRP H 235 -34.24 -24.65 27.37
C TRP H 235 -33.05 -25.36 28.03
N GLN H 236 -32.96 -26.68 27.88
CA GLN H 236 -31.82 -27.39 28.45
C GLN H 236 -30.83 -27.64 27.32
N ILE H 237 -29.59 -27.24 27.55
CA ILE H 237 -28.52 -27.36 26.57
C ILE H 237 -27.75 -28.68 26.67
N GLU H 238 -28.21 -29.68 25.93
CA GLU H 238 -27.54 -30.98 25.93
C GLU H 238 -26.54 -30.95 24.79
N GLU H 239 -26.86 -30.15 23.78
CA GLU H 239 -26.04 -29.99 22.59
C GLU H 239 -25.74 -31.30 21.89
N ALA H 240 -26.85 -31.85 21.41
CA ALA H 240 -26.98 -33.08 20.66
C ALA H 240 -28.40 -32.77 20.20
N GLY H 241 -28.90 -31.68 20.77
CA GLY H 241 -30.24 -31.18 20.52
C GLY H 241 -30.72 -30.47 21.79
N ASN H 242 -31.31 -29.29 21.63
CA ASN H 242 -31.81 -28.54 22.79
C ASN H 242 -33.18 -29.11 23.18
N SER H 243 -33.74 -28.62 24.27
CA SER H 243 -35.04 -29.12 24.73
C SER H 243 -35.80 -28.14 25.61
N GLN H 244 -36.97 -27.72 25.15
CA GLN H 244 -37.78 -26.80 25.94
C GLN H 244 -38.41 -27.49 27.14
N ILE H 245 -37.98 -27.07 28.32
CA ILE H 245 -38.49 -27.60 29.57
C ILE H 245 -39.89 -27.03 29.81
N THR H 246 -40.23 -25.99 29.06
CA THR H 246 -41.53 -25.34 29.22
C THR H 246 -42.38 -25.39 27.96
N SER H 247 -41.90 -26.09 26.93
CA SER H 247 -42.62 -26.19 25.66
C SER H 247 -44.13 -26.13 25.86
N GLY H 248 -44.79 -25.29 25.08
CA GLY H 248 -46.23 -25.16 25.18
C GLY H 248 -46.72 -23.98 26.00
N GLY H 249 -45.84 -23.36 26.77
CA GLY H 249 -46.26 -22.23 27.57
C GLY H 249 -45.13 -21.43 28.18
N PHE H 250 -45.46 -20.60 29.16
CA PHE H 250 -44.47 -19.78 29.84
C PHE H 250 -44.51 -20.01 31.34
N LEU H 251 -43.34 -19.96 31.96
CA LEU H 251 -43.24 -20.14 33.41
C LEU H 251 -43.15 -18.76 34.07
N LEU H 252 -44.02 -18.51 35.05
CA LEU H 252 -44.02 -17.25 35.77
C LEU H 252 -43.47 -17.42 37.18
N LYS H 253 -42.42 -16.67 37.50
CA LYS H 253 -41.82 -16.72 38.81
C LYS H 253 -41.92 -15.34 39.43
N ALA H 254 -42.42 -15.29 40.67
CA ALA H 254 -42.57 -14.03 41.39
C ALA H 254 -41.75 -14.19 42.67
N TYR H 255 -40.74 -13.35 42.85
CA TYR H 255 -39.90 -13.49 44.03
C TYR H 255 -39.40 -12.20 44.66
N ILE H 256 -38.94 -12.31 45.89
CA ILE H 256 -38.38 -11.19 46.64
C ILE H 256 -37.15 -11.68 47.42
N ASN H 257 -36.07 -10.92 47.32
CA ASN H 257 -34.84 -11.26 48.03
C ASN H 257 -34.71 -10.38 49.25
N VAL H 258 -34.31 -10.99 50.37
CA VAL H 258 -34.13 -10.28 51.61
C VAL H 258 -32.91 -10.84 52.34
N SER H 259 -32.24 -9.98 53.11
CA SER H 259 -31.05 -10.37 53.86
C SER H 259 -31.26 -11.57 54.77
N ARG H 260 -30.28 -12.47 54.79
CA ARG H 260 -30.35 -13.68 55.63
C ARG H 260 -30.39 -13.26 57.09
N GLY H 261 -31.24 -13.94 57.86
CA GLY H 261 -31.37 -13.62 59.27
C GLY H 261 -32.07 -12.29 59.46
N THR H 262 -33.39 -12.31 59.37
CA THR H 262 -34.17 -11.09 59.53
C THR H 262 -35.44 -11.33 60.32
N ASP H 263 -36.02 -10.25 60.83
CA ASP H 263 -37.25 -10.28 61.62
C ASP H 263 -38.26 -11.26 61.01
N ILE H 264 -38.82 -12.12 61.84
CA ILE H 264 -39.81 -13.07 61.36
C ILE H 264 -40.93 -12.25 60.73
N ASP H 265 -41.04 -10.99 61.16
CA ASP H 265 -42.05 -10.09 60.63
C ASP H 265 -41.66 -9.63 59.24
N ARG H 266 -40.34 -9.53 59.00
CA ARG H 266 -39.87 -9.13 57.69
C ARG H 266 -40.06 -10.32 56.75
N ILE H 267 -39.78 -11.51 57.24
CA ILE H 267 -39.93 -12.72 56.44
C ILE H 267 -41.41 -13.02 56.22
N ASN H 268 -42.26 -12.58 57.13
CA ASN H 268 -43.70 -12.80 57.01
C ASN H 268 -44.32 -11.67 56.20
N TYR H 269 -43.81 -10.46 56.38
CA TYR H 269 -44.29 -9.30 55.64
C TYR H 269 -44.04 -9.58 54.15
N THR H 270 -42.89 -10.17 53.87
CA THR H 270 -42.51 -10.52 52.50
C THR H 270 -43.40 -11.63 51.99
N GLU H 271 -43.63 -12.64 52.82
CA GLU H 271 -44.47 -13.76 52.45
C GLU H 271 -45.85 -13.22 52.07
N THR H 272 -46.27 -12.16 52.76
CA THR H 272 -47.58 -11.56 52.50
C THR H 272 -47.62 -10.83 51.16
N VAL H 273 -46.58 -10.07 50.86
CA VAL H 273 -46.53 -9.36 49.59
C VAL H 273 -46.79 -10.35 48.48
N LEU H 274 -46.06 -11.47 48.50
CA LEU H 274 -46.23 -12.51 47.50
C LEU H 274 -47.65 -13.08 47.57
N MET H 275 -48.31 -12.84 48.69
CA MET H 275 -49.69 -13.32 48.86
C MET H 275 -50.67 -12.34 48.24
N ASN H 276 -50.42 -11.04 48.42
CA ASN H 276 -51.28 -10.01 47.85
C ASN H 276 -51.32 -10.22 46.33
N LEU H 277 -50.23 -10.72 45.79
CA LEU H 277 -50.13 -11.00 44.37
C LEU H 277 -50.97 -12.25 44.10
N LYS H 278 -50.73 -13.28 44.90
CA LYS H 278 -51.44 -14.55 44.80
C LYS H 278 -52.93 -14.34 44.50
N LYS H 279 -53.62 -13.62 45.38
CA LYS H 279 -55.04 -13.36 45.21
C LYS H 279 -55.34 -12.45 44.02
N GLU H 280 -54.47 -11.47 43.82
CA GLU H 280 -54.61 -10.50 42.73
C GLU H 280 -54.47 -11.15 41.35
N LEU H 281 -53.68 -12.21 41.25
CA LEU H 281 -53.47 -12.87 39.97
C LEU H 281 -54.36 -14.09 39.69
N GLN H 282 -55.20 -14.47 40.65
CA GLN H 282 -56.09 -15.60 40.42
C GLN H 282 -57.17 -15.14 39.46
N GLY H 283 -57.44 -15.97 38.46
CA GLY H 283 -58.43 -15.62 37.46
C GLY H 283 -57.65 -15.25 36.20
N TYR H 284 -56.35 -15.51 36.26
CA TYR H 284 -55.44 -15.24 35.15
C TYR H 284 -54.39 -16.34 35.16
N ILE H 285 -53.78 -16.54 36.32
CA ILE H 285 -52.77 -17.57 36.49
C ILE H 285 -52.81 -18.04 37.94
N GLU H 286 -52.54 -19.32 38.16
CA GLU H 286 -52.57 -19.87 39.51
C GLU H 286 -51.17 -19.98 40.09
N LEU H 287 -50.86 -19.11 41.05
CA LEU H 287 -49.56 -19.10 41.69
C LEU H 287 -49.51 -20.11 42.83
N SER H 288 -48.39 -20.79 42.96
CA SER H 288 -48.22 -21.78 44.01
C SER H 288 -46.81 -22.32 44.00
N VAL H 289 -46.37 -22.81 45.16
CA VAL H 289 -45.05 -23.39 45.29
C VAL H 289 -45.08 -24.80 44.70
N PRO H 290 -43.98 -25.25 44.07
CA PRO H 290 -43.93 -26.59 43.49
C PRO H 290 -43.70 -27.67 44.53
N SER H 294 -41.44 -34.12 42.14
CA SER H 294 -41.12 -33.00 41.26
C SER H 294 -39.80 -32.36 41.71
N MET H 295 -39.83 -31.75 42.88
CA MET H 295 -38.64 -31.11 43.46
C MET H 295 -37.49 -32.10 43.47
N ASP H 296 -37.79 -33.33 43.85
CA ASP H 296 -36.81 -34.38 43.98
C ASP H 296 -36.51 -35.13 42.67
N SER H 297 -37.44 -35.07 41.71
CA SER H 297 -37.23 -35.75 40.43
C SER H 297 -35.88 -35.33 39.85
N ARG H 298 -34.96 -36.27 39.68
CA ARG H 298 -33.63 -35.96 39.16
C ARG H 298 -33.65 -35.04 37.95
N VAL H 299 -34.71 -35.10 37.15
CA VAL H 299 -34.82 -34.26 35.96
C VAL H 299 -34.62 -32.79 36.32
N ALA H 300 -34.99 -32.43 37.54
CA ALA H 300 -34.89 -31.06 38.03
C ALA H 300 -33.49 -30.78 38.58
N HIS H 301 -32.62 -31.78 38.51
CA HIS H 301 -31.23 -31.65 38.97
C HIS H 301 -31.06 -30.75 40.21
N GLY H 302 -32.01 -30.81 41.13
CA GLY H 302 -31.92 -29.99 42.34
C GLY H 302 -31.93 -28.49 42.07
N ASN H 303 -32.93 -28.05 41.32
CA ASN H 303 -33.09 -26.63 40.98
C ASN H 303 -34.57 -26.30 41.00
N ILE H 304 -34.98 -25.42 41.91
CA ILE H 304 -36.39 -25.06 42.03
C ILE H 304 -37.04 -24.60 40.73
N LEU H 305 -36.46 -23.57 40.10
CA LEU H 305 -37.00 -23.05 38.85
C LEU H 305 -37.32 -24.15 37.85
N ILE H 306 -36.39 -25.10 37.70
CA ILE H 306 -36.58 -26.22 36.78
C ILE H 306 -37.69 -27.14 37.29
N ALA H 307 -37.82 -27.21 38.61
CA ALA H 307 -38.85 -28.05 39.21
C ALA H 307 -40.23 -27.50 38.85
N ALA H 308 -40.34 -26.17 38.83
CA ALA H 308 -41.60 -25.52 38.50
C ALA H 308 -41.96 -25.70 37.05
N ALA H 309 -40.96 -25.63 36.18
CA ALA H 309 -41.16 -25.77 34.74
C ALA H 309 -41.63 -27.17 34.39
N LEU H 310 -40.82 -28.17 34.73
CA LEU H 310 -41.14 -29.56 34.43
C LEU H 310 -42.47 -29.98 35.03
N GLU H 311 -42.90 -29.26 36.07
CA GLU H 311 -44.16 -29.55 36.73
C GLU H 311 -45.34 -29.32 35.78
N HIS H 312 -45.19 -28.35 34.89
CA HIS H 312 -46.23 -28.00 33.91
C HIS H 312 -47.53 -27.55 34.56
#